data_9IU0
#
_entry.id   9IU0
#
_cell.length_a   1.00
_cell.length_b   1.00
_cell.length_c   1.00
_cell.angle_alpha   90.00
_cell.angle_beta   90.00
_cell.angle_gamma   90.00
#
_symmetry.space_group_name_H-M   'P 1'
#
loop_
_entity.id
_entity.type
_entity.pdbx_description
1 polymer 'ATP synthase subunit b'
2 polymer 'ATP synthase subunit a'
3 polymer 'ATP synthase subunit c'
#
loop_
_entity_poly.entity_id
_entity_poly.type
_entity_poly.pdbx_seq_one_letter_code
_entity_poly.pdbx_strand_id
1 'polypeptide(L)'
;MEALGINPTLFIAQLINFLLLIFILRALLYRPVMNLLNERTRRIEESVRDAEKVREQLANARRDYEAEIARARQEAAKIV
AQAQERAKQQEAEIIAQARREAERLKEEARAQAEQERIRMLSEAKSQIADLVTLTASRVLGAELQARGHDALIAESLAAL
DRRN
;
Y,V,U,X
2 'polypeptide(L)'
;MSTRTRNILIIVGALIISIASRFFLYTGPPHVEVAAEVIFDGIPGFPITNSFVVAIIIDIFVIALAVAATRNLQMVPRGL
QNVMEFILESLYNLFRNINAKYVATAFPLVATIFLFVLFGNWFGLLPGVGSIGVCHEKKEEHAVVDERLALAAPAAPLSS
VAAAEGEEIHDTCAAQGKKLVPLFRAPAADLNFTFAIAVISFVFIEYWGFRALGPGYLKKFFNTNGIMSFVGIIEFISEL
VKPFALAFRLFGNIFAGEVLLVVMAFLVPLLLPLPFYGFEVFVGFIQALIFALLTYAFLNIAVTGHDEEHAH
;
T,Z
3 'polypeptide(L)' MEGLNLVATALAVGLGAIGPGVGIGIIVSGAVQAIGRNPEIENRVVTYMFIGIAFTEALAIFGLVIAFLIGFGVLQ H,I,J,K,L,M,N,O,P,Q
#
# COMPACT_ATOMS: atom_id res chain seq x y z
N PRO A 8 62.16 15.09 15.15
CA PRO A 8 62.20 16.42 15.76
C PRO A 8 61.13 16.61 16.83
N THR A 9 60.77 17.86 17.12
CA THR A 9 59.69 18.13 18.07
C THR A 9 58.35 17.61 17.57
N LEU A 10 58.21 17.40 16.25
CA LEU A 10 57.02 16.77 15.72
C LEU A 10 56.84 15.37 16.29
N PHE A 11 57.95 14.63 16.47
CA PHE A 11 57.88 13.32 17.10
C PHE A 11 57.35 13.43 18.52
N ILE A 12 57.79 14.44 19.27
CA ILE A 12 57.32 14.62 20.64
C ILE A 12 55.83 14.95 20.66
N ALA A 13 55.39 15.83 19.76
CA ALA A 13 53.97 16.17 19.71
C ALA A 13 53.13 14.95 19.33
N GLN A 14 53.60 14.16 18.36
CA GLN A 14 52.89 12.96 17.96
C GLN A 14 52.85 11.94 19.08
N LEU A 15 53.93 11.83 19.85
CA LEU A 15 53.95 10.93 20.99
C LEU A 15 52.94 11.36 22.05
N ILE A 16 52.88 12.67 22.32
CA ILE A 16 51.91 13.17 23.29
C ILE A 16 50.49 12.91 22.81
N ASN A 17 50.23 13.14 21.52
CA ASN A 17 48.90 12.89 20.98
C ASN A 17 48.54 11.40 21.06
N PHE A 18 49.50 10.52 20.72
CA PHE A 18 49.25 9.09 20.79
C PHE A 18 48.99 8.65 22.22
N LEU A 19 49.74 9.20 23.18
CA LEU A 19 49.52 8.87 24.59
C LEU A 19 48.14 9.32 25.04
N LEU A 20 47.72 10.52 24.66
CA LEU A 20 46.39 10.99 25.01
C LEU A 20 45.30 10.12 24.38
N LEU A 21 45.49 9.74 23.11
CA LEU A 21 44.51 8.90 22.44
C LEU A 21 44.42 7.53 23.11
N ILE A 22 45.56 6.95 23.48
CA ILE A 22 45.56 5.65 24.14
C ILE A 22 44.90 5.76 25.51
N PHE A 23 45.16 6.85 26.24
CA PHE A 23 44.53 7.04 27.54
C PHE A 23 43.02 7.16 27.39
N ILE A 24 42.55 7.88 26.37
CA ILE A 24 41.12 7.98 26.14
C ILE A 24 40.53 6.62 25.76
N LEU A 25 41.19 5.90 24.87
CA LEU A 25 40.68 4.63 24.37
C LEU A 25 40.64 3.54 25.44
N ARG A 26 41.67 3.45 26.28
CA ARG A 26 41.74 2.40 27.30
C ARG A 26 40.62 2.50 28.32
N ALA A 27 39.96 3.64 28.43
CA ALA A 27 38.81 3.80 29.30
C ALA A 27 37.53 4.07 28.54
N LEU A 28 37.61 4.28 27.23
CA LEU A 28 36.43 4.57 26.43
C LEU A 28 35.47 3.39 26.40
N LEU A 29 35.88 2.32 25.72
CA LEU A 29 35.05 1.12 25.64
C LEU A 29 35.85 -0.16 25.79
N TYR A 30 37.06 -0.08 26.36
CA TYR A 30 37.87 -1.27 26.61
C TYR A 30 37.12 -2.21 27.55
N ARG A 31 36.50 -1.65 28.57
CA ARG A 31 35.57 -2.45 29.38
C ARG A 31 34.43 -2.98 28.55
N PRO A 32 33.76 -2.18 27.71
CA PRO A 32 32.72 -2.75 26.84
C PRO A 32 33.26 -3.74 25.82
N VAL A 33 34.45 -3.49 25.28
CA VAL A 33 35.04 -4.43 24.33
C VAL A 33 35.36 -5.75 25.01
N MET A 34 35.96 -5.68 26.20
CA MET A 34 36.20 -6.89 26.98
C MET A 34 34.90 -7.58 27.35
N ASN A 35 33.84 -6.82 27.63
CA ASN A 35 32.54 -7.41 27.91
C ASN A 35 32.01 -8.16 26.70
N LEU A 36 32.15 -7.59 25.51
CA LEU A 36 31.70 -8.26 24.29
C LEU A 36 32.51 -9.53 24.04
N LEU A 37 33.83 -9.45 24.22
CA LEU A 37 34.68 -10.63 24.02
C LEU A 37 34.33 -11.72 25.03
N ASN A 38 34.13 -11.34 26.29
CA ASN A 38 33.77 -12.31 27.31
C ASN A 38 32.38 -12.88 27.07
N GLU A 39 31.47 -12.08 26.52
CA GLU A 39 30.15 -12.61 26.17
C GLU A 39 30.24 -13.64 25.06
N ARG A 40 31.06 -13.37 24.04
CA ARG A 40 31.27 -14.35 22.99
C ARG A 40 31.89 -15.63 23.55
N THR A 41 32.89 -15.47 24.42
CA THR A 41 33.53 -16.63 25.04
C THR A 41 32.55 -17.40 25.92
N ARG A 42 31.70 -16.71 26.67
CA ARG A 42 30.73 -17.38 27.52
C ARG A 42 29.68 -18.10 26.70
N ARG A 43 29.26 -17.51 25.57
CA ARG A 43 28.34 -18.20 24.68
C ARG A 43 28.97 -19.45 24.10
N ILE A 44 30.24 -19.37 23.71
CA ILE A 44 30.94 -20.54 23.18
C ILE A 44 31.05 -21.62 24.25
N GLU A 45 31.40 -21.22 25.48
CA GLU A 45 31.53 -22.16 26.57
C GLU A 45 30.20 -22.80 26.92
N GLU A 46 29.11 -22.02 26.92
CA GLU A 46 27.79 -22.57 27.18
C GLU A 46 27.38 -23.55 26.09
N SER A 47 27.65 -23.22 24.83
CA SER A 47 27.34 -24.15 23.75
C SER A 47 28.15 -25.44 23.88
N VAL A 48 29.43 -25.33 24.24
CA VAL A 48 30.27 -26.51 24.41
C VAL A 48 29.77 -27.36 25.57
N ARG A 49 29.41 -26.73 26.67
CA ARG A 49 28.89 -27.47 27.82
C ARG A 49 27.58 -28.14 27.48
N ASP A 50 26.71 -27.45 26.72
CA ASP A 50 25.46 -28.05 26.29
C ASP A 50 25.70 -29.26 25.40
N ALA A 51 26.66 -29.15 24.47
CA ALA A 51 26.97 -30.28 23.59
C ALA A 51 27.53 -31.46 24.38
N GLU A 52 28.41 -31.19 25.34
CA GLU A 52 28.96 -32.25 26.17
C GLU A 52 27.87 -32.92 27.02
N LYS A 53 26.98 -32.11 27.60
CA LYS A 53 25.87 -32.66 28.36
C LYS A 53 24.94 -33.47 27.48
N VAL A 54 24.71 -33.02 26.25
CA VAL A 54 23.87 -33.77 25.32
C VAL A 54 24.51 -35.11 24.98
N ARG A 55 25.83 -35.11 24.76
CA ARG A 55 26.52 -36.37 24.47
C ARG A 55 26.45 -37.33 25.65
N GLU A 56 26.68 -36.82 26.86
CA GLU A 56 26.59 -37.65 28.05
C GLU A 56 25.18 -38.17 28.25
N GLN A 57 24.18 -37.32 28.01
CA GLN A 57 22.79 -37.74 28.11
C GLN A 57 22.45 -38.79 27.06
N LEU A 58 23.00 -38.67 25.85
CA LEU A 58 22.76 -39.68 24.83
C LEU A 58 23.38 -41.01 25.21
N ALA A 59 24.60 -40.98 25.77
CA ALA A 59 25.23 -42.22 26.22
C ALA A 59 24.43 -42.87 27.34
N ASN A 60 24.06 -42.08 28.34
CA ASN A 60 23.23 -42.57 29.43
C ASN A 60 21.86 -43.04 28.94
N ALA A 61 21.34 -42.42 27.88
CA ALA A 61 20.04 -42.81 27.35
C ALA A 61 20.13 -44.13 26.61
N ARG A 62 21.21 -44.36 25.86
CA ARG A 62 21.43 -45.67 25.27
C ARG A 62 21.57 -46.74 26.33
N ARG A 63 22.34 -46.44 27.39
CA ARG A 63 22.49 -47.38 28.49
C ARG A 63 21.15 -47.66 29.17
N ASP A 64 20.35 -46.61 29.40
CA ASP A 64 19.08 -46.77 30.06
C ASP A 64 18.07 -47.50 29.17
N TYR A 65 18.17 -47.31 27.84
CA TYR A 65 17.32 -48.05 26.92
C TYR A 65 17.65 -49.53 26.95
N GLU A 66 18.95 -49.86 26.96
CA GLU A 66 19.34 -51.26 27.09
C GLU A 66 18.87 -51.83 28.42
N ALA A 67 19.01 -51.05 29.50
CA ALA A 67 18.57 -51.49 30.82
C ALA A 67 17.06 -51.70 30.86
N GLU A 68 16.29 -50.80 30.23
CA GLU A 68 14.85 -50.94 30.19
C GLU A 68 14.44 -52.16 29.38
N ILE A 69 15.12 -52.42 28.27
CA ILE A 69 14.85 -53.62 27.49
C ILE A 69 15.14 -54.87 28.33
N ALA A 70 16.25 -54.89 29.04
CA ALA A 70 16.59 -56.04 29.88
C ALA A 70 15.57 -56.21 31.00
N ARG A 71 15.15 -55.11 31.63
CA ARG A 71 14.17 -55.19 32.71
C ARG A 71 12.82 -55.67 32.20
N ALA A 72 12.42 -55.19 31.01
CA ALA A 72 11.18 -55.67 30.41
C ALA A 72 11.27 -57.16 30.09
N ARG A 73 12.41 -57.60 29.57
CA ARG A 73 12.60 -59.01 29.28
C ARG A 73 12.52 -59.85 30.55
N GLN A 74 13.14 -59.37 31.63
CA GLN A 74 13.11 -60.07 32.90
C GLN A 74 11.70 -60.13 33.50
N GLU A 75 10.97 -59.02 33.47
CA GLU A 75 9.60 -59.02 33.96
C GLU A 75 8.72 -59.93 33.11
N ALA A 76 8.95 -59.94 31.80
CA ALA A 76 8.22 -60.83 30.91
C ALA A 76 8.51 -62.29 31.24
N ALA A 77 9.78 -62.61 31.50
CA ALA A 77 10.14 -63.96 31.88
C ALA A 77 9.49 -64.37 33.19
N LYS A 78 9.47 -63.45 34.16
CA LYS A 78 8.79 -63.72 35.42
C LYS A 78 7.30 -63.96 35.21
N ILE A 79 6.66 -63.14 34.38
CA ILE A 79 5.24 -63.31 34.11
C ILE A 79 4.98 -64.64 33.42
N VAL A 80 5.86 -65.03 32.50
CA VAL A 80 5.69 -66.29 31.78
C VAL A 80 5.88 -67.47 32.73
N ALA A 81 6.86 -67.39 33.62
CA ALA A 81 7.07 -68.45 34.60
C ALA A 81 5.88 -68.57 35.53
N GLN A 82 5.35 -67.43 35.98
CA GLN A 82 4.13 -67.44 36.76
C GLN A 82 2.96 -68.03 36.00
N ALA A 83 2.85 -67.74 34.70
CA ALA A 83 1.78 -68.29 33.88
C ALA A 83 1.89 -69.81 33.80
N GLN A 84 3.11 -70.31 33.59
CA GLN A 84 3.28 -71.76 33.48
C GLN A 84 2.98 -72.45 34.82
N GLU A 85 3.48 -71.88 35.92
CA GLU A 85 3.23 -72.47 37.23
C GLU A 85 1.75 -72.45 37.56
N ARG A 86 1.09 -71.32 37.29
CA ARG A 86 -0.34 -71.21 37.50
C ARG A 86 -1.14 -72.13 36.59
N ALA A 87 -0.67 -72.36 35.36
CA ALA A 87 -1.35 -73.31 34.48
C ALA A 87 -1.27 -74.72 35.05
N LYS A 88 -0.09 -75.11 35.54
CA LYS A 88 0.04 -76.43 36.16
C LYS A 88 -0.84 -76.53 37.40
N GLN A 89 -0.84 -75.49 38.23
CA GLN A 89 -1.64 -75.50 39.46
C GLN A 89 -3.12 -75.57 39.13
N GLN A 90 -3.56 -74.80 38.12
CA GLN A 90 -4.97 -74.80 37.75
C GLN A 90 -5.38 -76.11 37.11
N GLU A 91 -4.48 -76.76 36.36
CA GLU A 91 -4.78 -78.09 35.83
C GLU A 91 -4.97 -79.09 36.96
N ALA A 92 -4.08 -79.03 37.97
CA ALA A 92 -4.23 -79.90 39.12
C ALA A 92 -5.53 -79.61 39.86
N GLU A 93 -5.87 -78.32 40.00
CA GLU A 93 -7.10 -77.93 40.69
C GLU A 93 -8.33 -78.42 39.93
N ILE A 94 -8.31 -78.31 38.61
CA ILE A 94 -9.42 -78.80 37.80
C ILE A 94 -9.55 -80.30 37.91
N ILE A 95 -8.44 -81.03 37.90
CA ILE A 95 -8.48 -82.48 38.06
C ILE A 95 -9.08 -82.84 39.42
N ALA A 96 -8.65 -82.13 40.47
CA ALA A 96 -9.16 -82.41 41.81
C ALA A 96 -10.65 -82.08 41.92
N GLN A 97 -11.07 -80.96 41.34
CA GLN A 97 -12.48 -80.59 41.37
C GLN A 97 -13.32 -81.59 40.59
N ALA A 98 -12.81 -82.07 39.46
CA ALA A 98 -13.51 -83.10 38.71
C ALA A 98 -13.61 -84.38 39.53
N ARG A 99 -12.53 -84.76 40.21
CA ARG A 99 -12.57 -85.95 41.06
C ARG A 99 -13.59 -85.79 42.18
N ARG A 100 -13.63 -84.61 42.79
CA ARG A 100 -14.61 -84.33 43.84
C ARG A 100 -16.04 -84.38 43.34
N GLU A 101 -16.33 -83.75 42.20
CA GLU A 101 -17.69 -83.79 41.67
C GLU A 101 -18.06 -85.20 41.23
N ALA A 102 -17.10 -85.96 40.72
CA ALA A 102 -17.35 -87.34 40.34
C ALA A 102 -17.66 -88.19 41.56
N GLU A 103 -16.91 -88.00 42.64
CA GLU A 103 -17.21 -88.70 43.88
C GLU A 103 -18.57 -88.31 44.42
N ARG A 104 -18.94 -87.04 44.29
CA ARG A 104 -20.27 -86.60 44.70
C ARG A 104 -21.34 -87.30 43.87
N LEU A 105 -21.14 -87.38 42.56
CA LEU A 105 -22.12 -88.04 41.69
C LEU A 105 -22.21 -89.52 41.99
N LYS A 106 -21.08 -90.17 42.26
CA LYS A 106 -21.08 -91.59 42.58
C LYS A 106 -21.77 -91.85 43.92
N GLU A 107 -21.50 -91.02 44.92
CA GLU A 107 -22.18 -91.15 46.20
C GLU A 107 -23.67 -90.90 46.06
N GLU A 108 -24.05 -89.93 45.23
CA GLU A 108 -25.46 -89.70 44.95
C GLU A 108 -26.09 -90.89 44.27
N ALA A 109 -25.37 -91.52 43.34
CA ALA A 109 -25.89 -92.72 42.69
C ALA A 109 -26.09 -93.86 43.69
N ARG A 110 -25.12 -94.08 44.58
CA ARG A 110 -25.26 -95.13 45.58
C ARG A 110 -26.40 -94.83 46.54
N ALA A 111 -26.53 -93.58 46.97
CA ALA A 111 -27.60 -93.20 47.88
C ALA A 111 -28.96 -93.36 47.22
N GLN A 112 -29.07 -92.91 45.96
CA GLN A 112 -30.31 -93.09 45.22
C GLN A 112 -30.62 -94.56 44.98
N ALA A 113 -29.59 -95.39 44.80
CA ALA A 113 -29.82 -96.83 44.68
C ALA A 113 -30.37 -97.42 45.97
N GLU A 114 -29.81 -97.03 47.10
CA GLU A 114 -30.34 -97.50 48.38
C GLU A 114 -31.75 -96.99 48.61
N GLN A 115 -32.01 -95.73 48.24
CA GLN A 115 -33.36 -95.18 48.37
C GLN A 115 -34.34 -95.90 47.48
N GLU A 116 -33.92 -96.24 46.26
CA GLU A 116 -34.79 -96.99 45.36
C GLU A 116 -35.02 -98.40 45.87
N ARG A 117 -34.02 -98.98 46.52
CA ARG A 117 -34.20 -100.30 47.12
C ARG A 117 -35.24 -100.25 48.25
N ILE A 118 -35.15 -99.22 49.10
CA ILE A 118 -36.14 -99.05 50.16
C ILE A 118 -37.51 -98.80 49.57
N ARG A 119 -37.59 -97.98 48.51
CA ARG A 119 -38.84 -97.71 47.84
C ARG A 119 -39.42 -98.98 47.22
N MET A 120 -38.56 -99.82 46.66
CA MET A 120 -39.00 -101.10 46.11
C MET A 120 -39.52 -102.02 47.19
N LEU A 121 -38.88 -102.05 48.35
CA LEU A 121 -39.41 -102.85 49.46
C LEU A 121 -40.77 -102.33 49.91
N SER A 122 -40.91 -101.01 50.04
CA SER A 122 -42.19 -100.44 50.44
C SER A 122 -43.27 -100.71 49.41
N GLU A 123 -42.93 -100.59 48.12
CA GLU A 123 -43.86 -100.88 47.05
C GLU A 123 -44.22 -102.36 47.00
N ALA A 124 -43.27 -103.24 47.30
CA ALA A 124 -43.59 -104.66 47.42
C ALA A 124 -44.57 -104.92 48.54
N LYS A 125 -44.37 -104.25 49.68
CA LYS A 125 -45.32 -104.39 50.78
C LYS A 125 -46.70 -103.89 50.38
N SER A 126 -46.76 -102.75 49.68
CA SER A 126 -48.04 -102.20 49.25
C SER A 126 -48.74 -103.11 48.24
N GLN A 127 -47.97 -103.65 47.28
CA GLN A 127 -48.54 -104.56 46.30
C GLN A 127 -48.97 -105.86 46.96
N ILE A 128 -48.25 -106.32 47.99
CA ILE A 128 -48.68 -107.50 48.73
C ILE A 128 -49.99 -107.23 49.46
N ALA A 129 -50.14 -106.03 50.04
CA ALA A 129 -51.39 -105.68 50.67
C ALA A 129 -52.53 -105.64 49.66
N ASP A 130 -52.28 -105.07 48.49
CA ASP A 130 -53.28 -105.04 47.43
C ASP A 130 -53.66 -106.45 46.98
N LEU A 131 -52.65 -107.32 46.86
CA LEU A 131 -52.92 -108.71 46.49
C LEU A 131 -53.71 -109.43 47.56
N VAL A 132 -53.43 -109.14 48.82
CA VAL A 132 -54.18 -109.75 49.92
C VAL A 132 -55.63 -109.30 49.89
N THR A 133 -55.86 -108.01 49.64
CA THR A 133 -57.23 -107.51 49.52
C THR A 133 -57.95 -108.14 48.33
N LEU A 134 -57.25 -108.26 47.20
CA LEU A 134 -57.85 -108.88 46.02
C LEU A 134 -58.16 -110.36 46.27
N THR A 135 -57.29 -111.05 46.99
CA THR A 135 -57.55 -112.45 47.33
C THR A 135 -58.75 -112.56 48.26
N ALA A 136 -58.83 -111.68 49.27
CA ALA A 136 -59.98 -111.65 50.15
C ALA A 136 -61.27 -111.35 49.40
N SER A 137 -61.19 -110.57 48.32
CA SER A 137 -62.34 -110.39 47.44
C SER A 137 -62.68 -111.68 46.71
N ARG A 138 -61.69 -112.29 46.06
CA ARG A 138 -61.91 -113.52 45.30
C ARG A 138 -62.24 -114.70 46.21
N VAL A 139 -61.43 -114.91 47.26
CA VAL A 139 -61.78 -115.90 48.27
C VAL A 139 -62.93 -115.38 49.12
N LEU A 140 -63.46 -116.26 49.96
CA LEU A 140 -64.60 -116.08 50.85
C LEU A 140 -65.91 -115.96 50.08
N GLY A 141 -65.88 -115.96 48.74
CA GLY A 141 -67.12 -116.09 47.99
C GLY A 141 -67.77 -117.43 48.21
N ALA A 142 -66.97 -118.49 48.30
CA ALA A 142 -67.51 -119.81 48.62
C ALA A 142 -68.07 -119.86 50.04
N GLU A 143 -67.29 -119.41 51.02
CA GLU A 143 -67.66 -119.57 52.44
C GLU A 143 -68.97 -118.85 52.76
N LEU A 144 -69.25 -117.75 52.08
CA LEU A 144 -70.51 -117.06 52.28
C LEU A 144 -71.58 -117.45 51.26
N GLN A 145 -71.33 -117.22 49.97
CA GLN A 145 -72.37 -117.41 48.97
C GLN A 145 -72.72 -118.88 48.78
N ALA A 146 -71.72 -119.78 48.79
CA ALA A 146 -71.99 -121.18 48.54
C ALA A 146 -72.91 -121.78 49.59
N ARG A 147 -72.68 -121.46 50.85
CA ARG A 147 -73.55 -121.88 51.94
C ARG A 147 -73.36 -120.93 53.11
N GLY A 148 -74.42 -120.77 53.89
CA GLY A 148 -74.38 -119.91 55.05
C GLY A 148 -74.57 -118.44 54.77
N HIS A 149 -74.88 -118.05 53.52
CA HIS A 149 -75.16 -116.65 53.24
C HIS A 149 -76.38 -116.17 54.03
N ASP A 150 -77.44 -116.98 54.07
CA ASP A 150 -78.56 -116.68 54.95
C ASP A 150 -78.16 -116.73 56.41
N ALA A 151 -77.32 -117.71 56.79
CA ALA A 151 -76.83 -117.79 58.15
C ALA A 151 -75.96 -116.57 58.49
N LEU A 152 -75.11 -116.15 57.55
CA LEU A 152 -74.29 -114.96 57.76
C LEU A 152 -75.16 -113.72 57.90
N ILE A 153 -76.22 -113.62 57.10
CA ILE A 153 -77.13 -112.48 57.19
C ILE A 153 -77.84 -112.47 58.54
N ALA A 154 -78.27 -113.65 59.01
CA ALA A 154 -78.91 -113.74 60.32
C ALA A 154 -77.96 -113.35 61.43
N GLU A 155 -76.70 -113.79 61.35
CA GLU A 155 -75.72 -113.42 62.35
C GLU A 155 -75.44 -111.92 62.34
N SER A 156 -75.36 -111.33 61.15
CA SER A 156 -75.14 -109.89 61.05
C SER A 156 -76.32 -109.10 61.61
N LEU A 157 -77.54 -109.59 61.35
CA LEU A 157 -78.72 -108.96 61.95
C LEU A 157 -78.70 -109.08 63.47
N ALA A 158 -78.30 -110.25 63.99
CA ALA A 158 -78.11 -110.42 65.42
C ALA A 158 -77.05 -109.49 65.99
N ALA A 159 -76.02 -109.15 65.21
CA ALA A 159 -75.02 -108.19 65.65
C ALA A 159 -75.60 -106.79 65.87
N LEU A 160 -76.59 -106.40 65.08
CA LEU A 160 -77.21 -105.09 65.24
C LEU A 160 -78.24 -105.10 66.37
N ASN B 7 59.08 2.30 -9.22
CA ASN B 7 57.68 2.66 -9.42
C ASN B 7 56.87 1.44 -9.85
N PRO B 8 56.70 1.26 -11.16
CA PRO B 8 56.01 0.06 -11.64
C PRO B 8 56.68 -1.23 -11.21
N THR B 9 58.02 -1.27 -11.19
CA THR B 9 58.71 -2.41 -10.61
C THR B 9 58.44 -2.50 -9.11
N LEU B 10 58.46 -1.37 -8.41
CA LEU B 10 58.11 -1.37 -6.99
C LEU B 10 56.66 -1.79 -6.78
N PHE B 11 55.77 -1.35 -7.67
CA PHE B 11 54.37 -1.78 -7.58
C PHE B 11 54.24 -3.28 -7.75
N ILE B 12 54.94 -3.85 -8.73
CA ILE B 12 54.87 -5.29 -8.96
C ILE B 12 55.47 -6.05 -7.78
N ALA B 13 56.55 -5.52 -7.20
CA ALA B 13 57.15 -6.16 -6.04
C ALA B 13 56.21 -6.14 -4.84
N GLN B 14 55.55 -5.01 -4.62
CA GLN B 14 54.56 -4.92 -3.54
C GLN B 14 53.41 -5.88 -3.78
N LEU B 15 52.97 -6.00 -5.03
CA LEU B 15 51.91 -6.93 -5.37
C LEU B 15 52.32 -8.37 -5.09
N ILE B 16 53.55 -8.73 -5.47
CA ILE B 16 54.04 -10.08 -5.23
C ILE B 16 54.14 -10.37 -3.74
N ASN B 17 54.66 -9.41 -2.97
CA ASN B 17 54.76 -9.58 -1.53
C ASN B 17 53.38 -9.73 -0.90
N PHE B 18 52.43 -8.91 -1.33
CA PHE B 18 51.07 -9.00 -0.79
C PHE B 18 50.43 -10.34 -1.13
N LEU B 19 50.60 -10.80 -2.37
CA LEU B 19 50.01 -12.09 -2.76
C LEU B 19 50.64 -13.25 -1.98
N LEU B 20 51.96 -13.21 -1.81
CA LEU B 20 52.63 -14.27 -1.06
C LEU B 20 52.19 -14.27 0.40
N LEU B 21 52.13 -13.09 1.03
CA LEU B 21 51.67 -13.02 2.40
C LEU B 21 50.22 -13.45 2.52
N ILE B 22 49.41 -13.14 1.51
CA ILE B 22 48.00 -13.53 1.52
C ILE B 22 47.87 -15.04 1.48
N PHE B 23 48.57 -15.68 0.56
CA PHE B 23 48.50 -17.13 0.45
C PHE B 23 49.03 -17.80 1.72
N ILE B 24 50.13 -17.28 2.27
CA ILE B 24 50.73 -17.87 3.47
C ILE B 24 49.77 -17.74 4.65
N LEU B 25 49.24 -16.54 4.87
CA LEU B 25 48.33 -16.32 5.99
C LEU B 25 47.06 -17.14 5.83
N ARG B 26 46.55 -17.23 4.59
CA ARG B 26 45.38 -18.05 4.33
C ARG B 26 45.63 -19.49 4.73
N ALA B 27 46.60 -20.13 4.08
CA ALA B 27 46.89 -21.54 4.36
C ALA B 27 47.29 -21.79 5.81
N LEU B 28 47.88 -20.80 6.48
CA LEU B 28 48.26 -20.97 7.88
C LEU B 28 47.05 -20.89 8.81
N LEU B 29 46.34 -19.77 8.80
CA LEU B 29 45.28 -19.53 9.76
C LEU B 29 43.89 -19.77 9.20
N TYR B 30 43.57 -19.19 8.04
CA TYR B 30 42.19 -19.16 7.55
C TYR B 30 41.68 -20.55 7.28
N ARG B 31 42.50 -21.37 6.62
CA ARG B 31 42.17 -22.79 6.48
C ARG B 31 42.02 -23.47 7.82
N PRO B 32 42.95 -23.31 8.77
CA PRO B 32 42.68 -23.83 10.13
C PRO B 32 41.48 -23.19 10.79
N VAL B 33 41.27 -21.89 10.58
CA VAL B 33 40.14 -21.21 11.18
C VAL B 33 38.84 -21.72 10.57
N MET B 34 38.81 -21.90 9.25
CA MET B 34 37.63 -22.45 8.59
C MET B 34 37.37 -23.87 9.07
N ASN B 35 38.42 -24.68 9.22
CA ASN B 35 38.25 -26.04 9.72
C ASN B 35 37.68 -26.03 11.13
N LEU B 36 38.18 -25.15 12.00
CA LEU B 36 37.70 -25.10 13.36
C LEU B 36 36.25 -24.65 13.42
N LEU B 37 35.90 -23.61 12.66
CA LEU B 37 34.51 -23.13 12.66
C LEU B 37 33.56 -24.17 12.09
N ASN B 38 33.97 -24.84 11.00
CA ASN B 38 33.15 -25.90 10.43
C ASN B 38 33.01 -27.06 11.41
N GLU B 39 34.07 -27.38 12.13
CA GLU B 39 34.00 -28.44 13.14
C GLU B 39 33.03 -28.07 14.24
N ARG B 40 33.06 -26.82 14.70
CA ARG B 40 32.12 -26.38 15.72
C ARG B 40 30.68 -26.44 15.23
N THR B 41 30.44 -25.97 14.01
CA THR B 41 29.08 -26.00 13.46
C THR B 41 28.60 -27.44 13.28
N ARG B 42 29.47 -28.31 12.77
CA ARG B 42 29.11 -29.71 12.59
C ARG B 42 28.88 -30.39 13.93
N ARG B 43 29.66 -30.04 14.96
CA ARG B 43 29.43 -30.58 16.29
C ARG B 43 28.08 -30.14 16.83
N ILE B 44 27.71 -28.88 16.61
CA ILE B 44 26.40 -28.41 17.06
C ILE B 44 25.28 -29.15 16.33
N GLU B 45 25.40 -29.29 15.02
CA GLU B 45 24.37 -29.98 14.25
C GLU B 45 24.27 -31.45 14.65
N GLU B 46 25.41 -32.11 14.83
CA GLU B 46 25.41 -33.49 15.27
C GLU B 46 24.86 -33.64 16.68
N SER B 47 25.10 -32.64 17.55
CA SER B 47 24.53 -32.67 18.89
C SER B 47 23.01 -32.56 18.83
N VAL B 48 22.49 -31.70 17.97
CA VAL B 48 21.04 -31.58 17.81
C VAL B 48 20.46 -32.89 17.29
N ARG B 49 21.11 -33.47 16.27
CA ARG B 49 20.64 -34.74 15.72
C ARG B 49 20.71 -35.85 16.74
N ASP B 50 21.77 -35.88 17.55
CA ASP B 50 21.92 -36.91 18.56
C ASP B 50 20.93 -36.73 19.70
N ALA B 51 20.59 -35.49 20.03
CA ALA B 51 19.54 -35.26 21.03
C ALA B 51 18.19 -35.76 20.53
N GLU B 52 17.88 -35.48 19.26
CA GLU B 52 16.65 -36.02 18.68
C GLU B 52 16.68 -37.54 18.68
N LYS B 53 17.81 -38.13 18.32
CA LYS B 53 17.94 -39.58 18.31
C LYS B 53 17.85 -40.16 19.72
N VAL B 54 18.32 -39.45 20.73
CA VAL B 54 18.24 -39.93 22.10
C VAL B 54 16.80 -39.89 22.59
N ARG B 55 16.08 -38.82 22.26
CA ARG B 55 14.66 -38.77 22.60
C ARG B 55 13.91 -39.90 21.90
N GLU B 56 14.23 -40.13 20.62
CA GLU B 56 13.63 -41.24 19.90
C GLU B 56 13.97 -42.58 20.51
N GLN B 57 15.22 -42.75 20.97
CA GLN B 57 15.63 -43.99 21.59
C GLN B 57 14.90 -44.22 22.90
N LEU B 58 14.71 -43.17 23.70
CA LEU B 58 13.95 -43.29 24.93
C LEU B 58 12.50 -43.68 24.65
N ALA B 59 11.88 -43.03 23.66
CA ALA B 59 10.52 -43.37 23.30
C ALA B 59 10.42 -44.80 22.78
N ASN B 60 11.40 -45.21 21.97
CA ASN B 60 11.42 -46.57 21.46
C ASN B 60 11.65 -47.58 22.57
N ALA B 61 12.43 -47.21 23.58
CA ALA B 61 12.64 -48.10 24.71
C ALA B 61 11.36 -48.29 25.51
N ARG B 62 10.63 -47.19 25.75
CA ARG B 62 9.35 -47.30 26.43
C ARG B 62 8.37 -48.14 25.63
N ARG B 63 8.31 -47.90 24.31
CA ARG B 63 7.43 -48.68 23.45
C ARG B 63 7.84 -50.15 23.42
N ASP B 64 9.15 -50.42 23.44
CA ASP B 64 9.62 -51.80 23.44
C ASP B 64 9.30 -52.50 24.74
N TYR B 65 9.40 -51.78 25.87
CA TYR B 65 9.00 -52.37 27.14
C TYR B 65 7.51 -52.71 27.13
N GLU B 66 6.69 -51.79 26.62
CA GLU B 66 5.26 -52.06 26.50
C GLU B 66 4.99 -53.24 25.58
N ALA B 67 5.71 -53.32 24.46
CA ALA B 67 5.49 -54.39 23.50
C ALA B 67 5.94 -55.73 24.05
N GLU B 68 7.04 -55.75 24.80
CA GLU B 68 7.48 -56.99 25.43
C GLU B 68 6.48 -57.45 26.47
N ILE B 69 5.95 -56.50 27.25
CA ILE B 69 4.90 -56.85 28.21
C ILE B 69 3.68 -57.40 27.49
N ALA B 70 3.32 -56.79 26.35
CA ALA B 70 2.17 -57.27 25.59
C ALA B 70 2.41 -58.66 25.02
N ARG B 71 3.62 -58.92 24.52
CA ARG B 71 3.94 -60.23 24.00
C ARG B 71 3.90 -61.28 25.11
N ALA B 72 4.43 -60.94 26.28
CA ALA B 72 4.38 -61.84 27.41
C ALA B 72 2.94 -62.12 27.81
N ARG B 73 2.12 -61.09 27.86
CA ARG B 73 0.70 -61.25 28.19
C ARG B 73 -0.02 -62.12 27.16
N GLN B 74 0.26 -61.92 25.87
CA GLN B 74 -0.38 -62.72 24.83
C GLN B 74 0.02 -64.18 24.94
N GLU B 75 1.31 -64.45 25.14
CA GLU B 75 1.77 -65.83 25.29
C GLU B 75 1.18 -66.48 26.54
N ALA B 76 1.13 -65.73 27.65
CA ALA B 76 0.55 -66.25 28.88
C ALA B 76 -0.93 -66.55 28.69
N ALA B 77 -1.65 -65.66 28.01
CA ALA B 77 -3.06 -65.88 27.74
C ALA B 77 -3.27 -67.10 26.85
N LYS B 78 -2.41 -67.28 25.84
CA LYS B 78 -2.53 -68.45 24.97
C LYS B 78 -2.30 -69.74 25.75
N ILE B 79 -1.26 -69.76 26.59
CA ILE B 79 -0.98 -70.95 27.39
C ILE B 79 -2.11 -71.23 28.36
N VAL B 80 -2.63 -70.18 29.00
CA VAL B 80 -3.72 -70.35 29.96
C VAL B 80 -4.98 -70.85 29.26
N ALA B 81 -5.25 -70.32 28.06
CA ALA B 81 -6.41 -70.76 27.31
C ALA B 81 -6.29 -72.22 26.89
N GLN B 82 -5.09 -72.63 26.47
CA GLN B 82 -4.87 -74.02 26.12
C GLN B 82 -5.07 -74.93 27.32
N ALA B 83 -4.52 -74.52 28.47
CA ALA B 83 -4.71 -75.30 29.69
C ALA B 83 -6.17 -75.36 30.09
N GLN B 84 -6.89 -74.24 29.96
CA GLN B 84 -8.30 -74.20 30.29
C GLN B 84 -9.11 -75.10 29.37
N GLU B 85 -8.78 -75.11 28.09
CA GLU B 85 -9.48 -75.99 27.16
C GLU B 85 -9.23 -77.45 27.48
N ARG B 86 -7.97 -77.79 27.80
CA ARG B 86 -7.66 -79.16 28.19
C ARG B 86 -8.40 -79.55 29.46
N ALA B 87 -8.46 -78.63 30.43
CA ALA B 87 -9.16 -78.90 31.68
C ALA B 87 -10.66 -79.07 31.43
N LYS B 88 -11.22 -78.25 30.55
CA LYS B 88 -12.64 -78.38 30.21
C LYS B 88 -12.93 -79.71 29.56
N GLN B 89 -12.05 -80.15 28.65
CA GLN B 89 -12.23 -81.46 28.03
C GLN B 89 -12.14 -82.58 29.06
N GLN B 90 -11.18 -82.48 29.98
CA GLN B 90 -11.04 -83.49 31.02
C GLN B 90 -12.26 -83.51 31.93
N GLU B 91 -12.77 -82.33 32.28
CA GLU B 91 -13.96 -82.25 33.12
C GLU B 91 -15.18 -82.81 32.40
N ALA B 92 -15.30 -82.56 31.10
CA ALA B 92 -16.39 -83.13 30.32
C ALA B 92 -16.29 -84.66 30.30
N GLU B 93 -15.07 -85.17 30.15
CA GLU B 93 -14.87 -86.62 30.18
C GLU B 93 -15.24 -87.19 31.55
N ILE B 94 -14.88 -86.50 32.63
CA ILE B 94 -15.23 -86.95 33.96
C ILE B 94 -16.74 -86.94 34.15
N ILE B 95 -17.41 -85.91 33.67
CA ILE B 95 -18.87 -85.83 33.77
C ILE B 95 -19.52 -86.94 32.97
N ALA B 96 -18.99 -87.25 31.79
CA ALA B 96 -19.54 -88.33 30.98
C ALA B 96 -19.34 -89.67 31.69
N GLN B 97 -18.18 -89.88 32.29
CA GLN B 97 -17.95 -91.09 33.06
C GLN B 97 -18.90 -91.19 34.25
N ALA B 98 -19.16 -90.07 34.93
CA ALA B 98 -20.10 -90.06 36.04
C ALA B 98 -21.51 -90.39 35.56
N ARG B 99 -21.90 -89.85 34.40
CA ARG B 99 -23.21 -90.17 33.84
C ARG B 99 -23.31 -91.65 33.48
N ARG B 100 -22.24 -92.22 32.93
CA ARG B 100 -22.23 -93.64 32.62
C ARG B 100 -22.34 -94.48 33.89
N GLU B 101 -21.62 -94.08 34.95
CA GLU B 101 -21.73 -94.78 36.23
C GLU B 101 -23.13 -94.66 36.80
N ALA B 102 -23.77 -93.50 36.68
CA ALA B 102 -25.14 -93.34 37.14
C ALA B 102 -26.09 -94.22 36.35
N GLU B 103 -25.88 -94.34 35.04
CA GLU B 103 -26.69 -95.23 34.23
C GLU B 103 -26.50 -96.68 34.66
N ARG B 104 -25.26 -97.06 34.96
CA ARG B 104 -24.98 -98.41 35.45
C ARG B 104 -25.67 -98.66 36.78
N LEU B 105 -25.66 -97.66 37.67
CA LEU B 105 -26.34 -97.78 38.95
C LEU B 105 -27.84 -97.91 38.77
N LYS B 106 -28.41 -97.15 37.84
CA LYS B 106 -29.84 -97.28 37.54
C LYS B 106 -30.16 -98.66 36.98
N GLU B 107 -29.29 -99.20 36.12
CA GLU B 107 -29.48 -100.55 35.62
C GLU B 107 -29.40 -101.57 36.74
N GLU B 108 -28.48 -101.37 37.68
CA GLU B 108 -28.39 -102.27 38.83
C GLU B 108 -29.65 -102.19 39.68
N ALA B 109 -30.20 -100.99 39.86
CA ALA B 109 -31.44 -100.85 40.59
C ALA B 109 -32.59 -101.55 39.88
N ARG B 110 -32.63 -101.43 38.54
CA ARG B 110 -33.65 -102.13 37.77
C ARG B 110 -33.50 -103.64 37.90
N ALA B 111 -32.27 -104.14 37.91
CA ALA B 111 -32.04 -105.56 38.12
C ALA B 111 -32.50 -106.00 39.50
N GLN B 112 -32.20 -105.20 40.52
CA GLN B 112 -32.69 -105.48 41.87
C GLN B 112 -34.20 -105.42 41.95
N ALA B 113 -34.85 -104.66 41.08
CA ALA B 113 -36.31 -104.61 41.05
C ALA B 113 -36.93 -105.96 40.70
N GLU B 114 -36.18 -106.87 40.09
CA GLU B 114 -36.66 -108.23 39.90
C GLU B 114 -36.84 -108.98 41.21
N GLN B 115 -36.20 -108.52 42.29
CA GLN B 115 -36.41 -109.14 43.58
C GLN B 115 -37.83 -108.92 44.08
N GLU B 116 -38.55 -107.95 43.50
CA GLU B 116 -39.97 -107.81 43.79
C GLU B 116 -40.74 -109.04 43.32
N ARG B 117 -40.54 -109.44 42.07
CA ARG B 117 -41.16 -110.66 41.57
C ARG B 117 -40.61 -111.88 42.28
N ILE B 118 -39.31 -111.89 42.60
CA ILE B 118 -38.71 -112.99 43.33
C ILE B 118 -39.35 -113.19 44.70
N ARG B 119 -39.54 -112.12 45.46
CA ARG B 119 -40.24 -112.18 46.74
C ARG B 119 -41.73 -112.41 46.56
N MET B 120 -42.28 -112.05 45.41
CA MET B 120 -43.67 -112.37 45.08
C MET B 120 -43.93 -113.87 45.02
N LEU B 121 -42.88 -114.68 44.90
CA LEU B 121 -43.02 -116.12 44.94
C LEU B 121 -43.05 -116.61 46.37
N SER B 122 -43.88 -115.99 47.21
CA SER B 122 -44.04 -116.38 48.60
C SER B 122 -45.51 -116.33 48.96
N GLU B 123 -46.37 -116.28 47.94
CA GLU B 123 -47.81 -116.17 48.18
C GLU B 123 -48.35 -117.42 48.84
N ALA B 124 -48.19 -118.57 48.20
CA ALA B 124 -48.60 -119.83 48.81
C ALA B 124 -47.79 -120.11 50.06
N LYS B 125 -46.54 -119.62 50.10
CA LYS B 125 -45.70 -119.81 51.28
C LYS B 125 -46.27 -119.07 52.49
N SER B 126 -46.59 -117.79 52.32
CA SER B 126 -47.05 -116.96 53.42
C SER B 126 -48.46 -116.41 53.20
N GLN B 127 -48.70 -115.78 52.05
CA GLN B 127 -49.90 -114.98 51.84
C GLN B 127 -51.16 -115.84 51.84
N ILE B 128 -51.11 -117.03 51.25
CA ILE B 128 -52.28 -117.90 51.20
C ILE B 128 -52.71 -118.29 52.61
N ALA B 129 -51.76 -118.75 53.42
CA ALA B 129 -52.08 -119.13 54.79
C ALA B 129 -52.54 -117.93 55.61
N ASP B 130 -51.91 -116.77 55.40
CA ASP B 130 -52.29 -115.58 56.15
C ASP B 130 -53.72 -115.15 55.83
N LEU B 131 -54.06 -115.11 54.54
CA LEU B 131 -55.40 -114.72 54.13
C LEU B 131 -56.43 -115.74 54.61
N VAL B 132 -56.11 -117.03 54.53
CA VAL B 132 -57.04 -118.06 54.99
C VAL B 132 -57.29 -117.92 56.48
N THR B 133 -56.22 -117.74 57.26
CA THR B 133 -56.36 -117.58 58.70
C THR B 133 -57.16 -116.33 59.04
N LEU B 134 -56.89 -115.23 58.33
CA LEU B 134 -57.62 -113.99 58.58
C LEU B 134 -59.10 -114.16 58.31
N THR B 135 -59.44 -114.76 57.16
CA THR B 135 -60.84 -114.97 56.82
C THR B 135 -61.52 -115.90 57.82
N ALA B 136 -60.82 -116.96 58.24
CA ALA B 136 -61.42 -117.92 59.16
C ALA B 136 -61.62 -117.33 60.54
N SER B 137 -60.70 -116.48 61.00
CA SER B 137 -60.72 -116.05 62.39
C SER B 137 -61.32 -114.66 62.58
N ARG B 138 -60.77 -113.64 61.92
CA ARG B 138 -61.10 -112.26 62.26
C ARG B 138 -62.50 -111.89 61.78
N VAL B 139 -62.72 -111.89 60.47
CA VAL B 139 -63.98 -111.42 59.93
C VAL B 139 -65.09 -112.43 60.20
N LEU B 140 -64.94 -113.64 59.67
CA LEU B 140 -65.90 -114.70 59.90
C LEU B 140 -65.61 -115.41 61.22
N GLY B 141 -66.62 -116.12 61.72
CA GLY B 141 -66.43 -116.97 62.88
C GLY B 141 -65.64 -118.21 62.53
N ALA B 142 -65.43 -119.04 63.57
CA ALA B 142 -64.62 -120.24 63.41
C ALA B 142 -65.21 -121.21 62.39
N GLU B 143 -66.51 -121.14 62.12
CA GLU B 143 -67.10 -121.95 61.07
C GLU B 143 -66.64 -121.47 59.71
N LEU B 144 -65.75 -122.25 59.09
CA LEU B 144 -65.23 -121.90 57.77
C LEU B 144 -65.43 -123.09 56.85
N GLN B 145 -66.60 -123.17 56.22
CA GLN B 145 -66.89 -124.22 55.25
C GLN B 145 -66.62 -123.64 53.87
N ALA B 146 -65.37 -123.72 53.43
CA ALA B 146 -64.96 -123.06 52.20
C ALA B 146 -64.08 -123.99 51.39
N ARG B 147 -64.70 -124.76 50.51
CA ARG B 147 -63.97 -125.59 49.56
C ARG B 147 -63.94 -124.87 48.21
N GLY B 148 -62.73 -124.68 47.69
CA GLY B 148 -62.53 -123.90 46.49
C GLY B 148 -62.31 -122.42 46.72
N HIS B 149 -62.65 -121.91 47.90
CA HIS B 149 -62.27 -120.54 48.24
C HIS B 149 -60.75 -120.41 48.32
N ASP B 150 -60.09 -121.46 48.83
CA ASP B 150 -58.63 -121.51 48.75
C ASP B 150 -58.16 -121.54 47.31
N ALA B 151 -58.87 -122.29 46.46
CA ALA B 151 -58.55 -122.29 45.04
C ALA B 151 -58.79 -120.92 44.41
N LEU B 152 -59.86 -120.24 44.83
CA LEU B 152 -60.12 -118.89 44.34
C LEU B 152 -59.01 -117.93 44.76
N ILE B 153 -58.53 -118.07 45.99
CA ILE B 153 -57.43 -117.24 46.48
C ILE B 153 -56.16 -117.54 45.69
N ALA B 154 -55.89 -118.81 45.41
CA ALA B 154 -54.73 -119.17 44.61
C ALA B 154 -54.83 -118.58 43.21
N GLU B 155 -56.02 -118.62 42.61
CA GLU B 155 -56.23 -118.00 41.31
C GLU B 155 -56.00 -116.50 41.35
N SER B 156 -56.49 -115.83 42.39
CA SER B 156 -56.25 -114.40 42.55
C SER B 156 -54.78 -114.10 42.79
N LEU B 157 -54.04 -115.03 43.38
CA LEU B 157 -52.63 -114.79 43.68
C LEU B 157 -51.80 -114.67 42.41
N ALA B 158 -52.18 -115.40 41.37
CA ALA B 158 -51.43 -115.36 40.11
C ALA B 158 -51.59 -114.02 39.42
N ASN C 17 -5.34 48.18 -32.26
CA ASN C 17 -5.47 47.44 -33.50
C ASN C 17 -5.90 46.00 -33.24
N PHE C 18 -5.57 45.51 -32.05
CA PHE C 18 -5.93 44.14 -31.69
C PHE C 18 -7.43 43.98 -31.50
N LEU C 19 -8.11 45.05 -31.07
CA LEU C 19 -9.55 44.95 -30.79
C LEU C 19 -10.38 45.01 -32.07
N LEU C 20 -9.74 44.89 -33.24
CA LEU C 20 -10.46 44.96 -34.50
C LEU C 20 -11.47 43.83 -34.64
N LEU C 21 -11.04 42.59 -34.37
CA LEU C 21 -11.95 41.46 -34.51
C LEU C 21 -12.58 41.08 -33.16
N ILE C 22 -12.33 41.89 -32.13
CA ILE C 22 -12.84 41.57 -30.79
C ILE C 22 -14.36 41.60 -30.80
N PHE C 23 -14.95 42.75 -31.11
CA PHE C 23 -16.41 42.84 -31.17
C PHE C 23 -16.95 42.13 -32.41
N ILE C 24 -16.11 42.00 -33.45
CA ILE C 24 -16.54 41.33 -34.67
C ILE C 24 -16.79 39.85 -34.42
N LEU C 25 -15.85 39.19 -33.75
CA LEU C 25 -16.06 37.78 -33.41
C LEU C 25 -17.05 37.63 -32.28
N ARG C 26 -17.30 38.70 -31.52
CA ARG C 26 -18.28 38.66 -30.44
C ARG C 26 -19.68 38.37 -30.98
N ALA C 27 -20.02 38.98 -32.12
CA ALA C 27 -21.29 38.67 -32.77
C ALA C 27 -21.34 37.21 -33.18
N LEU C 28 -20.25 36.69 -33.75
CA LEU C 28 -20.16 35.26 -34.01
C LEU C 28 -20.20 34.46 -32.71
N LEU C 29 -19.54 34.98 -31.67
CA LEU C 29 -19.62 34.34 -30.36
C LEU C 29 -21.03 34.41 -29.80
N TYR C 30 -21.70 35.56 -29.94
CA TYR C 30 -23.09 35.66 -29.52
C TYR C 30 -23.98 34.77 -30.36
N ARG C 31 -23.64 34.59 -31.64
CA ARG C 31 -24.35 33.64 -32.48
C ARG C 31 -24.26 32.22 -31.95
N PRO C 32 -23.08 31.71 -31.56
CA PRO C 32 -23.02 30.36 -31.01
C PRO C 32 -23.48 30.30 -29.56
N VAL C 33 -23.63 31.46 -28.93
CA VAL C 33 -24.05 31.51 -27.54
C VAL C 33 -25.46 30.97 -27.35
N MET C 34 -26.40 31.33 -28.22
CA MET C 34 -27.77 30.85 -28.10
C MET C 34 -27.85 29.36 -28.41
N ASN C 35 -27.12 28.90 -29.43
CA ASN C 35 -27.17 27.50 -29.84
C ASN C 35 -26.65 26.58 -28.74
N LEU C 36 -25.54 26.94 -28.09
CA LEU C 36 -25.08 26.16 -26.94
C LEU C 36 -26.10 26.21 -25.81
N LEU C 37 -26.69 27.39 -25.57
CA LEU C 37 -27.76 27.49 -24.60
C LEU C 37 -28.98 26.70 -25.04
N ASN C 38 -29.29 26.70 -26.34
CA ASN C 38 -30.38 25.89 -26.86
C ASN C 38 -30.10 24.41 -26.64
N GLU C 39 -28.85 23.99 -26.88
CA GLU C 39 -28.46 22.63 -26.53
C GLU C 39 -28.51 22.40 -25.03
N ARG C 40 -28.13 23.40 -24.23
CA ARG C 40 -28.21 23.29 -22.78
C ARG C 40 -29.65 23.24 -22.30
N THR C 41 -30.49 24.15 -22.82
CA THR C 41 -31.89 24.18 -22.41
C THR C 41 -32.66 22.96 -22.90
N ARG C 42 -32.12 22.27 -23.90
CA ARG C 42 -32.73 21.03 -24.39
C ARG C 42 -32.74 19.98 -23.30
N ARG C 43 -31.66 19.90 -22.53
CA ARG C 43 -31.55 18.95 -21.42
C ARG C 43 -32.58 19.26 -20.34
N ILE C 44 -32.76 20.53 -20.02
CA ILE C 44 -33.73 20.96 -19.01
C ILE C 44 -35.13 20.61 -19.51
N GLU C 45 -35.40 20.91 -20.78
CA GLU C 45 -36.67 20.53 -21.38
C GLU C 45 -36.85 19.03 -21.43
N GLU C 46 -35.78 18.28 -21.71
CA GLU C 46 -35.82 16.82 -21.70
C GLU C 46 -36.26 16.30 -20.34
N SER C 47 -35.61 16.78 -19.28
CA SER C 47 -35.93 16.34 -17.94
C SER C 47 -37.36 16.71 -17.55
N VAL C 48 -37.77 17.95 -17.88
CA VAL C 48 -39.11 18.41 -17.50
C VAL C 48 -40.17 17.57 -18.21
N ARG C 49 -39.99 17.34 -19.52
CA ARG C 49 -40.95 16.55 -20.28
C ARG C 49 -40.98 15.10 -19.84
N ASP C 50 -39.83 14.49 -19.55
CA ASP C 50 -39.82 13.10 -19.08
C ASP C 50 -40.50 12.97 -17.72
N ALA C 51 -40.22 13.89 -16.81
CA ALA C 51 -40.86 13.87 -15.50
C ALA C 51 -42.36 14.06 -15.63
N GLU C 52 -42.79 14.99 -16.49
CA GLU C 52 -44.21 15.22 -16.71
C GLU C 52 -44.89 13.98 -17.29
N LYS C 53 -44.21 13.32 -18.23
CA LYS C 53 -44.76 12.10 -18.81
C LYS C 53 -44.93 10.99 -17.79
N VAL C 54 -43.90 10.81 -16.94
CA VAL C 54 -43.94 9.77 -15.91
C VAL C 54 -45.07 10.07 -14.93
N ARG C 55 -45.16 11.33 -14.49
CA ARG C 55 -46.20 11.72 -13.54
C ARG C 55 -47.59 11.54 -14.12
N GLU C 56 -47.77 11.94 -15.39
CA GLU C 56 -49.06 11.80 -16.06
C GLU C 56 -49.45 10.34 -16.20
N GLN C 57 -48.49 9.48 -16.57
CA GLN C 57 -48.79 8.06 -16.69
C GLN C 57 -49.18 7.45 -15.35
N LEU C 58 -48.45 7.80 -14.28
CA LEU C 58 -48.75 7.27 -12.96
C LEU C 58 -50.13 7.74 -12.49
N ALA C 59 -50.42 9.02 -12.69
CA ALA C 59 -51.73 9.56 -12.31
C ALA C 59 -52.85 8.91 -13.11
N ASN C 60 -52.62 8.67 -14.40
CA ASN C 60 -53.64 8.03 -15.23
C ASN C 60 -53.92 6.61 -14.75
N ALA C 61 -52.86 5.85 -14.44
CA ALA C 61 -53.05 4.49 -13.95
C ALA C 61 -53.80 4.48 -12.63
N ARG C 62 -53.41 5.37 -11.71
CA ARG C 62 -54.08 5.46 -10.41
C ARG C 62 -55.54 5.84 -10.57
N ARG C 63 -55.81 6.81 -11.45
CA ARG C 63 -57.19 7.25 -11.67
C ARG C 63 -58.04 6.15 -12.30
N ASP C 64 -57.48 5.40 -13.24
CA ASP C 64 -58.22 4.30 -13.86
C ASP C 64 -58.55 3.23 -12.83
N TYR C 65 -57.56 2.87 -12.01
CA TYR C 65 -57.79 1.88 -10.97
C TYR C 65 -58.85 2.34 -9.98
N GLU C 66 -58.77 3.60 -9.54
CA GLU C 66 -59.71 4.16 -8.59
C GLU C 66 -61.12 4.20 -9.17
N ALA C 67 -61.25 4.60 -10.44
CA ALA C 67 -62.55 4.67 -11.09
C ALA C 67 -63.17 3.28 -11.20
N GLU C 68 -62.35 2.29 -11.59
CA GLU C 68 -62.83 0.92 -11.69
C GLU C 68 -63.30 0.40 -10.34
N ILE C 69 -62.52 0.67 -9.29
CA ILE C 69 -62.87 0.19 -7.96
C ILE C 69 -64.16 0.84 -7.48
N ALA C 70 -64.29 2.16 -7.70
CA ALA C 70 -65.48 2.87 -7.26
C ALA C 70 -66.72 2.37 -8.01
N ARG C 71 -66.59 2.15 -9.32
CA ARG C 71 -67.71 1.63 -10.10
C ARG C 71 -68.11 0.24 -9.62
N ALA C 72 -67.13 -0.62 -9.35
CA ALA C 72 -67.41 -1.96 -8.85
C ALA C 72 -68.13 -1.90 -7.50
N ARG C 73 -67.66 -1.02 -6.61
CA ARG C 73 -68.28 -0.88 -5.30
C ARG C 73 -69.71 -0.40 -5.41
N GLN C 74 -69.94 0.60 -6.26
CA GLN C 74 -71.29 1.13 -6.45
C GLN C 74 -72.23 0.07 -7.02
N GLU C 75 -71.74 -0.69 -8.00
CA GLU C 75 -72.56 -1.74 -8.60
C GLU C 75 -72.90 -2.82 -7.58
N ALA C 76 -71.91 -3.21 -6.77
CA ALA C 76 -72.14 -4.22 -5.75
C ALA C 76 -73.15 -3.74 -4.71
N ALA C 77 -73.03 -2.47 -4.30
CA ALA C 77 -73.97 -1.92 -3.33
C ALA C 77 -75.38 -1.89 -3.89
N LYS C 78 -75.53 -1.47 -5.15
CA LYS C 78 -76.85 -1.44 -5.77
C LYS C 78 -77.44 -2.83 -5.88
N ILE C 79 -76.62 -3.80 -6.27
CA ILE C 79 -77.10 -5.18 -6.40
C ILE C 79 -77.54 -5.72 -5.04
N VAL C 80 -76.76 -5.44 -4.00
CA VAL C 80 -77.09 -5.92 -2.65
C VAL C 80 -78.39 -5.30 -2.18
N ALA C 81 -78.55 -3.99 -2.40
CA ALA C 81 -79.77 -3.31 -1.98
C ALA C 81 -80.99 -3.86 -2.72
N GLN C 82 -80.86 -4.07 -4.03
CA GLN C 82 -81.95 -4.63 -4.81
C GLN C 82 -82.31 -6.04 -4.34
N ALA C 83 -81.28 -6.84 -4.04
CA ALA C 83 -81.51 -8.20 -3.56
C ALA C 83 -82.23 -8.19 -2.22
N GLN C 84 -81.82 -7.28 -1.32
CA GLN C 84 -82.46 -7.18 -0.03
C GLN C 84 -83.92 -6.77 -0.17
N GLU C 85 -84.19 -5.78 -1.02
CA GLU C 85 -85.57 -5.33 -1.23
C GLU C 85 -86.43 -6.45 -1.82
N ARG C 86 -85.89 -7.17 -2.80
CA ARG C 86 -86.63 -8.27 -3.41
C ARG C 86 -86.89 -9.38 -2.40
N ALA C 87 -85.90 -9.69 -1.57
CA ALA C 87 -86.07 -10.73 -0.56
C ALA C 87 -87.15 -10.33 0.44
N LYS C 88 -87.15 -9.06 0.84
CA LYS C 88 -88.16 -8.56 1.76
C LYS C 88 -89.55 -8.66 1.15
N GLN C 89 -89.68 -8.25 -0.11
CA GLN C 89 -90.99 -8.30 -0.77
C GLN C 89 -91.47 -9.74 -0.92
N GLN C 90 -90.56 -10.64 -1.28
CA GLN C 90 -90.93 -12.05 -1.43
C GLN C 90 -91.34 -12.65 -0.10
N GLU C 91 -90.62 -12.32 0.97
CA GLU C 91 -90.97 -12.81 2.29
C GLU C 91 -92.33 -12.28 2.71
N ALA C 92 -92.62 -11.02 2.41
CA ALA C 92 -93.91 -10.42 2.71
C ALA C 92 -95.02 -11.16 1.97
N GLU C 93 -94.79 -11.45 0.69
CA GLU C 93 -95.78 -12.18 -0.09
C GLU C 93 -96.02 -13.57 0.47
N ILE C 94 -94.94 -14.26 0.85
CA ILE C 94 -95.05 -15.60 1.40
C ILE C 94 -95.84 -15.57 2.71
N ILE C 95 -95.54 -14.59 3.55
CA ILE C 95 -96.24 -14.47 4.84
C ILE C 95 -97.72 -14.19 4.60
N ALA C 96 -98.01 -13.31 3.65
CA ALA C 96 -99.41 -13.01 3.32
C ALA C 96 -100.13 -14.24 2.82
N GLN C 97 -99.42 -15.08 2.07
CA GLN C 97 -99.98 -16.34 1.59
C GLN C 97 -100.35 -17.24 2.76
N ALA C 98 -99.51 -17.26 3.77
CA ALA C 98 -99.74 -18.07 4.97
C ALA C 98 -101.00 -17.68 5.71
N ARG C 99 -101.28 -16.38 5.82
CA ARG C 99 -102.53 -15.94 6.46
C ARG C 99 -103.74 -16.43 5.67
N ARG C 100 -103.67 -16.33 4.35
CA ARG C 100 -104.75 -16.84 3.51
C ARG C 100 -104.89 -18.34 3.66
N GLU C 101 -103.78 -19.06 3.73
CA GLU C 101 -103.83 -20.51 3.92
C GLU C 101 -104.49 -20.87 5.25
N ALA C 102 -104.14 -20.13 6.32
CA ALA C 102 -104.74 -20.38 7.62
C ALA C 102 -106.23 -20.07 7.60
N GLU C 103 -106.63 -18.99 6.94
CA GLU C 103 -108.04 -18.64 6.84
C GLU C 103 -108.80 -19.71 6.07
N ARG C 104 -108.21 -20.22 4.98
CA ARG C 104 -108.85 -21.29 4.22
C ARG C 104 -108.95 -22.56 5.06
N LEU C 105 -107.93 -22.86 5.86
CA LEU C 105 -107.98 -24.03 6.73
C LEU C 105 -109.09 -23.89 7.77
N LYS C 106 -109.23 -22.70 8.35
CA LYS C 106 -110.28 -22.48 9.34
C LYS C 106 -111.66 -22.59 8.71
N GLU C 107 -111.83 -22.01 7.52
CA GLU C 107 -113.10 -22.12 6.81
C GLU C 107 -113.42 -23.58 6.48
N GLU C 108 -112.41 -24.32 6.04
CA GLU C 108 -112.59 -25.74 5.76
C GLU C 108 -112.96 -26.52 7.01
N ALA C 109 -112.35 -26.19 8.15
CA ALA C 109 -112.68 -26.88 9.39
C ALA C 109 -114.12 -26.59 9.81
N ARG C 110 -114.55 -25.34 9.71
CA ARG C 110 -115.93 -25.00 10.03
C ARG C 110 -116.91 -25.70 9.10
N ALA C 111 -116.59 -25.72 7.79
CA ALA C 111 -117.45 -26.40 6.83
C ALA C 111 -117.49 -27.90 7.09
N GLN C 112 -116.36 -28.49 7.48
CA GLN C 112 -116.32 -29.91 7.79
C GLN C 112 -117.15 -30.22 9.01
N ALA C 113 -117.09 -29.37 10.04
CA ALA C 113 -117.94 -29.57 11.22
C ALA C 113 -119.42 -29.48 10.85
N GLU C 114 -119.78 -28.47 10.04
CA GLU C 114 -121.17 -28.32 9.62
C GLU C 114 -121.63 -29.52 8.80
N GLN C 115 -120.79 -29.98 7.87
CA GLN C 115 -121.11 -31.14 7.06
C GLN C 115 -121.22 -32.41 7.89
N GLU C 116 -120.35 -32.59 8.89
CA GLU C 116 -120.46 -33.75 9.77
C GLU C 116 -121.76 -33.72 10.56
N ARG C 117 -122.15 -32.55 11.09
CA ARG C 117 -123.41 -32.45 11.81
C ARG C 117 -124.59 -32.73 10.88
N ILE C 118 -124.54 -32.21 9.66
CA ILE C 118 -125.62 -32.44 8.70
C ILE C 118 -125.70 -33.92 8.32
N ARG C 119 -124.55 -34.55 8.11
CA ARG C 119 -124.55 -35.97 7.76
C ARG C 119 -125.07 -36.82 8.91
N MET C 120 -124.70 -36.49 10.15
CA MET C 120 -125.24 -37.19 11.30
C MET C 120 -126.75 -37.03 11.40
N LEU C 121 -127.25 -35.81 11.23
CA LEU C 121 -128.68 -35.58 11.30
C LEU C 121 -129.42 -36.32 10.20
N SER C 122 -128.88 -36.30 8.97
CA SER C 122 -129.54 -36.95 7.85
C SER C 122 -129.49 -38.47 7.97
N GLU C 123 -128.39 -39.03 8.49
CA GLU C 123 -128.24 -40.48 8.55
C GLU C 123 -128.56 -41.04 9.92
N ALA C 124 -129.16 -40.25 10.82
CA ALA C 124 -129.66 -40.80 12.08
C ALA C 124 -130.64 -41.95 11.84
N LYS C 125 -131.49 -41.83 10.82
CA LYS C 125 -132.44 -42.90 10.52
C LYS C 125 -131.72 -44.17 10.07
N SER C 126 -130.73 -44.02 9.19
CA SER C 126 -129.95 -45.17 8.75
C SER C 126 -129.17 -45.78 9.92
N GLN C 127 -128.68 -44.93 10.82
CA GLN C 127 -127.99 -45.46 12.03
C GLN C 127 -129.00 -46.32 12.81
N ILE C 128 -130.27 -45.85 12.80
CA ILE C 128 -131.36 -46.57 13.51
C ILE C 128 -131.71 -47.83 12.71
N ALA C 129 -131.55 -47.80 11.39
CA ALA C 129 -131.76 -49.04 10.62
C ALA C 129 -130.65 -50.00 11.04
N ASP C 130 -129.40 -49.54 10.98
CA ASP C 130 -128.27 -50.38 11.45
C ASP C 130 -128.41 -50.58 12.96
N LEU C 131 -129.10 -49.66 13.64
CA LEU C 131 -129.31 -49.80 15.10
C LEU C 131 -130.14 -51.06 15.35
N VAL C 132 -131.25 -51.21 14.63
CA VAL C 132 -132.14 -52.40 14.77
C VAL C 132 -131.40 -53.61 14.22
N THR C 133 -130.47 -53.39 13.28
CA THR C 133 -129.66 -54.52 12.76
C THR C 133 -128.74 -55.01 13.88
N LEU C 134 -127.91 -54.12 14.42
CA LEU C 134 -127.00 -54.49 15.55
C LEU C 134 -127.85 -54.93 16.74
N THR C 135 -128.96 -54.23 16.99
CA THR C 135 -129.85 -54.58 18.13
C THR C 135 -130.36 -56.02 17.94
N ALA C 136 -130.79 -56.36 16.72
CA ALA C 136 -131.29 -57.73 16.44
C ALA C 136 -130.16 -58.74 16.73
N SER C 137 -128.95 -58.44 16.27
CA SER C 137 -127.80 -59.38 16.47
C SER C 137 -127.09 -59.09 17.79
N ARG C 138 -127.61 -58.14 18.58
CA ARG C 138 -126.96 -57.77 19.86
C ARG C 138 -126.85 -59.02 20.73
N VAL C 139 -127.93 -59.79 20.83
CA VAL C 139 -127.90 -61.07 21.61
C VAL C 139 -128.07 -62.23 20.63
N LEU C 140 -128.04 -61.94 19.32
CA LEU C 140 -128.24 -62.98 18.29
C LEU C 140 -129.61 -63.63 18.48
N GLY C 141 -130.51 -62.93 19.20
CA GLY C 141 -131.87 -63.46 19.46
C GLY C 141 -132.76 -62.38 20.03
N ALA C 142 -134.08 -62.62 20.04
CA ALA C 142 -135.04 -61.61 20.55
C ALA C 142 -136.35 -62.30 20.96
N GLU C 143 -136.50 -62.60 22.25
CA GLU C 143 -137.78 -63.21 22.74
C GLU C 143 -138.96 -62.42 22.16
N LEU C 144 -139.93 -63.12 21.58
CA LEU C 144 -141.11 -62.45 20.98
C LEU C 144 -141.81 -61.60 22.05
N GLN C 145 -141.83 -62.09 23.30
CA GLN C 145 -142.45 -61.33 24.41
C GLN C 145 -141.48 -60.24 24.86
N ALA C 146 -141.40 -59.14 24.09
CA ALA C 146 -140.49 -58.02 24.43
C ALA C 146 -141.06 -56.72 23.86
N ARG C 147 -140.90 -55.61 24.59
CA ARG C 147 -141.39 -54.29 24.13
C ARG C 147 -141.00 -54.10 22.67
N GLY C 148 -139.87 -54.70 22.26
CA GLY C 148 -139.39 -54.59 20.87
C GLY C 148 -138.05 -53.87 20.79
N HIS C 149 -137.08 -54.49 20.13
CA HIS C 149 -135.74 -53.85 19.98
C HIS C 149 -135.89 -52.51 19.28
N ASP C 150 -136.70 -52.45 18.22
CA ASP C 150 -136.95 -51.18 17.49
C ASP C 150 -137.62 -50.19 18.44
N ALA C 151 -138.62 -50.67 19.21
CA ALA C 151 -139.31 -49.79 20.19
C ALA C 151 -138.30 -49.30 21.23
N LEU C 152 -137.46 -50.22 21.73
CA LEU C 152 -136.41 -49.84 22.72
C LEU C 152 -135.43 -48.88 22.04
N ILE C 153 -135.14 -49.12 20.76
CA ILE C 153 -134.22 -48.22 20.00
C ILE C 153 -134.85 -46.82 19.94
N ALA C 154 -136.16 -46.75 19.70
CA ALA C 154 -136.87 -45.45 19.69
C ALA C 154 -136.74 -44.80 21.07
N GLU C 155 -136.88 -45.61 22.13
CA GLU C 155 -136.74 -45.08 23.51
C GLU C 155 -135.31 -44.55 23.70
N SER C 156 -134.32 -45.24 23.11
CA SER C 156 -132.90 -44.82 23.24
C SER C 156 -132.45 -44.13 21.96
N LEU C 157 -133.39 -43.60 21.17
CA LEU C 157 -133.05 -42.95 19.88
C LEU C 157 -132.06 -41.82 20.14
N ALA C 158 -132.29 -41.04 21.20
CA ALA C 158 -131.38 -39.91 21.54
C ALA C 158 -131.17 -39.05 20.29
N ALA C 159 -129.91 -38.80 19.92
CA ALA C 159 -129.60 -38.00 18.71
C ALA C 159 -130.50 -38.44 17.55
N THR D 9 17.87 29.08 -51.66
CA THR D 9 18.68 27.82 -51.68
C THR D 9 17.77 26.64 -52.01
N LEU D 10 18.24 25.71 -52.86
CA LEU D 10 17.44 24.52 -53.21
C LEU D 10 17.19 23.69 -51.93
N PHE D 11 18.23 23.56 -51.09
CA PHE D 11 18.08 22.81 -49.81
C PHE D 11 17.04 23.50 -48.94
N ILE D 12 17.08 24.83 -48.88
CA ILE D 12 16.10 25.60 -48.05
C ILE D 12 14.69 25.33 -48.59
N ALA D 13 14.54 25.32 -49.92
CA ALA D 13 13.22 25.07 -50.54
C ALA D 13 12.74 23.67 -50.17
N GLN D 14 13.64 22.68 -50.20
CA GLN D 14 13.29 21.28 -49.85
C GLN D 14 12.83 21.25 -48.39
N LEU D 15 13.54 21.96 -47.51
CA LEU D 15 13.17 22.01 -46.06
C LEU D 15 11.77 22.62 -45.93
N ILE D 16 11.49 23.68 -46.67
CA ILE D 16 10.16 24.35 -46.61
C ILE D 16 9.09 23.36 -47.07
N ASN D 17 9.37 22.61 -48.14
CA ASN D 17 8.41 21.61 -48.66
C ASN D 17 8.14 20.54 -47.59
N PHE D 18 9.23 20.05 -46.99
CA PHE D 18 9.14 18.98 -45.98
C PHE D 18 8.52 19.52 -44.69
N LEU D 19 8.56 20.85 -44.48
CA LEU D 19 7.84 21.38 -43.30
C LEU D 19 6.36 21.07 -43.50
N LEU D 20 5.84 21.41 -44.68
CA LEU D 20 4.41 21.11 -45.01
C LEU D 20 4.21 19.59 -44.95
N LEU D 21 5.21 18.81 -45.36
CA LEU D 21 5.06 17.33 -45.40
C LEU D 21 4.86 16.82 -43.98
N ILE D 22 5.67 17.33 -43.04
CA ILE D 22 5.58 16.90 -41.61
C ILE D 22 4.24 17.40 -41.05
N PHE D 23 3.79 18.59 -41.48
CA PHE D 23 2.47 19.07 -41.04
C PHE D 23 1.41 18.05 -41.47
N ILE D 24 1.45 17.63 -42.73
CA ILE D 24 0.44 16.66 -43.27
C ILE D 24 0.55 15.35 -42.49
N LEU D 25 1.78 14.92 -42.16
CA LEU D 25 1.97 13.66 -41.42
C LEU D 25 1.29 13.76 -40.06
N ARG D 26 1.54 14.86 -39.35
CA ARG D 26 0.95 15.09 -38.00
C ARG D 26 -0.57 15.11 -38.14
N ALA D 27 -1.06 15.66 -39.25
CA ALA D 27 -2.54 15.73 -39.48
C ALA D 27 -3.09 14.31 -39.64
N LEU D 28 -2.49 13.49 -40.51
CA LEU D 28 -2.94 12.09 -40.69
C LEU D 28 -2.88 11.39 -39.32
N LEU D 29 -1.92 11.78 -38.49
CA LEU D 29 -1.73 11.13 -37.16
C LEU D 29 -2.84 11.51 -36.17
N TYR D 30 -3.24 12.79 -36.11
CA TYR D 30 -4.22 13.18 -35.05
C TYR D 30 -5.49 13.85 -35.61
N ARG D 31 -5.39 14.50 -36.77
CA ARG D 31 -6.64 15.10 -37.33
C ARG D 31 -7.76 14.06 -37.30
N PRO D 32 -7.51 12.79 -37.70
CA PRO D 32 -8.56 11.77 -37.60
C PRO D 32 -9.00 11.58 -36.14
N VAL D 33 -8.04 11.56 -35.22
CA VAL D 33 -8.38 11.42 -33.77
C VAL D 33 -9.32 12.56 -33.37
N MET D 34 -9.00 13.79 -33.76
CA MET D 34 -9.82 14.97 -33.39
C MET D 34 -11.22 14.83 -34.00
N ASN D 35 -11.29 14.38 -35.26
CA ASN D 35 -12.60 14.21 -35.94
C ASN D 35 -13.42 13.18 -35.16
N LEU D 36 -12.81 12.07 -34.76
CA LEU D 36 -13.51 11.02 -33.98
C LEU D 36 -14.04 11.63 -32.68
N LEU D 37 -13.19 12.42 -32.00
CA LEU D 37 -13.60 13.06 -30.72
C LEU D 37 -14.82 13.95 -30.96
N ASN D 38 -14.79 14.74 -32.05
CA ASN D 38 -15.90 15.66 -32.37
C ASN D 38 -17.17 14.85 -32.62
N GLU D 39 -17.06 13.76 -33.37
CA GLU D 39 -18.23 12.89 -33.66
C GLU D 39 -18.80 12.37 -32.34
N ARG D 40 -17.92 11.95 -31.43
CA ARG D 40 -18.37 11.43 -30.11
C ARG D 40 -19.13 12.53 -29.36
N THR D 41 -18.56 13.75 -29.32
CA THR D 41 -19.22 14.87 -28.60
C THR D 41 -20.55 15.20 -29.28
N ARG D 42 -20.50 15.54 -30.57
CA ARG D 42 -21.70 15.86 -31.34
C ARG D 42 -22.76 14.78 -31.15
N ARG D 43 -22.33 13.52 -31.06
CA ARG D 43 -23.25 12.41 -30.80
C ARG D 43 -23.85 12.46 -29.40
N ILE D 44 -23.07 12.89 -28.40
CA ILE D 44 -23.61 13.08 -27.06
C ILE D 44 -24.66 14.20 -27.06
N GLU D 45 -24.37 15.29 -27.76
CA GLU D 45 -25.37 16.36 -27.90
C GLU D 45 -26.61 15.87 -28.63
N GLU D 46 -26.41 15.07 -29.68
CA GLU D 46 -27.54 14.51 -30.43
C GLU D 46 -28.34 13.55 -29.57
N SER D 47 -27.67 12.80 -28.70
CA SER D 47 -28.35 11.94 -27.74
C SER D 47 -29.16 12.75 -26.74
N VAL D 48 -28.64 13.88 -26.27
CA VAL D 48 -29.43 14.75 -25.39
C VAL D 48 -30.66 15.29 -26.12
N ARG D 49 -30.47 15.70 -27.38
CA ARG D 49 -31.60 16.20 -28.17
C ARG D 49 -32.63 15.09 -28.42
N ASP D 50 -32.16 13.88 -28.69
CA ASP D 50 -33.03 12.72 -28.89
C ASP D 50 -33.78 12.39 -27.62
N ALA D 51 -33.11 12.57 -26.48
CA ALA D 51 -33.74 12.39 -25.18
C ALA D 51 -34.87 13.40 -24.99
N GLU D 52 -34.62 14.65 -25.40
CA GLU D 52 -35.65 15.69 -25.32
C GLU D 52 -36.85 15.36 -26.21
N LYS D 53 -36.57 14.93 -27.44
CA LYS D 53 -37.64 14.57 -28.37
C LYS D 53 -38.42 13.35 -27.86
N VAL D 54 -37.71 12.37 -27.31
CA VAL D 54 -38.36 11.17 -26.78
C VAL D 54 -39.19 11.52 -25.57
N ARG D 55 -38.72 12.47 -24.75
CA ARG D 55 -39.50 12.91 -23.60
C ARG D 55 -40.77 13.64 -24.02
N GLU D 56 -40.69 14.49 -25.05
CA GLU D 56 -41.89 15.13 -25.56
C GLU D 56 -42.88 14.11 -26.13
N GLN D 57 -42.35 13.14 -26.89
CA GLN D 57 -43.19 12.07 -27.41
C GLN D 57 -43.79 11.23 -26.30
N LEU D 58 -43.04 11.04 -25.21
CA LEU D 58 -43.51 10.29 -24.05
C LEU D 58 -44.62 11.07 -23.35
N ALA D 59 -44.51 12.39 -23.30
CA ALA D 59 -45.58 13.22 -22.74
C ALA D 59 -46.85 13.09 -23.57
N ASN D 60 -46.71 13.14 -24.89
CA ASN D 60 -47.86 12.99 -25.78
C ASN D 60 -48.49 11.61 -25.62
N ALA D 61 -47.65 10.57 -25.57
CA ALA D 61 -48.13 9.22 -25.36
C ALA D 61 -48.74 9.04 -23.99
N ARG D 62 -48.25 9.76 -22.98
CA ARG D 62 -48.84 9.68 -21.65
C ARG D 62 -50.22 10.30 -21.62
N ARG D 63 -50.41 11.42 -22.35
CA ARG D 63 -51.75 11.96 -22.50
C ARG D 63 -52.67 11.01 -23.24
N ASP D 64 -52.20 10.40 -24.32
CA ASP D 64 -53.00 9.42 -25.05
C ASP D 64 -53.34 8.22 -24.17
N TYR D 65 -52.38 7.78 -23.36
CA TYR D 65 -52.61 6.68 -22.43
C TYR D 65 -53.55 7.07 -21.30
N GLU D 66 -53.54 8.33 -20.87
CA GLU D 66 -54.52 8.80 -19.90
C GLU D 66 -55.92 8.72 -20.49
N ALA D 67 -56.06 9.14 -21.75
CA ALA D 67 -57.35 8.99 -22.43
C ALA D 67 -57.76 7.52 -22.54
N GLU D 68 -56.81 6.65 -22.90
CA GLU D 68 -57.10 5.22 -23.04
C GLU D 68 -57.49 4.60 -21.70
N ILE D 69 -56.81 5.00 -20.63
CA ILE D 69 -57.13 4.50 -19.29
C ILE D 69 -58.49 5.00 -18.81
N ALA D 70 -58.84 6.25 -19.11
CA ALA D 70 -60.18 6.74 -18.79
C ALA D 70 -61.24 5.95 -19.57
N ARG D 71 -60.95 5.65 -20.84
CA ARG D 71 -61.87 4.83 -21.62
C ARG D 71 -62.00 3.43 -21.05
N ALA D 72 -60.89 2.83 -20.62
CA ALA D 72 -60.93 1.50 -20.02
C ALA D 72 -61.72 1.52 -18.71
N ARG D 73 -61.54 2.55 -17.91
CA ARG D 73 -62.33 2.70 -16.68
C ARG D 73 -63.82 2.87 -16.98
N GLN D 74 -64.17 3.66 -17.99
CA GLN D 74 -65.57 3.80 -18.37
C GLN D 74 -66.15 2.47 -18.85
N GLU D 75 -65.38 1.72 -19.63
CA GLU D 75 -65.83 0.40 -20.07
C GLU D 75 -66.01 -0.55 -18.90
N ALA D 76 -65.10 -0.51 -17.92
CA ALA D 76 -65.24 -1.33 -16.72
C ALA D 76 -66.48 -0.93 -15.94
N ALA D 77 -66.75 0.38 -15.86
CA ALA D 77 -67.96 0.85 -15.19
C ALA D 77 -69.22 0.35 -15.90
N LYS D 78 -69.22 0.38 -17.23
CA LYS D 78 -70.35 -0.12 -18.00
C LYS D 78 -70.54 -1.62 -17.77
N ILE D 79 -69.43 -2.37 -17.73
CA ILE D 79 -69.50 -3.80 -17.46
C ILE D 79 -70.03 -4.05 -16.06
N VAL D 80 -69.63 -3.24 -15.09
CA VAL D 80 -70.12 -3.38 -13.72
C VAL D 80 -71.61 -3.10 -13.66
N ALA D 81 -72.06 -2.09 -14.39
CA ALA D 81 -73.50 -1.80 -14.45
C ALA D 81 -74.28 -2.94 -15.08
N GLN D 82 -73.73 -3.53 -16.15
CA GLN D 82 -74.38 -4.67 -16.79
C GLN D 82 -74.46 -5.85 -15.83
N ALA D 83 -73.36 -6.11 -15.09
CA ALA D 83 -73.37 -7.15 -14.09
C ALA D 83 -74.36 -6.88 -12.97
N GLN D 84 -74.51 -5.62 -12.57
CA GLN D 84 -75.50 -5.26 -11.55
C GLN D 84 -76.91 -5.52 -12.05
N GLU D 85 -77.18 -5.18 -13.30
CA GLU D 85 -78.48 -5.48 -13.89
C GLU D 85 -78.74 -6.97 -13.96
N ARG D 86 -77.72 -7.75 -14.34
CA ARG D 86 -77.85 -9.20 -14.38
C ARG D 86 -78.11 -9.76 -12.99
N ALA D 87 -77.42 -9.22 -11.97
CA ALA D 87 -77.65 -9.62 -10.60
C ALA D 87 -79.04 -9.26 -10.11
N LYS D 88 -79.56 -8.10 -10.50
CA LYS D 88 -80.93 -7.74 -10.16
C LYS D 88 -81.92 -8.71 -10.79
N GLN D 89 -81.68 -9.07 -12.06
CA GLN D 89 -82.51 -10.08 -12.71
C GLN D 89 -82.43 -11.42 -11.99
N GLN D 90 -81.22 -11.81 -11.58
CA GLN D 90 -81.05 -13.07 -10.84
C GLN D 90 -81.79 -13.04 -9.51
N GLU D 91 -81.72 -11.91 -8.81
CA GLU D 91 -82.47 -11.75 -7.57
C GLU D 91 -83.96 -11.82 -7.79
N ALA D 92 -84.47 -11.19 -8.85
CA ALA D 92 -85.90 -11.29 -9.16
C ALA D 92 -86.28 -12.73 -9.47
N GLU D 93 -85.41 -13.45 -10.19
CA GLU D 93 -85.66 -14.86 -10.47
C GLU D 93 -85.68 -15.70 -9.20
N ILE D 94 -84.77 -15.42 -8.27
CA ILE D 94 -84.74 -16.14 -7.00
C ILE D 94 -86.01 -15.87 -6.21
N ILE D 95 -86.45 -14.61 -6.22
CA ILE D 95 -87.69 -14.25 -5.53
C ILE D 95 -88.88 -14.97 -6.14
N ALA D 96 -88.93 -15.07 -7.46
CA ALA D 96 -89.97 -15.84 -8.12
C ALA D 96 -89.89 -17.31 -7.72
N GLN D 97 -88.67 -17.83 -7.63
CA GLN D 97 -88.47 -19.17 -7.10
C GLN D 97 -88.92 -19.26 -5.65
N ALA D 98 -88.62 -18.24 -4.86
CA ALA D 98 -89.18 -18.15 -3.51
C ALA D 98 -90.70 -18.06 -3.58
N ARG D 99 -91.22 -17.26 -4.52
CA ARG D 99 -92.65 -17.26 -4.77
C ARG D 99 -93.12 -18.62 -5.25
N ARG D 100 -92.33 -19.29 -6.09
CA ARG D 100 -92.62 -20.67 -6.45
C ARG D 100 -92.53 -21.57 -5.22
N GLU D 101 -91.52 -21.35 -4.38
CA GLU D 101 -91.45 -22.04 -3.10
C GLU D 101 -92.64 -21.69 -2.22
N ALA D 102 -93.07 -20.42 -2.23
CA ALA D 102 -94.30 -20.05 -1.55
C ALA D 102 -95.49 -20.76 -2.17
N GLU D 103 -95.54 -20.84 -3.49
CA GLU D 103 -96.56 -21.63 -4.16
C GLU D 103 -96.48 -23.10 -3.76
N ARG D 104 -95.26 -23.63 -3.60
CA ARG D 104 -95.10 -24.97 -3.05
C ARG D 104 -95.66 -25.04 -1.64
N LEU D 105 -95.40 -24.00 -0.83
CA LEU D 105 -95.99 -23.92 0.49
C LEU D 105 -97.50 -23.80 0.42
N LYS D 106 -98.03 -23.06 -0.56
CA LYS D 106 -99.48 -22.94 -0.71
C LYS D 106 -100.11 -24.30 -1.03
N GLU D 107 -99.47 -25.06 -1.92
CA GLU D 107 -99.96 -26.41 -2.22
C GLU D 107 -99.85 -27.33 -1.02
N GLU D 108 -98.76 -27.23 -0.24
CA GLU D 108 -98.64 -28.02 0.97
C GLU D 108 -99.74 -27.68 1.96
N ALA D 109 -100.07 -26.40 2.07
CA ALA D 109 -101.18 -25.98 2.92
C ALA D 109 -102.52 -26.51 2.42
N ARG D 110 -102.75 -26.51 1.10
CA ARG D 110 -103.97 -27.08 0.56
C ARG D 110 -104.07 -28.56 0.87
N ALA D 111 -102.95 -29.28 0.74
CA ALA D 111 -102.91 -30.70 1.10
C ALA D 111 -103.18 -30.90 2.58
N GLN D 112 -102.60 -30.05 3.43
CA GLN D 112 -102.83 -30.15 4.86
C GLN D 112 -104.30 -29.90 5.20
N ALA D 113 -104.93 -28.95 4.52
CA ALA D 113 -106.34 -28.70 4.71
C ALA D 113 -107.21 -29.88 4.27
N GLU D 114 -106.88 -30.50 3.14
CA GLU D 114 -107.62 -31.68 2.70
C GLU D 114 -107.47 -32.82 3.70
N GLN D 115 -106.25 -33.02 4.20
CA GLN D 115 -106.01 -34.02 5.24
C GLN D 115 -106.77 -33.70 6.51
N GLU D 116 -106.85 -32.43 6.89
CA GLU D 116 -107.62 -32.03 8.06
C GLU D 116 -109.11 -32.32 7.86
N ARG D 117 -109.62 -32.08 6.65
CA ARG D 117 -111.01 -32.40 6.37
C ARG D 117 -111.27 -33.90 6.46
N ILE D 118 -110.37 -34.71 5.92
CA ILE D 118 -110.53 -36.17 5.99
C ILE D 118 -110.47 -36.64 7.44
N ARG D 119 -109.53 -36.10 8.21
CA ARG D 119 -109.41 -36.48 9.61
C ARG D 119 -110.62 -36.04 10.42
N MET D 120 -111.17 -34.87 10.13
CA MET D 120 -112.38 -34.42 10.81
C MET D 120 -113.55 -35.34 10.49
N LEU D 121 -113.65 -35.77 9.23
CA LEU D 121 -114.68 -36.74 8.87
C LEU D 121 -114.51 -38.03 9.64
N SER D 122 -113.27 -38.52 9.75
CA SER D 122 -113.01 -39.76 10.49
C SER D 122 -113.35 -39.61 11.96
N GLU D 123 -113.00 -38.47 12.55
CA GLU D 123 -113.28 -38.19 13.96
C GLU D 123 -114.77 -38.12 14.22
N ALA D 124 -115.50 -37.48 13.31
CA ALA D 124 -116.95 -37.40 13.41
C ALA D 124 -117.55 -38.79 13.32
N LYS D 125 -117.00 -39.61 12.44
CA LYS D 125 -117.47 -40.99 12.31
C LYS D 125 -117.25 -41.76 13.61
N SER D 126 -116.08 -41.56 14.23
CA SER D 126 -115.77 -42.22 15.49
C SER D 126 -116.73 -41.78 16.60
N GLN D 127 -116.99 -40.48 16.67
CA GLN D 127 -117.92 -39.96 17.67
C GLN D 127 -119.32 -40.52 17.46
N ILE D 128 -119.77 -40.57 16.21
CA ILE D 128 -121.09 -41.12 15.89
C ILE D 128 -121.14 -42.60 16.26
N ALA D 129 -120.04 -43.32 16.03
CA ALA D 129 -119.99 -44.73 16.40
C ALA D 129 -120.09 -44.92 17.91
N ASP D 130 -119.40 -44.07 18.68
CA ASP D 130 -119.49 -44.17 20.13
C ASP D 130 -120.90 -43.86 20.63
N LEU D 131 -121.53 -42.82 20.06
CA LEU D 131 -122.90 -42.49 20.43
C LEU D 131 -123.85 -43.63 20.07
N VAL D 132 -123.63 -44.25 18.90
CA VAL D 132 -124.44 -45.38 18.48
C VAL D 132 -124.27 -46.55 19.44
N THR D 133 -123.05 -46.81 19.88
CA THR D 133 -122.81 -47.89 20.83
C THR D 133 -123.52 -47.64 22.15
N LEU D 134 -123.48 -46.40 22.64
CA LEU D 134 -124.16 -46.08 23.90
C LEU D 134 -125.67 -46.20 23.77
N THR D 135 -126.24 -45.64 22.70
CA THR D 135 -127.68 -45.73 22.50
C THR D 135 -128.11 -47.18 22.27
N ALA D 136 -127.27 -47.97 21.59
CA ALA D 136 -127.56 -49.38 21.42
C ALA D 136 -127.54 -50.12 22.75
N SER D 137 -126.60 -49.76 23.64
CA SER D 137 -126.58 -50.37 24.96
C SER D 137 -127.86 -50.06 25.73
N ARG D 138 -128.33 -48.81 25.67
CA ARG D 138 -129.56 -48.45 26.36
C ARG D 138 -130.77 -49.17 25.77
N VAL D 139 -130.90 -49.16 24.44
CA VAL D 139 -132.04 -49.80 23.79
C VAL D 139 -132.01 -51.31 24.03
N LEU D 140 -130.82 -51.90 24.04
CA LEU D 140 -130.68 -53.32 24.31
C LEU D 140 -131.08 -53.65 25.74
N GLY D 141 -130.69 -52.80 26.69
CA GLY D 141 -131.13 -53.00 28.06
C GLY D 141 -132.66 -53.00 28.17
N ALA D 142 -133.29 -52.02 27.53
CA ALA D 142 -134.75 -51.95 27.57
C ALA D 142 -135.39 -53.17 26.91
N GLU D 143 -134.91 -53.55 25.72
CA GLU D 143 -135.50 -54.66 24.98
C GLU D 143 -135.28 -55.98 25.69
N LEU D 144 -134.11 -56.16 26.31
CA LEU D 144 -133.84 -57.40 27.03
C LEU D 144 -134.64 -57.47 28.33
N GLN D 145 -134.87 -56.34 28.98
CA GLN D 145 -135.75 -56.32 30.13
C GLN D 145 -137.17 -56.70 29.72
N ALA D 146 -137.63 -56.20 28.57
CA ALA D 146 -138.94 -56.60 28.07
C ALA D 146 -138.98 -58.07 27.69
N ARG D 147 -137.85 -58.60 27.18
CA ARG D 147 -137.82 -59.97 26.66
C ARG D 147 -137.82 -61.00 27.78
N GLY D 148 -137.03 -60.77 28.82
CA GLY D 148 -136.81 -61.79 29.83
C GLY D 148 -135.53 -62.57 29.57
N HIS D 149 -134.96 -63.11 30.65
CA HIS D 149 -133.67 -63.76 30.60
C HIS D 149 -133.67 -65.16 31.20
N ASP D 150 -134.62 -66.01 30.80
CA ASP D 150 -134.73 -67.33 31.41
C ASP D 150 -133.65 -68.31 30.94
N ALA D 151 -133.31 -68.30 29.65
CA ALA D 151 -132.50 -69.38 29.08
C ALA D 151 -131.00 -69.14 29.17
N LEU D 152 -130.57 -68.09 29.86
CA LEU D 152 -129.14 -67.77 29.96
C LEU D 152 -128.33 -68.87 30.64
N ILE D 153 -128.95 -69.67 31.52
CA ILE D 153 -128.22 -70.72 32.21
C ILE D 153 -127.79 -71.81 31.23
N ALA D 154 -128.65 -72.14 30.27
CA ALA D 154 -128.32 -73.18 29.30
C ALA D 154 -127.11 -72.82 28.46
N GLU D 155 -126.92 -71.53 28.17
CA GLU D 155 -125.76 -71.10 27.41
C GLU D 155 -124.45 -71.24 28.18
N SER D 156 -124.50 -71.36 29.50
CA SER D 156 -123.30 -71.40 30.32
C SER D 156 -122.58 -72.74 30.26
N LEU D 157 -123.18 -73.78 29.66
CA LEU D 157 -122.59 -75.10 29.60
C LEU D 157 -122.35 -75.58 28.17
N ALA D 158 -121.93 -74.68 27.27
CA ALA D 158 -121.67 -75.08 25.89
C ALA D 158 -120.49 -76.04 25.80
N ALA D 159 -119.43 -75.78 26.56
CA ALA D 159 -118.24 -76.62 26.54
C ALA D 159 -117.79 -77.12 27.91
N LEU D 160 -118.55 -76.85 28.97
CA LEU D 160 -118.16 -77.30 30.31
C LEU D 160 -119.38 -77.81 31.07
N HIS E 31 23.59 30.42 -41.79
CA HIS E 31 23.18 31.66 -42.44
C HIS E 31 21.95 32.25 -41.76
N VAL E 32 22.15 32.84 -40.58
CA VAL E 32 21.04 33.41 -39.83
C VAL E 32 20.93 34.89 -40.14
N GLU E 33 19.69 35.36 -40.31
CA GLU E 33 19.43 36.77 -40.57
C GLU E 33 18.23 37.29 -39.77
N VAL E 34 17.94 36.67 -38.62
CA VAL E 34 16.81 37.10 -37.82
C VAL E 34 17.10 38.46 -37.20
N ALA E 35 16.04 39.15 -36.78
CA ALA E 35 16.17 40.47 -36.19
C ALA E 35 15.04 40.68 -35.19
N ALA E 36 15.25 41.63 -34.29
CA ALA E 36 14.27 41.96 -33.26
C ALA E 36 13.19 42.85 -33.85
N GLU E 37 12.15 43.12 -33.04
CA GLU E 37 11.02 43.94 -33.48
C GLU E 37 10.64 44.99 -32.45
N VAL E 38 11.62 45.72 -31.92
CA VAL E 38 11.33 46.77 -30.95
C VAL E 38 10.65 47.94 -31.66
N ILE E 39 9.34 48.06 -31.48
CA ILE E 39 8.55 49.10 -32.13
C ILE E 39 7.60 49.73 -31.13
N PHE E 40 6.77 50.65 -31.58
CA PHE E 40 5.82 51.36 -30.72
C PHE E 40 4.44 51.32 -31.36
N ASP E 41 3.44 50.91 -30.57
CA ASP E 41 2.05 50.96 -31.05
C ASP E 41 1.54 52.38 -31.08
N GLY E 42 2.07 53.24 -30.20
CA GLY E 42 1.71 54.64 -30.24
C GLY E 42 2.22 55.33 -31.50
N ILE E 43 3.28 54.78 -32.09
CA ILE E 43 3.79 55.26 -33.38
C ILE E 43 2.81 54.84 -34.47
N PRO E 44 2.82 55.50 -35.63
CA PRO E 44 1.89 55.13 -36.69
C PRO E 44 2.22 53.77 -37.28
N GLY E 45 1.28 53.26 -38.07
CA GLY E 45 1.50 51.98 -38.73
C GLY E 45 2.67 52.06 -39.70
N PHE E 46 3.63 51.16 -39.50
CA PHE E 46 4.85 51.18 -40.29
C PHE E 46 4.57 50.74 -41.72
N PRO E 47 5.40 51.17 -42.67
CA PRO E 47 5.28 50.66 -44.04
C PRO E 47 5.46 49.15 -44.13
N ILE E 48 6.33 48.58 -43.30
CA ILE E 48 6.45 47.13 -43.23
C ILE E 48 5.42 46.56 -42.26
N THR E 49 5.53 46.94 -40.98
CA THR E 49 4.58 46.56 -39.93
C THR E 49 4.30 45.06 -39.93
N ASN E 50 5.39 44.27 -39.89
CA ASN E 50 5.28 42.83 -40.03
C ASN E 50 4.42 42.22 -38.93
N SER E 51 4.58 42.72 -37.69
CA SER E 51 3.71 42.26 -36.61
C SER E 51 2.27 42.69 -36.85
N PHE E 52 2.06 43.93 -37.28
CA PHE E 52 0.71 44.39 -37.60
C PHE E 52 0.15 43.64 -38.79
N VAL E 53 0.99 43.32 -39.77
CA VAL E 53 0.55 42.52 -40.91
C VAL E 53 0.11 41.14 -40.47
N VAL E 54 0.87 40.52 -39.57
CA VAL E 54 0.51 39.20 -39.05
C VAL E 54 -0.78 39.29 -38.25
N ALA E 55 -0.97 40.38 -37.49
CA ALA E 55 -2.21 40.57 -36.75
C ALA E 55 -3.41 40.69 -37.69
N ILE E 56 -3.24 41.45 -38.78
CA ILE E 56 -4.30 41.59 -39.76
C ILE E 56 -4.61 40.26 -40.42
N ILE E 57 -3.57 39.47 -40.72
CA ILE E 57 -3.77 38.16 -41.32
C ILE E 57 -4.53 37.25 -40.36
N ILE E 58 -4.18 37.30 -39.08
CA ILE E 58 -4.87 36.47 -38.08
C ILE E 58 -6.34 36.88 -37.96
N ASP E 59 -6.60 38.20 -37.96
CA ASP E 59 -7.98 38.68 -37.91
C ASP E 59 -8.77 38.24 -39.13
N ILE E 60 -8.15 38.30 -40.31
CA ILE E 60 -8.81 37.86 -41.53
C ILE E 60 -9.09 36.36 -41.49
N PHE E 61 -8.15 35.58 -40.97
CA PHE E 61 -8.36 34.15 -40.83
C PHE E 61 -9.50 33.85 -39.86
N VAL E 62 -9.57 34.59 -38.76
CA VAL E 62 -10.66 34.41 -37.80
C VAL E 62 -12.00 34.74 -38.45
N ILE E 63 -12.05 35.84 -39.20
CA ILE E 63 -13.29 36.24 -39.88
C ILE E 63 -13.69 35.19 -40.91
N ALA E 64 -12.72 34.66 -41.66
CA ALA E 64 -13.03 33.63 -42.65
C ALA E 64 -13.53 32.35 -42.00
N LEU E 65 -12.93 31.97 -40.86
CA LEU E 65 -13.39 30.79 -40.14
C LEU E 65 -14.80 31.00 -39.60
N ALA E 66 -15.09 32.20 -39.10
CA ALA E 66 -16.45 32.50 -38.63
C ALA E 66 -17.45 32.44 -39.79
N VAL E 67 -17.07 32.96 -40.96
CA VAL E 67 -17.96 32.92 -42.12
C VAL E 67 -18.20 31.48 -42.56
N ALA E 68 -17.15 30.67 -42.61
CA ALA E 68 -17.30 29.27 -42.99
C ALA E 68 -18.06 28.45 -41.95
N ALA E 69 -18.04 28.86 -40.68
CA ALA E 69 -18.76 28.17 -39.63
C ALA E 69 -20.18 28.69 -39.44
N THR E 70 -20.57 29.74 -40.14
CA THR E 70 -21.91 30.30 -40.00
C THR E 70 -22.75 30.12 -41.26
N ARG E 71 -22.09 30.13 -42.43
CA ARG E 71 -22.81 29.89 -43.67
C ARG E 71 -23.37 28.48 -43.73
N ASN E 72 -22.52 27.48 -43.50
CA ASN E 72 -22.97 26.09 -43.35
C ASN E 72 -23.03 25.71 -41.87
N LEU E 73 -23.98 26.33 -41.17
CA LEU E 73 -24.10 26.19 -39.72
C LEU E 73 -25.29 25.32 -39.37
N GLN E 74 -25.07 24.39 -38.45
CA GLN E 74 -26.11 23.51 -37.92
C GLN E 74 -26.01 23.50 -36.40
N MET E 75 -26.98 22.81 -35.76
CA MET E 75 -26.97 22.72 -34.30
C MET E 75 -25.74 21.97 -33.80
N VAL E 76 -25.40 20.85 -34.44
CA VAL E 76 -24.19 20.11 -34.10
C VAL E 76 -23.46 19.76 -35.39
N PRO E 77 -23.02 20.74 -36.17
CA PRO E 77 -22.28 20.42 -37.40
C PRO E 77 -20.85 20.00 -37.09
N ARG E 78 -20.35 19.07 -37.91
CA ARG E 78 -18.99 18.56 -37.77
C ARG E 78 -18.02 19.57 -38.33
N GLY E 79 -17.13 20.07 -37.47
CA GLY E 79 -16.17 21.08 -37.88
C GLY E 79 -16.74 22.49 -37.87
N LEU E 80 -17.88 22.69 -38.54
CA LEU E 80 -18.50 24.00 -38.57
C LEU E 80 -18.99 24.41 -37.20
N GLN E 81 -19.71 23.52 -36.50
CA GLN E 81 -20.21 23.81 -35.17
C GLN E 81 -19.57 22.94 -34.09
N ASN E 82 -18.96 21.81 -34.46
CA ASN E 82 -18.31 20.96 -33.48
C ASN E 82 -17.14 21.66 -32.79
N VAL E 83 -16.32 22.37 -33.57
CA VAL E 83 -15.18 23.09 -32.99
C VAL E 83 -15.67 24.20 -32.07
N MET E 84 -16.70 24.94 -32.49
CA MET E 84 -17.23 26.01 -31.67
C MET E 84 -17.81 25.47 -30.37
N GLU E 85 -18.54 24.36 -30.44
CA GLU E 85 -19.10 23.75 -29.24
C GLU E 85 -18.00 23.26 -28.31
N PHE E 86 -17.02 22.55 -28.86
CA PHE E 86 -15.93 22.01 -28.04
C PHE E 86 -14.98 23.09 -27.54
N ILE E 87 -15.05 24.31 -28.07
CA ILE E 87 -14.16 25.37 -27.63
C ILE E 87 -14.87 26.28 -26.64
N LEU E 88 -15.96 26.93 -27.09
CA LEU E 88 -16.63 27.93 -26.29
C LEU E 88 -17.24 27.33 -25.03
N GLU E 89 -17.94 26.21 -25.17
CA GLU E 89 -18.57 25.58 -24.02
C GLU E 89 -17.52 25.06 -23.04
N SER E 90 -16.44 24.48 -23.56
CA SER E 90 -15.38 23.99 -22.68
C SER E 90 -14.73 25.13 -21.91
N LEU E 91 -14.47 26.25 -22.59
CA LEU E 91 -13.89 27.41 -21.91
C LEU E 91 -14.84 27.96 -20.87
N TYR E 92 -16.14 28.03 -21.18
CA TYR E 92 -17.12 28.51 -20.23
C TYR E 92 -17.19 27.60 -19.00
N ASN E 93 -17.15 26.29 -19.23
CA ASN E 93 -17.18 25.35 -18.11
C ASN E 93 -15.92 25.48 -17.26
N LEU E 94 -14.76 25.65 -17.89
CA LEU E 94 -13.52 25.83 -17.15
C LEU E 94 -13.57 27.10 -16.32
N PHE E 95 -14.09 28.19 -16.90
CA PHE E 95 -14.19 29.44 -16.16
C PHE E 95 -15.17 29.32 -15.00
N ARG E 96 -16.30 28.63 -15.22
CA ARG E 96 -17.27 28.44 -14.16
C ARG E 96 -16.68 27.62 -13.02
N ASN E 97 -15.95 26.56 -13.35
CA ASN E 97 -15.28 25.78 -12.32
C ASN E 97 -14.18 26.59 -11.65
N ILE E 98 -13.63 27.57 -12.36
CA ILE E 98 -12.55 28.41 -11.84
C ILE E 98 -13.12 29.37 -10.79
N ASN E 99 -14.12 30.15 -11.18
CA ASN E 99 -14.72 31.16 -10.31
C ASN E 99 -16.10 31.51 -10.85
N ALA E 100 -17.11 31.40 -9.98
CA ALA E 100 -18.46 31.78 -10.36
C ALA E 100 -18.68 33.27 -10.12
N LYS E 101 -19.88 33.74 -10.51
CA LYS E 101 -20.35 35.11 -10.34
C LYS E 101 -19.57 36.09 -11.21
N TYR E 102 -18.56 35.60 -11.91
CA TYR E 102 -17.83 36.44 -12.86
C TYR E 102 -17.54 35.67 -14.14
N VAL E 103 -17.86 34.37 -14.15
CA VAL E 103 -17.54 33.53 -15.31
C VAL E 103 -18.28 34.02 -16.53
N ALA E 104 -19.59 34.27 -16.40
CA ALA E 104 -20.35 34.85 -17.49
C ALA E 104 -20.04 36.33 -17.65
N THR E 105 -19.70 37.00 -16.54
CA THR E 105 -19.45 38.44 -16.57
C THR E 105 -18.17 38.77 -17.35
N ALA E 106 -17.28 37.80 -17.51
CA ALA E 106 -16.03 37.99 -18.23
C ALA E 106 -15.77 36.85 -19.21
N PHE E 107 -16.83 36.15 -19.61
CA PHE E 107 -16.74 35.08 -20.61
C PHE E 107 -16.19 35.64 -21.91
N PRO E 108 -16.67 36.80 -22.36
CA PRO E 108 -16.16 37.36 -23.62
C PRO E 108 -14.72 37.83 -23.53
N LEU E 109 -14.22 38.15 -22.34
CA LEU E 109 -12.83 38.59 -22.21
C LEU E 109 -11.86 37.46 -22.54
N VAL E 110 -12.07 36.30 -21.93
CA VAL E 110 -11.26 35.14 -22.27
C VAL E 110 -11.49 34.71 -23.71
N ALA E 111 -12.71 34.89 -24.22
CA ALA E 111 -12.98 34.61 -25.62
C ALA E 111 -12.13 35.49 -26.53
N THR E 112 -11.98 36.76 -26.17
CA THR E 112 -11.05 37.63 -26.87
C THR E 112 -9.63 37.14 -26.74
N ILE E 113 -9.27 36.67 -25.54
CA ILE E 113 -7.91 36.08 -25.34
C ILE E 113 -7.84 34.82 -26.21
N PHE E 114 -8.97 34.12 -26.37
CA PHE E 114 -9.01 32.91 -27.22
C PHE E 114 -8.95 33.34 -28.69
N LEU E 115 -8.60 32.41 -29.59
CA LEU E 115 -8.44 32.74 -31.03
C LEU E 115 -7.44 33.88 -31.16
N PHE E 116 -6.52 34.00 -30.19
CA PHE E 116 -5.50 35.07 -30.22
C PHE E 116 -4.17 34.50 -29.68
N VAL E 117 -3.05 35.11 -30.06
CA VAL E 117 -1.71 34.60 -29.63
C VAL E 117 -1.47 33.24 -30.29
N LEU E 118 -2.26 32.22 -29.92
CA LEU E 118 -2.15 30.89 -30.55
C LEU E 118 -2.53 31.00 -32.02
N PHE E 119 -3.59 31.76 -32.32
CA PHE E 119 -4.03 31.97 -33.72
C PHE E 119 -2.87 32.60 -34.50
N GLY E 120 -2.30 33.67 -33.97
CA GLY E 120 -1.12 34.29 -34.61
C GLY E 120 0.06 33.34 -34.60
N ASN E 121 0.24 32.61 -33.48
CA ASN E 121 1.34 31.63 -33.38
C ASN E 121 1.24 30.64 -34.54
N TRP E 122 0.02 30.22 -34.88
CA TRP E 122 -0.17 29.28 -36.00
C TRP E 122 0.21 29.93 -37.32
N PHE E 123 -0.16 31.19 -37.51
CA PHE E 123 0.31 31.95 -38.66
C PHE E 123 1.83 32.09 -38.63
N GLY E 124 2.39 32.33 -37.44
CA GLY E 124 3.82 32.37 -37.26
C GLY E 124 4.50 31.02 -37.15
N LEU E 125 3.74 29.93 -37.13
CA LEU E 125 4.31 28.59 -37.01
C LEU E 125 4.86 28.08 -38.33
N LEU E 126 5.83 28.81 -38.88
CA LEU E 126 6.49 28.46 -40.14
C LEU E 126 5.49 28.23 -41.27
N PRO E 127 4.64 29.21 -41.56
CA PRO E 127 3.63 29.01 -42.61
C PRO E 127 4.18 29.14 -44.01
N GLY E 128 5.32 28.48 -44.27
CA GLY E 128 5.89 28.42 -45.59
C GLY E 128 6.65 29.66 -46.03
N VAL E 129 6.55 30.77 -45.30
CA VAL E 129 7.18 32.01 -45.75
C VAL E 129 8.17 32.51 -44.72
N GLY E 130 7.67 32.87 -43.54
CA GLY E 130 8.52 33.55 -42.57
C GLY E 130 9.04 34.89 -43.08
N SER E 131 8.26 35.58 -43.91
CA SER E 131 8.65 36.84 -44.53
C SER E 131 9.95 36.70 -45.32
N ILE E 132 10.14 35.54 -45.95
CA ILE E 132 11.30 35.27 -46.78
C ILE E 132 11.18 36.10 -48.06
N GLY E 133 12.32 36.58 -48.53
CA GLY E 133 12.36 37.42 -49.71
C GLY E 133 11.68 38.76 -49.54
N VAL E 134 11.77 39.35 -48.35
CA VAL E 134 11.23 40.67 -48.08
C VAL E 134 12.38 41.63 -47.84
N CYS E 135 12.55 42.58 -48.74
CA CYS E 135 13.66 43.53 -48.64
C CYS E 135 13.25 44.78 -47.87
N ALA E 188 0.58 40.46 -33.99
CA ALA E 188 0.66 39.33 -33.07
C ALA E 188 2.03 39.27 -32.41
N ALA E 189 3.07 39.34 -33.24
CA ALA E 189 4.43 39.27 -32.71
C ALA E 189 4.82 40.56 -31.97
N ASP E 190 4.01 41.61 -32.10
CA ASP E 190 4.33 42.88 -31.46
C ASP E 190 4.22 42.77 -29.96
N LEU E 191 5.32 43.08 -29.27
CA LEU E 191 5.29 43.16 -27.81
C LEU E 191 4.40 44.31 -27.35
N ASN E 192 4.28 45.35 -28.18
CA ASN E 192 3.32 46.41 -27.92
C ASN E 192 1.89 45.87 -27.94
N PHE E 193 1.60 45.00 -28.92
CA PHE E 193 0.31 44.31 -28.93
C PHE E 193 0.18 43.44 -27.69
N THR E 194 1.27 42.78 -27.31
CA THR E 194 1.30 42.09 -26.02
C THR E 194 1.13 43.08 -24.87
N PHE E 195 1.79 44.23 -24.97
CA PHE E 195 1.61 45.28 -23.97
C PHE E 195 0.18 45.81 -23.97
N ALA E 196 -0.44 45.94 -25.15
CA ALA E 196 -1.82 46.37 -25.22
C ALA E 196 -2.75 45.36 -24.55
N ILE E 197 -2.52 44.07 -24.79
CA ILE E 197 -3.33 43.04 -24.16
C ILE E 197 -3.11 43.05 -22.65
N ALA E 198 -1.87 43.30 -22.22
CA ALA E 198 -1.58 43.39 -20.80
C ALA E 198 -2.31 44.58 -20.17
N VAL E 199 -2.34 45.71 -20.86
CA VAL E 199 -3.06 46.87 -20.35
C VAL E 199 -4.56 46.57 -20.29
N ILE E 200 -5.08 45.85 -21.28
CA ILE E 200 -6.48 45.47 -21.27
C ILE E 200 -6.78 44.56 -20.08
N SER E 201 -5.88 43.62 -19.80
CA SER E 201 -6.05 42.73 -18.66
C SER E 201 -6.01 43.51 -17.35
N PHE E 202 -5.06 44.44 -17.23
CA PHE E 202 -4.95 45.26 -16.02
C PHE E 202 -6.20 46.11 -15.84
N VAL E 203 -6.76 46.63 -16.93
CA VAL E 203 -8.02 47.35 -16.86
C VAL E 203 -9.13 46.42 -16.39
N PHE E 204 -9.19 45.21 -16.95
CA PHE E 204 -10.13 44.20 -16.46
C PHE E 204 -9.84 43.86 -15.01
N ILE E 205 -8.56 43.92 -14.62
CA ILE E 205 -8.19 43.77 -13.22
C ILE E 205 -8.56 45.01 -12.41
N GLU E 206 -9.07 46.05 -13.07
CA GLU E 206 -9.49 47.25 -12.35
C GLU E 206 -10.95 47.59 -12.66
N TYR E 207 -11.44 47.18 -13.83
CA TYR E 207 -12.84 47.40 -14.18
C TYR E 207 -13.69 46.43 -13.38
N TRP E 208 -13.49 45.13 -13.59
CA TRP E 208 -14.09 44.14 -12.71
C TRP E 208 -13.37 44.09 -11.37
N GLY E 209 -12.09 44.42 -11.36
CA GLY E 209 -11.33 44.49 -10.12
C GLY E 209 -11.86 45.54 -9.18
N PHE E 210 -12.23 45.13 -7.97
CA PHE E 210 -12.88 45.96 -6.97
C PHE E 210 -14.21 46.53 -7.45
N ARG E 211 -14.77 46.00 -8.54
CA ARG E 211 -16.12 46.40 -8.94
C ARG E 211 -17.13 45.99 -7.89
N ALA E 212 -17.01 44.77 -7.38
CA ALA E 212 -17.86 44.32 -6.27
C ALA E 212 -17.30 44.69 -4.91
N LEU E 213 -16.08 45.24 -4.85
CA LEU E 213 -15.46 45.59 -3.59
C LEU E 213 -15.26 47.09 -3.41
N GLY E 214 -14.57 47.75 -4.33
CA GLY E 214 -14.26 49.14 -4.20
C GLY E 214 -13.07 49.36 -3.30
N PRO E 215 -13.28 49.20 -1.99
CA PRO E 215 -12.17 49.23 -1.04
C PRO E 215 -11.39 47.93 -0.93
N GLY E 216 -11.87 46.84 -1.55
CA GLY E 216 -11.21 45.56 -1.42
C GLY E 216 -9.80 45.55 -1.96
N TYR E 217 -9.54 46.31 -3.01
CA TYR E 217 -8.16 46.47 -3.48
C TYR E 217 -7.28 47.13 -2.43
N LEU E 218 -7.80 48.12 -1.73
CA LEU E 218 -7.08 48.78 -0.65
C LEU E 218 -7.36 48.16 0.72
N LYS E 219 -8.27 47.18 0.80
CA LYS E 219 -8.56 46.54 2.07
C LYS E 219 -7.37 45.74 2.55
N LYS E 220 -7.17 45.72 3.87
CA LYS E 220 -6.03 45.04 4.51
C LYS E 220 -4.70 45.53 3.94
N PHE E 221 -4.61 46.84 3.71
CA PHE E 221 -3.39 47.46 3.20
C PHE E 221 -3.09 48.66 4.10
N PHE E 222 -1.95 48.60 4.81
CA PHE E 222 -1.53 49.64 5.75
C PHE E 222 -2.58 49.89 6.82
N ASN E 223 -3.24 48.83 7.28
CA ASN E 223 -4.25 48.93 8.32
C ASN E 223 -3.58 48.82 9.69
N THR E 224 -4.40 48.59 10.73
CA THR E 224 -3.85 48.32 12.06
C THR E 224 -3.05 47.02 12.07
N ASN E 225 -3.32 46.15 11.11
CA ASN E 225 -2.49 44.98 10.84
C ASN E 225 -1.38 45.28 9.83
N GLY E 226 -0.89 46.53 9.82
CA GLY E 226 0.09 46.96 8.84
C GLY E 226 1.36 46.14 8.81
N ILE E 227 1.72 45.49 9.93
CA ILE E 227 2.92 44.66 9.98
C ILE E 227 2.84 43.54 8.95
N MET E 228 1.67 42.96 8.75
CA MET E 228 1.44 41.97 7.71
C MET E 228 0.90 42.57 6.43
N SER E 229 0.23 43.73 6.53
CA SER E 229 -0.36 44.39 5.36
C SER E 229 0.70 45.05 4.49
N PHE E 230 1.92 45.22 5.02
CA PHE E 230 3.00 45.78 4.23
C PHE E 230 3.33 44.90 3.03
N VAL E 231 3.27 43.58 3.21
CA VAL E 231 3.37 42.65 2.08
C VAL E 231 2.20 42.78 1.13
N GLY E 232 1.07 43.35 1.57
CA GLY E 232 -0.05 43.56 0.67
C GLY E 232 0.26 44.54 -0.44
N ILE E 233 0.96 45.62 -0.11
CA ILE E 233 1.35 46.59 -1.13
C ILE E 233 2.35 45.98 -2.11
N ILE E 234 3.27 45.15 -1.58
CA ILE E 234 4.20 44.44 -2.44
C ILE E 234 3.44 43.49 -3.36
N GLU E 235 2.41 42.83 -2.84
CA GLU E 235 1.58 41.95 -3.66
C GLU E 235 0.85 42.74 -4.73
N PHE E 236 0.38 43.94 -4.40
CA PHE E 236 -0.27 44.79 -5.39
C PHE E 236 0.70 45.18 -6.50
N ILE E 237 1.93 45.53 -6.13
CA ILE E 237 2.94 45.86 -7.13
C ILE E 237 3.27 44.64 -7.97
N SER E 238 3.32 43.47 -7.34
CA SER E 238 3.55 42.23 -8.07
C SER E 238 2.43 41.95 -9.05
N GLU E 239 1.19 42.20 -8.65
CA GLU E 239 0.06 42.05 -9.56
C GLU E 239 0.14 43.03 -10.71
N LEU E 240 0.58 44.26 -10.44
CA LEU E 240 0.78 45.24 -11.50
C LEU E 240 1.82 44.76 -12.50
N VAL E 241 2.96 44.25 -12.00
CA VAL E 241 3.97 43.65 -12.87
C VAL E 241 3.48 42.39 -13.56
N LYS E 242 2.51 41.69 -12.98
CA LYS E 242 2.00 40.45 -13.57
C LYS E 242 1.42 40.68 -14.95
N PRO E 243 0.68 41.76 -15.22
CA PRO E 243 0.33 42.04 -16.62
C PRO E 243 1.56 42.22 -17.49
N PHE E 244 2.58 42.91 -16.99
CA PHE E 244 3.83 43.03 -17.74
C PHE E 244 4.49 41.67 -17.91
N ALA E 245 4.40 40.82 -16.89
CA ALA E 245 4.92 39.46 -17.00
C ALA E 245 4.21 38.67 -18.10
N LEU E 246 2.88 38.81 -18.17
CA LEU E 246 2.11 38.14 -19.21
C LEU E 246 2.48 38.69 -20.58
N ALA E 247 2.68 40.00 -20.68
CA ALA E 247 3.08 40.60 -21.95
C ALA E 247 4.44 40.08 -22.40
N PHE E 248 5.39 39.98 -21.47
CA PHE E 248 6.70 39.43 -21.80
C PHE E 248 6.59 37.97 -22.21
N ARG E 249 5.79 37.19 -21.49
CA ARG E 249 5.62 35.77 -21.83
C ARG E 249 4.97 35.63 -23.20
N LEU E 250 4.11 36.56 -23.56
CA LEU E 250 3.58 36.59 -24.93
C LEU E 250 4.69 36.90 -25.92
N PHE E 251 5.49 37.92 -25.63
CA PHE E 251 6.70 38.17 -26.41
C PHE E 251 7.64 36.97 -26.31
N GLY E 252 7.66 36.32 -25.15
CA GLY E 252 8.35 35.06 -25.02
C GLY E 252 7.76 33.99 -25.92
N ASN E 253 8.66 33.15 -26.44
CA ASN E 253 8.34 32.01 -27.29
C ASN E 253 7.79 32.44 -28.64
N ILE E 254 7.60 33.75 -28.83
CA ILE E 254 7.24 34.27 -30.15
C ILE E 254 8.48 34.71 -30.90
N PHE E 255 9.19 35.70 -30.34
CA PHE E 255 10.52 36.01 -30.84
C PHE E 255 11.45 34.82 -30.65
N ALA E 256 11.30 34.11 -29.54
CA ALA E 256 12.09 32.90 -29.32
C ALA E 256 11.73 31.82 -30.32
N GLY E 257 10.44 31.72 -30.67
CA GLY E 257 10.05 30.77 -31.70
C GLY E 257 10.63 31.10 -33.06
N GLU E 258 10.61 32.39 -33.43
CA GLU E 258 11.24 32.81 -34.67
C GLU E 258 12.73 32.55 -34.64
N VAL E 259 13.37 32.75 -33.49
CA VAL E 259 14.79 32.48 -33.36
C VAL E 259 15.07 30.99 -33.52
N LEU E 260 14.21 30.15 -32.95
CA LEU E 260 14.38 28.70 -33.11
C LEU E 260 14.23 28.30 -34.57
N LEU E 261 13.26 28.90 -35.27
CA LEU E 261 13.10 28.62 -36.69
C LEU E 261 14.33 29.05 -37.48
N VAL E 262 14.89 30.23 -37.16
CA VAL E 262 16.06 30.72 -37.86
C VAL E 262 17.27 29.84 -37.57
N VAL E 263 17.38 29.36 -36.32
CA VAL E 263 18.47 28.46 -35.96
C VAL E 263 18.36 27.15 -36.72
N MET E 264 17.14 26.62 -36.84
CA MET E 264 16.92 25.47 -37.71
C MET E 264 17.23 25.80 -39.16
N ALA E 265 17.12 27.08 -39.54
CA ALA E 265 17.50 27.50 -40.88
C ALA E 265 18.99 27.80 -40.96
N PHE E 266 19.56 28.38 -39.90
CA PHE E 266 20.99 28.70 -39.89
C PHE E 266 21.84 27.44 -39.96
N LEU E 267 21.45 26.39 -39.24
CA LEU E 267 22.18 25.13 -39.25
C LEU E 267 21.17 23.99 -39.22
N VAL E 268 21.59 22.81 -39.67
CA VAL E 268 20.74 21.63 -39.78
C VAL E 268 19.57 21.95 -40.69
N PRO E 269 19.79 22.08 -42.00
CA PRO E 269 18.68 22.45 -42.91
C PRO E 269 17.69 21.32 -43.14
N LEU E 270 16.74 21.56 -44.06
CA LEU E 270 15.67 20.61 -44.39
C LEU E 270 14.84 20.27 -43.16
N LEU E 271 14.20 21.31 -42.61
CA LEU E 271 13.31 21.23 -41.43
C LEU E 271 14.14 20.67 -40.27
N LEU E 272 13.61 19.75 -39.47
CA LEU E 272 14.34 19.17 -38.36
C LEU E 272 13.74 17.81 -38.03
N PRO E 273 14.56 16.78 -37.83
CA PRO E 273 14.01 15.47 -37.44
C PRO E 273 13.24 15.53 -36.13
N LEU E 274 13.71 16.30 -35.16
CA LEU E 274 12.91 16.62 -34.00
C LEU E 274 11.89 17.70 -34.37
N PRO E 275 10.61 17.46 -34.09
CA PRO E 275 9.60 18.45 -34.46
C PRO E 275 9.68 19.70 -33.61
N PHE E 276 10.75 20.48 -33.79
CA PHE E 276 10.93 21.69 -33.00
C PHE E 276 9.84 22.71 -33.30
N TYR E 277 9.51 22.89 -34.58
CA TYR E 277 8.46 23.84 -34.95
C TYR E 277 7.11 23.38 -34.44
N GLY E 278 6.83 22.09 -34.50
CA GLY E 278 5.57 21.58 -33.99
C GLY E 278 5.46 21.72 -32.47
N PHE E 279 6.54 21.42 -31.76
CA PHE E 279 6.56 21.62 -30.32
C PHE E 279 6.40 23.09 -29.97
N GLU E 280 7.01 23.97 -30.77
CA GLU E 280 6.83 25.41 -30.56
C GLU E 280 5.38 25.82 -30.77
N VAL E 281 4.73 25.28 -31.79
CA VAL E 281 3.33 25.61 -32.04
C VAL E 281 2.45 25.12 -30.90
N PHE E 282 2.70 23.90 -30.43
CA PHE E 282 1.94 23.37 -29.30
C PHE E 282 2.17 24.21 -28.05
N VAL E 283 3.42 24.62 -27.81
CA VAL E 283 3.73 25.45 -26.65
C VAL E 283 3.07 26.81 -26.80
N GLY E 284 2.98 27.33 -28.02
CA GLY E 284 2.31 28.61 -28.23
C GLY E 284 0.81 28.53 -27.98
N PHE E 285 0.18 27.44 -28.41
CA PHE E 285 -1.23 27.24 -28.09
C PHE E 285 -1.43 27.11 -26.59
N ILE E 286 -0.55 26.36 -25.93
CA ILE E 286 -0.60 26.24 -24.48
C ILE E 286 -0.37 27.59 -23.83
N GLN E 287 0.47 28.43 -24.43
CA GLN E 287 0.76 29.74 -23.87
C GLN E 287 -0.43 30.68 -24.02
N ALA E 288 -1.13 30.61 -25.14
CA ALA E 288 -2.37 31.39 -25.27
C ALA E 288 -3.41 30.94 -24.26
N LEU E 289 -3.56 29.63 -24.10
CA LEU E 289 -4.46 29.11 -23.06
C LEU E 289 -4.01 29.57 -21.68
N ILE E 290 -2.70 29.62 -21.46
CA ILE E 290 -2.16 30.03 -20.17
C ILE E 290 -2.39 31.52 -19.96
N PHE E 291 -2.36 32.31 -21.03
CA PHE E 291 -2.67 33.73 -20.91
C PHE E 291 -4.12 33.93 -20.51
N ALA E 292 -5.03 33.18 -21.14
CA ALA E 292 -6.43 33.23 -20.73
C ALA E 292 -6.59 32.78 -19.29
N LEU E 293 -5.87 31.73 -18.91
CA LEU E 293 -5.89 31.24 -17.55
C LEU E 293 -5.35 32.28 -16.57
N LEU E 294 -4.31 33.01 -16.96
CA LEU E 294 -3.76 34.05 -16.10
C LEU E 294 -4.74 35.20 -15.92
N THR E 295 -5.47 35.53 -16.99
CA THR E 295 -6.54 36.52 -16.86
C THR E 295 -7.59 36.05 -15.86
N TYR E 296 -8.05 34.80 -16.01
CA TYR E 296 -9.04 34.26 -15.08
C TYR E 296 -8.48 34.17 -13.67
N ALA E 297 -7.18 33.92 -13.55
CA ALA E 297 -6.54 33.82 -12.24
C ALA E 297 -6.44 35.16 -11.56
N PHE E 298 -6.10 36.20 -12.31
CA PHE E 298 -6.14 37.55 -11.75
C PHE E 298 -7.55 37.92 -11.33
N LEU E 299 -8.54 37.50 -12.12
CA LEU E 299 -9.93 37.73 -11.74
C LEU E 299 -10.27 37.03 -10.42
N ASN E 300 -9.87 35.77 -10.29
CA ASN E 300 -10.17 35.02 -9.07
C ASN E 300 -9.41 35.58 -7.87
N ILE E 301 -8.20 36.09 -8.11
CA ILE E 301 -7.45 36.75 -7.04
C ILE E 301 -8.17 38.01 -6.60
N ALA E 302 -8.69 38.79 -7.55
CA ALA E 302 -9.43 39.98 -7.20
C ALA E 302 -10.80 39.64 -6.61
N VAL E 303 -11.24 38.39 -6.75
CA VAL E 303 -12.55 38.00 -6.23
C VAL E 303 -12.56 38.08 -4.71
N THR E 304 -11.45 37.76 -4.07
CA THR E 304 -11.37 37.84 -2.61
C THR E 304 -9.96 38.13 -2.13
N GLU F 2 44.04 44.93 -4.87
CA GLU F 2 42.83 45.59 -5.37
C GLU F 2 41.60 45.14 -4.60
N GLY F 3 41.80 44.79 -3.32
CA GLY F 3 40.71 44.29 -2.52
C GLY F 3 40.62 42.78 -2.56
N LEU F 4 41.68 42.14 -3.06
CA LEU F 4 41.70 40.68 -3.16
C LEU F 4 41.57 40.02 -1.79
N ASN F 5 42.29 40.55 -0.79
CA ASN F 5 42.12 40.05 0.57
C ASN F 5 40.70 40.29 1.09
N LEU F 6 40.14 41.47 0.80
CA LEU F 6 38.73 41.70 1.09
C LEU F 6 37.85 40.73 0.31
N VAL F 7 38.19 40.51 -0.96
CA VAL F 7 37.51 39.49 -1.74
C VAL F 7 37.75 38.12 -1.13
N ALA F 8 38.96 37.87 -0.60
CA ALA F 8 39.26 36.61 0.05
C ALA F 8 38.38 36.42 1.28
N THR F 9 38.18 37.48 2.06
CA THR F 9 37.38 37.38 3.27
C THR F 9 35.94 37.03 2.95
N ALA F 10 35.48 37.39 1.76
CA ALA F 10 34.07 37.20 1.41
C ALA F 10 33.75 35.74 1.15
N LEU F 11 34.68 35.00 0.54
CA LEU F 11 34.34 33.71 -0.05
C LEU F 11 33.91 32.69 1.00
N ALA F 12 34.71 32.51 2.05
CA ALA F 12 34.41 31.49 3.05
C ALA F 12 33.16 31.85 3.85
N VAL F 13 33.00 33.15 4.14
CA VAL F 13 31.95 33.58 5.06
C VAL F 13 30.57 33.25 4.49
N GLY F 14 30.32 33.64 3.23
CA GLY F 14 29.01 33.41 2.66
C GLY F 14 28.75 31.95 2.33
N LEU F 15 29.74 31.28 1.75
CA LEU F 15 29.53 29.97 1.16
C LEU F 15 29.35 28.85 2.17
N GLY F 16 30.16 28.80 3.22
CA GLY F 16 30.17 27.65 4.12
C GLY F 16 28.88 27.42 4.88
N ALA F 17 28.33 28.49 5.44
CA ALA F 17 27.14 28.38 6.28
C ALA F 17 25.88 28.00 5.52
N ILE F 18 25.93 28.02 4.18
CA ILE F 18 24.73 27.72 3.39
C ILE F 18 24.27 26.30 3.66
N GLY F 19 25.18 25.34 3.56
CA GLY F 19 24.86 23.96 3.86
C GLY F 19 24.56 23.77 5.33
N PRO F 20 25.35 24.43 6.17
CA PRO F 20 25.08 24.35 7.63
C PRO F 20 23.72 24.88 8.01
N GLY F 21 23.32 26.03 7.46
CA GLY F 21 21.98 26.53 7.75
C GLY F 21 20.90 25.64 7.19
N VAL F 22 21.09 25.16 5.96
CA VAL F 22 20.13 24.24 5.36
C VAL F 22 20.09 22.92 6.09
N GLY F 23 21.24 22.33 6.38
CA GLY F 23 21.31 21.03 7.01
C GLY F 23 20.72 21.00 8.40
N ILE F 24 21.01 22.04 9.20
CA ILE F 24 20.50 22.10 10.57
C ILE F 24 18.98 22.18 10.57
N GLY F 25 18.41 23.05 9.74
CA GLY F 25 16.98 23.23 9.69
C GLY F 25 16.24 21.97 9.30
N ILE F 26 16.73 21.29 8.26
CA ILE F 26 16.15 20.00 7.87
C ILE F 26 16.28 19.00 9.00
N ILE F 27 17.44 18.96 9.65
CA ILE F 27 17.61 18.13 10.83
C ILE F 27 16.64 18.57 11.92
N VAL F 28 16.55 19.88 12.12
CA VAL F 28 15.58 20.41 13.08
C VAL F 28 14.15 20.11 12.67
N SER F 29 13.80 20.34 11.39
CA SER F 29 12.46 20.00 10.92
C SER F 29 12.22 18.50 11.02
N GLY F 30 13.23 17.70 10.67
CA GLY F 30 13.13 16.28 10.89
C GLY F 30 12.95 15.95 12.36
N ALA F 31 13.71 16.63 13.22
CA ALA F 31 13.48 16.52 14.65
C ALA F 31 12.10 17.04 15.03
N VAL F 32 11.70 18.16 14.43
CA VAL F 32 10.36 18.69 14.65
C VAL F 32 9.31 17.69 14.19
N GLN F 33 9.52 17.09 13.02
CA GLN F 33 8.65 16.00 12.60
C GLN F 33 8.74 14.83 13.57
N ALA F 34 9.95 14.51 14.03
CA ALA F 34 10.11 13.47 15.04
C ALA F 34 9.41 13.86 16.35
N ILE F 35 9.62 15.10 16.80
CA ILE F 35 8.90 15.60 17.96
C ILE F 35 7.41 15.68 17.66
N GLY F 36 7.06 16.07 16.43
CA GLY F 36 5.66 16.06 16.04
C GLY F 36 5.08 14.66 16.01
N ARG F 37 5.89 13.68 15.61
CA ARG F 37 5.47 12.29 15.75
C ARG F 37 5.24 11.94 17.21
N ASN F 38 6.23 12.27 18.06
CA ASN F 38 6.12 11.98 19.51
C ASN F 38 7.28 12.68 20.24
N PRO F 39 7.04 13.31 21.41
CA PRO F 39 8.14 13.92 22.16
C PRO F 39 8.55 13.03 23.34
N GLU F 40 8.31 11.72 23.24
CA GLU F 40 8.64 10.79 24.34
C GLU F 40 10.13 10.93 24.69
N ILE F 41 11.00 10.91 23.68
CA ILE F 41 12.47 11.09 23.92
C ILE F 41 12.69 12.49 24.49
N GLU F 42 11.99 13.50 23.95
CA GLU F 42 12.10 14.88 24.47
C GLU F 42 13.58 15.27 24.58
N ASN F 43 13.99 15.74 25.75
CA ASN F 43 15.41 16.16 25.97
C ASN F 43 16.34 15.15 25.29
N ARG F 44 16.09 13.85 25.47
CA ARG F 44 16.98 12.81 24.89
C ARG F 44 17.11 13.06 23.39
N VAL F 45 15.99 13.18 22.68
CA VAL F 45 16.03 13.49 21.23
C VAL F 45 16.55 14.91 21.05
N VAL F 46 16.08 15.84 21.90
CA VAL F 46 16.53 17.26 21.81
C VAL F 46 18.05 17.31 21.86
N THR F 47 18.66 16.46 22.69
CA THR F 47 20.12 16.49 22.83
C THR F 47 20.78 15.83 21.63
N TYR F 48 20.21 14.72 21.14
CA TYR F 48 20.67 14.14 19.90
C TYR F 48 20.49 15.12 18.74
N MET F 49 19.37 15.84 18.72
CA MET F 49 19.22 16.93 17.77
C MET F 49 20.25 18.02 18.04
N PHE F 50 20.47 18.34 19.31
CA PHE F 50 21.51 19.31 19.66
C PHE F 50 22.88 18.77 19.34
N ILE F 51 23.03 17.44 19.34
CA ILE F 51 24.31 16.83 18.96
C ILE F 51 24.63 17.13 17.51
N GLY F 52 23.63 17.02 16.63
CA GLY F 52 23.84 17.33 15.23
C GLY F 52 24.10 18.81 15.01
N ILE F 53 23.57 19.66 15.91
CA ILE F 53 23.75 21.10 15.79
C ILE F 53 25.22 21.46 15.87
N ALA F 54 25.95 20.87 16.81
CA ALA F 54 27.37 21.14 16.94
C ALA F 54 28.15 20.66 15.73
N PHE F 55 27.80 19.48 15.19
CA PHE F 55 28.49 18.97 14.02
C PHE F 55 28.32 19.89 12.83
N THR F 56 27.09 20.42 12.65
CA THR F 56 26.86 21.37 11.57
C THR F 56 27.62 22.66 11.78
N GLU F 57 27.65 23.17 13.02
CA GLU F 57 28.28 24.46 13.27
C GLU F 57 29.80 24.36 13.25
N ALA F 58 30.32 23.12 13.22
CA ALA F 58 31.77 22.93 13.21
C ALA F 58 32.40 23.56 11.98
N LEU F 59 31.83 23.31 10.81
CA LEU F 59 32.30 23.96 9.59
C LEU F 59 32.01 25.46 9.64
N ALA F 60 30.84 25.83 10.19
CA ALA F 60 30.47 27.23 10.27
C ALA F 60 31.46 28.02 11.11
N ILE F 61 31.89 27.48 12.24
CA ILE F 61 32.91 28.14 13.06
C ILE F 61 34.24 28.16 12.31
N PHE F 62 34.51 27.09 11.54
CA PHE F 62 35.79 26.98 10.86
C PHE F 62 36.01 28.11 9.86
N GLY F 63 34.95 28.49 9.14
CA GLY F 63 35.07 29.57 8.19
C GLY F 63 35.42 30.91 8.80
N LEU F 64 34.82 31.24 9.94
CA LEU F 64 35.11 32.48 10.65
C LEU F 64 36.56 32.54 11.13
N VAL F 65 37.15 31.37 11.40
CA VAL F 65 38.56 31.32 11.83
C VAL F 65 39.46 31.82 10.72
N ILE F 66 39.19 31.38 9.48
CA ILE F 66 40.00 31.81 8.34
C ILE F 66 39.84 33.30 8.11
N ALA F 67 38.70 33.86 8.50
CA ALA F 67 38.46 35.29 8.34
C ALA F 67 39.47 36.10 9.16
N PHE F 68 39.76 35.65 10.38
CA PHE F 68 40.82 36.29 11.16
C PHE F 68 42.17 36.13 10.48
N LEU F 69 42.43 34.95 9.90
CA LEU F 69 43.64 34.76 9.11
C LEU F 69 43.64 35.68 7.90
N ILE F 70 42.48 35.87 7.28
CA ILE F 70 42.35 36.90 6.25
C ILE F 70 42.51 38.28 6.87
N GLY F 71 41.92 38.49 8.05
CA GLY F 71 42.08 39.75 8.75
C GLY F 71 43.46 39.99 9.33
N PHE F 72 44.30 38.96 9.37
CA PHE F 72 45.65 39.08 9.87
C PHE F 72 46.57 38.05 9.23
N GLU G 2 48.43 38.64 -5.61
CA GLU G 2 47.74 39.19 -4.45
C GLU G 2 47.14 38.08 -3.59
N GLY G 3 45.97 38.34 -3.02
CA GLY G 3 45.25 37.39 -2.20
C GLY G 3 44.52 36.31 -2.96
N LEU G 4 44.95 35.99 -4.19
CA LEU G 4 44.27 34.98 -4.99
C LEU G 4 44.32 33.61 -4.31
N ASN G 5 45.47 33.25 -3.73
CA ASN G 5 45.55 32.00 -2.99
C ASN G 5 44.64 32.01 -1.78
N LEU G 6 44.59 33.15 -1.07
CA LEU G 6 43.70 33.25 0.09
C LEU G 6 42.24 33.16 -0.32
N VAL G 7 41.89 33.85 -1.42
CA VAL G 7 40.51 33.79 -1.92
C VAL G 7 40.17 32.36 -2.33
N ALA G 8 41.13 31.66 -2.95
CA ALA G 8 40.92 30.28 -3.32
C ALA G 8 40.69 29.41 -2.10
N THR G 9 41.50 29.60 -1.06
CA THR G 9 41.34 28.82 0.16
C THR G 9 39.98 29.06 0.80
N ALA G 10 39.57 30.33 0.85
CA ALA G 10 38.27 30.66 1.43
C ALA G 10 37.12 30.05 0.63
N LEU G 11 37.20 30.15 -0.70
CA LEU G 11 36.16 29.58 -1.54
C LEU G 11 36.11 28.06 -1.40
N ALA G 12 37.27 27.42 -1.33
CA ALA G 12 37.32 25.97 -1.15
C ALA G 12 36.70 25.57 0.17
N VAL G 13 37.04 26.31 1.24
CA VAL G 13 36.48 26.00 2.56
C VAL G 13 34.97 26.16 2.54
N GLY G 14 34.48 27.25 1.97
CA GLY G 14 33.04 27.48 1.96
C GLY G 14 32.30 26.44 1.13
N LEU G 15 32.81 26.14 -0.06
CA LEU G 15 32.20 25.14 -0.93
C LEU G 15 32.21 23.75 -0.32
N GLY G 16 33.32 23.31 0.26
CA GLY G 16 33.36 22.03 0.92
C GLY G 16 32.43 21.97 2.10
N ALA G 17 32.41 23.05 2.89
CA ALA G 17 31.56 23.09 4.08
C ALA G 17 30.08 23.02 3.72
N ILE G 18 29.66 23.69 2.66
CA ILE G 18 28.25 23.72 2.30
C ILE G 18 27.76 22.32 1.96
N GLY G 19 28.47 21.62 1.08
CA GLY G 19 28.07 20.30 0.67
C GLY G 19 28.14 19.29 1.79
N PRO G 20 29.28 19.24 2.49
CA PRO G 20 29.37 18.37 3.67
C PRO G 20 28.38 18.76 4.75
N GLY G 21 28.12 20.04 4.94
CA GLY G 21 27.11 20.45 5.91
C GLY G 21 25.72 20.00 5.51
N VAL G 22 25.41 20.06 4.22
CA VAL G 22 24.14 19.56 3.73
C VAL G 22 24.03 18.05 3.94
N GLY G 23 25.10 17.31 3.62
CA GLY G 23 25.06 15.88 3.82
C GLY G 23 24.91 15.48 5.28
N ILE G 24 25.65 16.16 6.15
CA ILE G 24 25.53 15.90 7.58
C ILE G 24 24.14 16.22 8.08
N GLY G 25 23.58 17.35 7.64
CA GLY G 25 22.23 17.70 8.04
C GLY G 25 21.19 16.72 7.51
N ILE G 26 21.39 16.24 6.29
CA ILE G 26 20.48 15.25 5.72
C ILE G 26 20.53 13.95 6.51
N ILE G 27 21.74 13.51 6.84
CA ILE G 27 21.91 12.29 7.63
C ILE G 27 21.28 12.46 9.00
N VAL G 28 21.46 13.64 9.60
CA VAL G 28 20.86 13.94 10.89
C VAL G 28 19.34 13.93 10.81
N SER G 29 18.76 14.50 9.75
CA SER G 29 17.32 14.48 9.59
C SER G 29 16.80 13.06 9.42
N GLY G 30 17.50 12.24 8.64
CA GLY G 30 17.12 10.85 8.51
C GLY G 30 17.20 10.11 9.83
N ALA G 31 18.24 10.39 10.61
CA ALA G 31 18.38 9.78 11.93
C ALA G 31 17.25 10.23 12.85
N VAL G 32 16.85 11.49 12.74
CA VAL G 32 15.74 11.99 13.55
C VAL G 32 14.45 11.29 13.17
N GLN G 33 14.25 11.08 11.86
CA GLN G 33 13.06 10.34 11.40
C GLN G 33 13.24 8.85 11.72
N ALA G 34 14.48 8.35 11.58
CA ALA G 34 14.77 6.92 11.87
C ALA G 34 14.46 6.64 13.35
N ILE G 35 14.79 7.58 14.23
CA ILE G 35 14.51 7.39 15.69
C ILE G 35 13.02 7.06 15.83
N GLY G 36 12.15 7.83 15.20
CA GLY G 36 10.70 7.53 15.23
C GLY G 36 10.39 6.27 14.47
N ARG G 37 11.05 6.07 13.32
CA ARG G 37 10.81 4.86 12.49
C ARG G 37 11.18 3.61 13.29
N ASN G 38 12.32 3.64 13.99
CA ASN G 38 12.79 2.45 14.75
C ASN G 38 13.07 2.85 16.21
N PRO G 39 12.40 2.24 17.20
CA PRO G 39 12.59 2.67 18.60
C PRO G 39 14.07 2.75 18.97
N GLU G 40 14.47 3.80 19.69
CA GLU G 40 15.90 3.99 20.03
C GLU G 40 16.30 3.09 21.20
N ILE G 41 16.54 1.79 20.92
CA ILE G 41 17.02 0.87 21.99
C ILE G 41 18.44 1.29 22.37
N GLU G 42 19.11 2.02 21.48
CA GLU G 42 20.52 2.45 21.73
C GLU G 42 21.46 1.32 21.33
N ASN G 43 20.91 0.17 20.94
CA ASN G 43 21.74 -1.00 20.55
C ASN G 43 22.49 -0.70 19.25
N ARG G 44 21.86 -0.01 18.30
CA ARG G 44 22.51 0.24 16.99
C ARG G 44 22.36 1.72 16.60
N VAL G 45 21.64 2.50 17.42
CA VAL G 45 21.39 3.94 17.08
C VAL G 45 22.74 4.65 16.93
N VAL G 46 23.65 4.46 17.88
CA VAL G 46 24.98 5.14 17.84
C VAL G 46 25.73 4.70 16.58
N THR G 47 25.71 3.40 16.29
CA THR G 47 26.43 2.88 15.10
C THR G 47 25.90 3.57 13.85
N TYR G 48 24.57 3.67 13.70
CA TYR G 48 23.97 4.36 12.54
C TYR G 48 24.46 5.81 12.51
N MET G 49 24.36 6.51 13.65
CA MET G 49 24.80 7.93 13.72
C MET G 49 26.24 8.06 13.20
N PHE G 50 27.14 7.22 13.71
CA PHE G 50 28.58 7.33 13.32
C PHE G 50 28.72 7.23 11.80
N ILE G 51 28.01 6.29 11.17
CA ILE G 51 28.13 6.08 9.71
C ILE G 51 27.82 7.39 8.99
N GLY G 52 26.68 8.02 9.32
CA GLY G 52 26.28 9.27 8.65
C GLY G 52 27.25 10.40 8.91
N ILE G 53 27.67 10.57 10.17
CA ILE G 53 28.57 11.71 10.55
C ILE G 53 29.91 11.53 9.83
N ALA G 54 30.44 10.30 9.81
CA ALA G 54 31.77 10.06 9.20
C ALA G 54 31.77 10.48 7.73
N PHE G 55 30.69 10.19 7.01
CA PHE G 55 30.65 10.48 5.55
C PHE G 55 30.96 11.96 5.32
N THR G 56 30.22 12.86 5.99
CA THR G 56 30.44 14.31 5.80
C THR G 56 31.78 14.72 6.41
N GLU G 57 32.11 14.18 7.59
CA GLU G 57 33.37 14.58 8.29
C GLU G 57 34.58 14.28 7.38
N ALA G 58 34.61 13.09 6.77
CA ALA G 58 35.77 12.70 5.94
C ALA G 58 35.94 13.71 4.80
N LEU G 59 34.85 14.05 4.11
CA LEU G 59 34.93 15.00 2.97
C LEU G 59 35.33 16.39 3.50
N ALA G 60 34.85 16.76 4.68
CA ALA G 60 35.13 18.08 5.22
C ALA G 60 36.59 18.21 5.63
N ILE G 61 37.17 17.13 6.16
CA ILE G 61 38.57 17.14 6.55
C ILE G 61 39.47 17.23 5.33
N PHE G 62 39.08 16.55 4.23
CA PHE G 62 39.82 16.72 2.98
C PHE G 62 39.80 18.18 2.54
N GLY G 63 38.63 18.80 2.60
CA GLY G 63 38.54 20.21 2.26
C GLY G 63 39.37 21.10 3.15
N LEU G 64 39.31 20.86 4.47
CA LEU G 64 40.05 21.69 5.42
C LEU G 64 41.56 21.48 5.27
N VAL G 65 41.97 20.26 4.92
CA VAL G 65 43.39 20.00 4.69
C VAL G 65 43.85 20.71 3.43
N ILE G 66 43.00 20.74 2.40
CA ILE G 66 43.33 21.52 1.21
C ILE G 66 43.48 22.99 1.58
N ALA G 67 42.58 23.51 2.43
CA ALA G 67 42.68 24.89 2.86
C ALA G 67 43.96 25.15 3.63
N PHE G 68 44.33 24.24 4.52
CA PHE G 68 45.57 24.39 5.28
C PHE G 68 46.79 24.37 4.38
N LEU G 69 46.80 23.48 3.39
CA LEU G 69 47.89 23.44 2.42
C LEU G 69 47.95 24.73 1.62
N ILE G 70 46.78 25.32 1.32
CA ILE G 70 46.75 26.63 0.68
C ILE G 70 47.35 27.68 1.60
N GLY G 71 47.16 27.52 2.90
CA GLY G 71 47.87 28.37 3.86
C GLY G 71 49.37 28.25 3.79
N PHE G 72 49.88 27.14 3.28
CA PHE G 72 51.31 26.95 3.10
C PHE G 72 51.73 27.28 1.67
N GLU H 2 50.84 31.64 -11.36
CA GLU H 2 50.52 32.84 -10.60
C GLU H 2 49.36 32.58 -9.65
N GLY H 3 49.46 31.49 -8.89
CA GLY H 3 48.41 31.08 -7.98
C GLY H 3 47.22 30.43 -8.64
N LEU H 4 47.16 30.43 -9.97
CA LEU H 4 46.07 29.80 -10.68
C LEU H 4 46.03 28.29 -10.45
N ASN H 5 47.18 27.65 -10.25
CA ASN H 5 47.18 26.24 -9.90
C ASN H 5 46.57 26.01 -8.52
N LEU H 6 46.94 26.85 -7.55
CA LEU H 6 46.35 26.76 -6.22
C LEU H 6 44.85 27.06 -6.28
N VAL H 7 44.46 28.06 -7.07
CA VAL H 7 43.05 28.37 -7.24
C VAL H 7 42.32 27.19 -7.84
N ALA H 8 42.92 26.54 -8.83
CA ALA H 8 42.33 25.37 -9.45
C ALA H 8 42.12 24.26 -8.44
N THR H 9 43.16 23.93 -7.67
CA THR H 9 43.06 22.84 -6.71
C THR H 9 42.00 23.16 -5.66
N ALA H 10 41.97 24.40 -5.18
CA ALA H 10 40.99 24.78 -4.17
C ALA H 10 39.57 24.67 -4.72
N LEU H 11 39.33 25.20 -5.92
CA LEU H 11 38.00 25.16 -6.49
C LEU H 11 37.55 23.73 -6.74
N ALA H 12 38.45 22.89 -7.26
CA ALA H 12 38.11 21.50 -7.52
C ALA H 12 37.76 20.78 -6.23
N VAL H 13 38.58 20.98 -5.19
CA VAL H 13 38.31 20.34 -3.91
C VAL H 13 36.97 20.79 -3.34
N GLY H 14 36.70 22.09 -3.39
CA GLY H 14 35.44 22.59 -2.85
C GLY H 14 34.24 22.06 -3.60
N LEU H 15 34.29 22.09 -4.94
CA LEU H 15 33.16 21.63 -5.73
C LEU H 15 32.95 20.13 -5.56
N GLY H 16 34.03 19.35 -5.58
CA GLY H 16 33.91 17.93 -5.37
C GLY H 16 33.40 17.53 -4.01
N ALA H 17 33.89 18.17 -2.94
CA ALA H 17 33.37 17.92 -1.61
C ALA H 17 31.91 18.34 -1.49
N ILE H 18 31.53 19.42 -2.17
CA ILE H 18 30.14 19.85 -2.14
C ILE H 18 29.24 18.81 -2.80
N GLY H 19 29.62 18.34 -3.99
CA GLY H 19 28.76 17.49 -4.76
C GLY H 19 28.47 16.13 -4.15
N PRO H 20 29.50 15.47 -3.64
CA PRO H 20 29.32 14.12 -3.10
C PRO H 20 28.80 14.07 -1.67
N GLY H 21 29.01 15.13 -0.89
CA GLY H 21 28.54 15.16 0.48
C GLY H 21 27.04 15.07 0.58
N VAL H 22 26.35 15.80 -0.30
CA VAL H 22 24.89 15.77 -0.32
C VAL H 22 24.38 14.38 -0.67
N GLY H 23 24.97 13.76 -1.68
CA GLY H 23 24.58 12.41 -2.07
C GLY H 23 24.81 11.41 -0.95
N ILE H 24 25.94 11.54 -0.27
CA ILE H 24 26.24 10.65 0.85
C ILE H 24 25.24 10.84 1.98
N GLY H 25 24.91 12.09 2.31
CA GLY H 25 23.94 12.33 3.35
C GLY H 25 22.56 11.82 3.00
N ILE H 26 22.18 11.95 1.72
CA ILE H 26 20.92 11.39 1.26
C ILE H 26 20.92 9.87 1.38
N ILE H 27 22.01 9.21 0.99
CA ILE H 27 22.10 7.77 1.13
C ILE H 27 22.00 7.38 2.60
N VAL H 28 22.64 8.15 3.47
CA VAL H 28 22.58 7.88 4.90
C VAL H 28 21.16 8.02 5.43
N SER H 29 20.45 9.06 5.00
CA SER H 29 19.07 9.25 5.44
C SER H 29 18.16 8.13 4.95
N GLY H 30 18.35 7.71 3.69
CA GLY H 30 17.59 6.59 3.17
C GLY H 30 17.90 5.30 3.91
N ALA H 31 19.16 5.11 4.29
CA ALA H 31 19.53 3.95 5.10
C ALA H 31 18.87 4.02 6.47
N VAL H 32 18.78 5.21 7.05
CA VAL H 32 18.10 5.38 8.32
C VAL H 32 16.63 5.01 8.19
N GLN H 33 15.97 5.45 7.11
CA GLN H 33 14.58 5.10 6.89
C GLN H 33 14.42 3.60 6.72
N ALA H 34 15.31 2.97 5.97
CA ALA H 34 15.24 1.53 5.76
C ALA H 34 15.48 0.77 7.05
N ILE H 35 16.39 1.27 7.89
CA ILE H 35 16.63 0.65 9.20
C ILE H 35 15.40 0.78 10.07
N GLY H 36 14.75 1.94 10.03
CA GLY H 36 13.49 2.10 10.74
C GLY H 36 12.41 1.18 10.22
N ARG H 37 12.49 0.79 8.94
CA ARG H 37 11.54 -0.18 8.41
C ARG H 37 11.71 -1.54 9.07
N ASN H 38 12.94 -2.07 9.11
CA ASN H 38 13.18 -3.39 9.69
C ASN H 38 14.66 -3.62 9.96
N PRO H 39 14.99 -4.43 10.96
CA PRO H 39 16.41 -4.78 11.18
C PRO H 39 16.77 -6.15 10.62
N GLU H 40 15.79 -6.82 10.03
CA GLU H 40 15.99 -8.15 9.46
C GLU H 40 16.88 -8.10 8.22
N ILE H 41 16.48 -7.32 7.21
CA ILE H 41 17.26 -7.19 5.98
C ILE H 41 18.33 -6.14 6.17
N GLU H 42 18.47 -5.63 7.41
CA GLU H 42 19.47 -4.62 7.70
C GLU H 42 20.87 -5.08 7.36
N ASN H 43 21.12 -6.39 7.43
CA ASN H 43 22.36 -6.92 6.86
C ASN H 43 22.45 -6.61 5.37
N ARG H 44 21.47 -7.09 4.60
CA ARG H 44 21.47 -6.83 3.15
C ARG H 44 21.31 -5.33 2.87
N VAL H 45 20.58 -4.62 3.72
CA VAL H 45 20.41 -3.19 3.53
C VAL H 45 21.73 -2.46 3.67
N VAL H 46 22.50 -2.75 4.73
CA VAL H 46 23.80 -2.12 4.91
C VAL H 46 24.76 -2.55 3.82
N THR H 47 24.63 -3.81 3.37
CA THR H 47 25.46 -4.28 2.27
C THR H 47 25.23 -3.47 1.00
N TYR H 48 23.97 -3.24 0.65
CA TYR H 48 23.66 -2.37 -0.48
C TYR H 48 24.14 -0.94 -0.21
N MET H 49 23.98 -0.47 1.03
CA MET H 49 24.45 0.86 1.41
C MET H 49 25.95 1.00 1.28
N PHE H 50 26.70 -0.10 1.42
CA PHE H 50 28.13 -0.04 1.20
C PHE H 50 28.47 0.39 -0.22
N ILE H 51 27.75 -0.14 -1.21
CA ILE H 51 28.00 0.24 -2.60
C ILE H 51 27.65 1.70 -2.83
N GLY H 52 26.55 2.15 -2.22
CA GLY H 52 26.17 3.56 -2.35
C GLY H 52 27.21 4.48 -1.74
N ILE H 53 27.71 4.14 -0.56
CA ILE H 53 28.80 4.91 0.04
C ILE H 53 30.03 4.86 -0.85
N ALA H 54 30.30 3.71 -1.45
CA ALA H 54 31.49 3.53 -2.28
C ALA H 54 31.46 4.39 -3.52
N PHE H 55 30.30 4.52 -4.18
CA PHE H 55 30.22 5.32 -5.39
C PHE H 55 30.52 6.78 -5.11
N THR H 56 29.89 7.33 -4.07
CA THR H 56 30.14 8.72 -3.69
C THR H 56 31.58 8.90 -3.22
N GLU H 57 32.12 7.91 -2.50
CA GLU H 57 33.50 7.98 -2.07
C GLU H 57 34.44 7.97 -3.27
N ALA H 58 34.09 7.21 -4.31
CA ALA H 58 34.90 7.18 -5.52
C ALA H 58 34.87 8.54 -6.23
N LEU H 59 33.70 9.17 -6.29
CA LEU H 59 33.62 10.51 -6.87
C LEU H 59 34.48 11.50 -6.08
N ALA H 60 34.36 11.47 -4.75
CA ALA H 60 35.15 12.37 -3.92
C ALA H 60 36.63 12.05 -4.03
N ILE H 61 36.97 10.78 -4.21
CA ILE H 61 38.37 10.38 -4.35
C ILE H 61 38.94 10.89 -5.66
N PHE H 62 38.16 10.83 -6.73
CA PHE H 62 38.58 11.41 -8.00
C PHE H 62 38.81 12.91 -7.84
N GLY H 63 37.90 13.59 -7.13
CA GLY H 63 38.07 15.00 -6.87
C GLY H 63 39.34 15.31 -6.09
N LEU H 64 39.60 14.55 -5.03
CA LEU H 64 40.79 14.77 -4.22
C LEU H 64 42.06 14.42 -4.97
N VAL H 65 41.98 13.40 -5.85
CA VAL H 65 43.11 13.02 -6.67
C VAL H 65 43.44 14.11 -7.68
N ILE H 66 42.44 14.82 -8.17
CA ILE H 66 42.70 15.97 -9.03
C ILE H 66 43.53 17.00 -8.28
N ALA H 67 43.18 17.27 -7.02
CA ALA H 67 43.95 18.22 -6.22
C ALA H 67 45.36 17.70 -5.95
N PHE H 68 45.49 16.40 -5.70
CA PHE H 68 46.81 15.82 -5.46
C PHE H 68 47.69 15.95 -6.70
N LEU H 69 47.13 15.69 -7.89
CA LEU H 69 47.88 15.89 -9.13
C LEU H 69 48.22 17.36 -9.32
N ILE H 70 47.33 18.25 -8.89
CA ILE H 70 47.64 19.68 -8.92
C ILE H 70 48.79 19.99 -7.99
N GLY H 71 48.97 19.18 -6.94
CA GLY H 71 50.11 19.35 -6.05
C GLY H 71 51.44 19.12 -6.74
N PHE H 72 51.43 18.43 -7.88
CA PHE H 72 52.64 18.20 -8.65
C PHE H 72 52.34 18.08 -10.14
N GLU I 2 48.48 31.32 -18.53
CA GLU I 2 48.54 31.04 -17.10
C GLU I 2 48.07 29.62 -16.79
N GLY I 3 47.48 29.44 -15.61
CA GLY I 3 46.96 28.13 -15.22
C GLY I 3 45.59 27.81 -15.79
N LEU I 4 45.30 28.28 -17.01
CA LEU I 4 43.98 28.06 -17.60
C LEU I 4 43.69 26.58 -17.79
N ASN I 5 44.70 25.80 -18.17
CA ASN I 5 44.49 24.36 -18.32
C ASN I 5 44.23 23.69 -16.98
N LEU I 6 45.01 24.06 -15.96
CA LEU I 6 44.81 23.50 -14.64
C LEU I 6 43.45 23.89 -14.08
N VAL I 7 43.09 25.17 -14.21
CA VAL I 7 41.78 25.62 -13.78
C VAL I 7 40.68 24.89 -14.54
N ALA I 8 40.90 24.64 -15.83
CA ALA I 8 39.92 23.94 -16.63
C ALA I 8 39.70 22.53 -16.11
N THR I 9 40.78 21.77 -15.94
CA THR I 9 40.65 20.40 -15.47
C THR I 9 40.02 20.35 -14.07
N ALA I 10 40.43 21.28 -13.21
CA ALA I 10 39.90 21.34 -11.85
C ALA I 10 38.41 21.62 -11.84
N LEU I 11 37.98 22.63 -12.61
CA LEU I 11 36.57 22.98 -12.66
C LEU I 11 35.76 21.86 -13.28
N ALA I 12 36.31 21.20 -14.31
CA ALA I 12 35.63 20.06 -14.92
C ALA I 12 35.39 18.96 -13.90
N VAL I 13 36.44 18.61 -13.16
CA VAL I 13 36.32 17.55 -12.16
C VAL I 13 35.29 17.92 -11.11
N GLY I 14 35.39 19.14 -10.57
CA GLY I 14 34.48 19.54 -9.51
C GLY I 14 33.03 19.59 -9.97
N LEU I 15 32.78 20.25 -11.11
CA LEU I 15 31.43 20.39 -11.62
C LEU I 15 30.84 19.05 -12.06
N GLY I 16 31.62 18.18 -12.69
CA GLY I 16 31.15 16.85 -13.00
C GLY I 16 30.82 16.01 -11.80
N ALA I 17 31.70 15.98 -10.79
CA ALA I 17 31.43 15.24 -9.56
C ALA I 17 30.30 15.86 -8.74
N ILE I 18 29.97 17.12 -8.99
CA ILE I 18 28.93 17.82 -8.24
C ILE I 18 27.58 17.15 -8.38
N GLY I 19 27.04 17.09 -9.59
CA GLY I 19 25.71 16.58 -9.79
C GLY I 19 25.66 15.08 -9.94
N PRO I 20 26.71 14.49 -10.51
CA PRO I 20 26.71 13.04 -10.66
C PRO I 20 26.74 12.29 -9.35
N GLY I 21 27.64 12.67 -8.43
CA GLY I 21 27.69 12.00 -7.15
C GLY I 21 26.42 12.18 -6.35
N VAL I 22 25.87 13.39 -6.35
CA VAL I 22 24.62 13.66 -5.64
C VAL I 22 23.48 12.85 -6.24
N GLY I 23 23.38 12.81 -7.56
CA GLY I 23 22.32 12.05 -8.19
C GLY I 23 22.46 10.56 -7.94
N ILE I 24 23.69 10.05 -7.96
CA ILE I 24 23.93 8.64 -7.66
C ILE I 24 23.53 8.34 -6.22
N GLY I 25 23.87 9.23 -5.29
CA GLY I 25 23.48 9.02 -3.90
C GLY I 25 21.98 9.06 -3.71
N ILE I 26 21.31 9.94 -4.46
CA ILE I 26 19.85 10.00 -4.39
C ILE I 26 19.23 8.72 -4.92
N ILE I 27 19.75 8.22 -6.05
CA ILE I 27 19.25 6.97 -6.62
C ILE I 27 19.49 5.83 -5.65
N VAL I 28 20.66 5.83 -5.00
CA VAL I 28 20.97 4.79 -4.02
C VAL I 28 20.04 4.88 -2.82
N SER I 29 19.72 6.08 -2.37
CA SER I 29 18.81 6.23 -1.24
C SER I 29 17.41 5.75 -1.61
N GLY I 30 16.96 6.07 -2.83
CA GLY I 30 15.68 5.56 -3.28
C GLY I 30 15.68 4.05 -3.39
N ALA I 31 16.79 3.48 -3.85
CA ALA I 31 16.92 2.03 -3.91
C ALA I 31 16.89 1.42 -2.51
N VAL I 32 17.52 2.10 -1.54
CA VAL I 32 17.50 1.62 -0.16
C VAL I 32 16.07 1.63 0.37
N GLN I 33 15.33 2.71 0.10
CA GLN I 33 13.95 2.78 0.53
C GLN I 33 13.13 1.66 -0.11
N ALA I 34 13.32 1.43 -1.41
CA ALA I 34 12.58 0.37 -2.10
C ALA I 34 12.95 -1.01 -1.56
N ILE I 35 14.22 -1.23 -1.26
CA ILE I 35 14.66 -2.53 -0.77
C ILE I 35 14.13 -2.77 0.63
N GLY I 36 14.15 -1.75 1.49
CA GLY I 36 13.51 -1.87 2.79
C GLY I 36 12.02 -2.10 2.66
N ARG I 37 11.41 -1.51 1.63
CA ARG I 37 9.99 -1.78 1.38
C ARG I 37 9.77 -3.24 0.97
N ASN I 38 10.66 -3.79 0.14
CA ASN I 38 10.49 -5.15 -0.37
C ASN I 38 11.85 -5.74 -0.68
N PRO I 39 12.44 -6.55 0.22
CA PRO I 39 13.70 -7.20 -0.10
C PRO I 39 13.45 -8.36 -1.08
N GLU I 40 12.17 -8.67 -1.34
CA GLU I 40 11.82 -9.78 -2.26
C GLU I 40 12.41 -9.49 -3.64
N ILE I 41 12.33 -8.23 -4.09
CA ILE I 41 12.90 -7.85 -5.42
C ILE I 41 14.39 -8.23 -5.41
N GLU I 42 15.10 -7.85 -4.35
CA GLU I 42 16.54 -8.25 -4.24
C GLU I 42 17.25 -7.98 -5.57
N ASN I 43 17.75 -9.03 -6.22
CA ASN I 43 18.50 -8.88 -7.50
C ASN I 43 17.63 -8.11 -8.51
N ARG I 44 16.33 -8.41 -8.54
CA ARG I 44 15.41 -7.73 -9.51
C ARG I 44 15.52 -6.22 -9.31
N VAL I 45 15.38 -5.75 -8.06
CA VAL I 45 15.56 -4.30 -7.78
C VAL I 45 17.04 -3.94 -8.01
N VAL I 46 17.94 -4.80 -7.54
CA VAL I 46 19.40 -4.55 -7.71
C VAL I 46 19.70 -4.28 -9.19
N THR I 47 19.00 -4.99 -10.09
CA THR I 47 19.26 -4.82 -11.51
C THR I 47 19.07 -3.37 -11.94
N TYR I 48 17.91 -2.79 -11.61
CA TYR I 48 17.68 -1.40 -11.92
C TYR I 48 18.61 -0.49 -11.11
N MET I 49 18.98 -0.94 -9.90
CA MET I 49 19.91 -0.16 -9.09
C MET I 49 21.27 -0.05 -9.76
N PHE I 50 21.81 -1.17 -10.24
CA PHE I 50 23.08 -1.16 -10.94
C PHE I 50 22.95 -0.43 -12.27
N ILE I 51 21.77 -0.50 -12.90
CA ILE I 51 21.55 0.24 -14.12
C ILE I 51 21.66 1.74 -13.87
N GLY I 52 21.03 2.23 -12.81
CA GLY I 52 21.15 3.63 -12.46
C GLY I 52 22.55 4.01 -12.04
N ILE I 53 23.23 3.10 -11.34
CA ILE I 53 24.62 3.34 -10.96
C ILE I 53 25.48 3.53 -12.21
N ALA I 54 25.29 2.67 -13.20
CA ALA I 54 26.02 2.80 -14.46
C ALA I 54 25.63 4.09 -15.18
N PHE I 55 24.35 4.46 -15.14
CA PHE I 55 23.91 5.68 -15.80
C PHE I 55 24.60 6.91 -15.20
N THR I 56 24.68 6.97 -13.87
CA THR I 56 25.39 8.07 -13.22
C THR I 56 26.90 8.01 -13.47
N GLU I 57 27.47 6.80 -13.40
CA GLU I 57 28.89 6.63 -13.67
C GLU I 57 29.24 6.99 -15.10
N ALA I 58 28.28 6.96 -16.02
CA ALA I 58 28.53 7.42 -17.38
C ALA I 58 28.92 8.89 -17.39
N LEU I 59 28.10 9.73 -16.75
CA LEU I 59 28.43 11.16 -16.67
C LEU I 59 29.68 11.38 -15.85
N ALA I 60 29.85 10.63 -14.75
CA ALA I 60 31.02 10.78 -13.91
C ALA I 60 32.31 10.48 -14.70
N ILE I 61 32.31 9.36 -15.43
CA ILE I 61 33.45 8.98 -16.26
C ILE I 61 33.63 9.95 -17.42
N PHE I 62 32.56 10.49 -17.98
CA PHE I 62 32.71 11.50 -19.03
C PHE I 62 33.44 12.72 -18.50
N GLY I 63 33.08 13.18 -17.31
CA GLY I 63 33.79 14.30 -16.71
C GLY I 63 35.23 13.97 -16.39
N LEU I 64 35.47 12.77 -15.85
CA LEU I 64 36.85 12.36 -15.54
C LEU I 64 37.69 12.27 -16.80
N VAL I 65 37.12 11.75 -17.90
CA VAL I 65 37.84 11.64 -19.15
C VAL I 65 38.10 13.01 -19.75
N ILE I 66 37.15 13.94 -19.62
CA ILE I 66 37.37 15.30 -20.07
C ILE I 66 38.52 15.92 -19.30
N ALA I 67 38.57 15.69 -17.98
CA ALA I 67 39.68 16.21 -17.18
C ALA I 67 41.00 15.58 -17.60
N PHE I 68 41.00 14.27 -17.87
CA PHE I 68 42.22 13.61 -18.31
C PHE I 68 42.70 14.14 -19.65
N LEU I 69 41.76 14.37 -20.58
CA LEU I 69 42.12 14.96 -21.88
C LEU I 69 42.66 16.37 -21.70
N ILE I 70 42.12 17.11 -20.74
CA ILE I 70 42.67 18.42 -20.41
C ILE I 70 44.09 18.28 -19.89
N GLY I 71 44.36 17.21 -19.15
CA GLY I 71 45.71 16.95 -18.66
C GLY I 71 46.73 16.68 -19.75
N PHE I 72 46.26 16.34 -20.94
CA PHE I 72 47.17 16.10 -22.07
C PHE I 72 47.07 17.22 -23.10
N GLU J 2 45.48 32.60 -24.54
CA GLU J 2 44.05 32.60 -24.24
C GLU J 2 43.46 31.21 -24.45
N GLY J 3 43.74 30.30 -23.51
CA GLY J 3 43.21 28.95 -23.57
C GLY J 3 41.82 28.83 -22.99
N LEU J 4 40.98 29.83 -23.24
CA LEU J 4 39.62 29.84 -22.73
C LEU J 4 38.75 28.75 -23.31
N ASN J 5 39.12 28.17 -24.46
CA ASN J 5 38.32 27.11 -25.05
C ASN J 5 38.34 25.85 -24.20
N LEU J 6 39.52 25.52 -23.65
CA LEU J 6 39.63 24.35 -22.78
C LEU J 6 38.77 24.53 -21.53
N VAL J 7 38.84 25.71 -20.92
CA VAL J 7 38.01 26.00 -19.76
C VAL J 7 36.54 25.97 -20.13
N ALA J 8 36.21 26.44 -21.34
CA ALA J 8 34.83 26.39 -21.81
C ALA J 8 34.32 24.97 -21.88
N THR J 9 35.06 24.09 -22.55
CA THR J 9 34.66 22.69 -22.67
C THR J 9 34.57 22.04 -21.31
N ALA J 10 35.54 22.33 -20.43
CA ALA J 10 35.55 21.75 -19.10
C ALA J 10 34.30 22.15 -18.30
N LEU J 11 34.02 23.44 -18.24
CA LEU J 11 32.86 23.92 -17.50
C LEU J 11 31.56 23.40 -18.10
N ALA J 12 31.47 23.38 -19.42
CA ALA J 12 30.27 22.90 -20.07
C ALA J 12 30.02 21.43 -19.76
N VAL J 13 31.07 20.61 -19.83
CA VAL J 13 30.92 19.19 -19.54
C VAL J 13 30.52 19.00 -18.08
N GLY J 14 31.19 19.71 -17.17
CA GLY J 14 30.87 19.54 -15.76
C GLY J 14 29.45 19.95 -15.43
N LEU J 15 29.04 21.12 -15.92
CA LEU J 15 27.69 21.61 -15.69
C LEU J 15 26.63 20.73 -16.34
N GLY J 16 26.86 20.24 -17.55
CA GLY J 16 25.93 19.33 -18.19
C GLY J 16 25.77 18.04 -17.42
N ALA J 17 26.89 17.44 -17.02
CA ALA J 17 26.85 16.24 -16.20
C ALA J 17 26.23 16.48 -14.83
N ILE J 18 26.29 17.71 -14.32
CA ILE J 18 25.74 17.99 -13.00
C ILE J 18 24.22 17.86 -13.01
N GLY J 19 23.55 18.71 -13.78
CA GLY J 19 22.11 18.74 -13.78
C GLY J 19 21.48 17.48 -14.31
N PRO J 20 21.93 17.04 -15.49
CA PRO J 20 21.41 15.78 -16.03
C PRO J 20 21.70 14.57 -15.15
N GLY J 21 22.85 14.54 -14.49
CA GLY J 21 23.18 13.44 -13.60
C GLY J 21 22.22 13.39 -12.41
N VAL J 22 21.96 14.56 -11.83
CA VAL J 22 21.00 14.63 -10.73
C VAL J 22 19.61 14.24 -11.18
N GLY J 23 19.16 14.73 -12.34
CA GLY J 23 17.85 14.34 -12.82
C GLY J 23 17.73 12.86 -13.10
N ILE J 24 18.80 12.28 -13.66
CA ILE J 24 18.81 10.84 -13.92
C ILE J 24 18.75 10.06 -12.62
N GLY J 25 19.50 10.49 -11.62
CA GLY J 25 19.46 9.81 -10.32
C GLY J 25 18.10 9.91 -9.67
N ILE J 26 17.46 11.07 -9.80
CA ILE J 26 16.11 11.25 -9.26
C ILE J 26 15.13 10.32 -9.96
N ILE J 27 15.20 10.27 -11.29
CA ILE J 27 14.31 9.40 -12.05
C ILE J 27 14.55 7.94 -11.68
N VAL J 28 15.82 7.58 -11.47
CA VAL J 28 16.15 6.23 -11.06
C VAL J 28 15.59 5.90 -9.68
N SER J 29 15.71 6.82 -8.72
CA SER J 29 15.14 6.57 -7.40
C SER J 29 13.62 6.46 -7.46
N GLY J 30 12.99 7.30 -8.27
CA GLY J 30 11.54 7.20 -8.43
C GLY J 30 11.12 5.89 -9.07
N ALA J 31 11.87 5.43 -10.08
CA ALA J 31 11.59 4.14 -10.69
C ALA J 31 11.81 3.00 -9.70
N VAL J 32 12.83 3.13 -8.85
CA VAL J 32 13.08 2.13 -7.83
C VAL J 32 11.90 2.05 -6.86
N GLN J 33 11.40 3.20 -6.43
CA GLN J 33 10.24 3.23 -5.55
C GLN J 33 9.02 2.62 -6.23
N ALA J 34 8.82 2.96 -7.51
CA ALA J 34 7.68 2.42 -8.25
C ALA J 34 7.78 0.90 -8.39
N ILE J 35 8.99 0.40 -8.67
CA ILE J 35 9.18 -1.05 -8.78
C ILE J 35 8.96 -1.71 -7.43
N GLY J 36 9.40 -1.04 -6.35
CA GLY J 36 9.13 -1.55 -5.02
C GLY J 36 7.65 -1.63 -4.72
N ARG J 37 6.87 -0.68 -5.24
CA ARG J 37 5.42 -0.76 -5.13
C ARG J 37 4.88 -1.96 -5.91
N ASN J 38 5.05 -1.95 -7.23
CA ASN J 38 4.65 -3.06 -8.08
C ASN J 38 5.53 -3.06 -9.32
N PRO J 39 6.49 -3.98 -9.40
CA PRO J 39 7.36 -4.05 -10.58
C PRO J 39 6.68 -4.73 -11.77
N GLU J 40 5.45 -5.20 -11.56
CA GLU J 40 4.71 -5.86 -12.63
C GLU J 40 4.37 -4.92 -13.78
N ILE J 41 4.44 -3.61 -13.58
CA ILE J 41 4.12 -2.62 -14.60
C ILE J 41 5.39 -2.23 -15.34
N GLU J 42 6.42 -3.09 -15.24
CA GLU J 42 7.74 -2.77 -15.78
C GLU J 42 7.70 -2.42 -17.25
N ASN J 43 6.82 -3.07 -18.03
CA ASN J 43 6.78 -2.85 -19.48
C ASN J 43 6.56 -1.38 -19.82
N ARG J 44 5.77 -0.67 -19.01
CA ARG J 44 5.58 0.76 -19.21
C ARG J 44 6.52 1.59 -18.34
N VAL J 45 6.77 1.12 -17.11
CA VAL J 45 7.56 1.92 -16.16
C VAL J 45 8.99 2.06 -16.62
N VAL J 46 9.64 0.96 -17.00
CA VAL J 46 11.03 1.00 -17.45
C VAL J 46 11.14 1.76 -18.76
N THR J 47 10.14 1.63 -19.64
CA THR J 47 10.15 2.38 -20.89
C THR J 47 10.08 3.88 -20.62
N TYR J 48 9.20 4.30 -19.70
CA TYR J 48 9.12 5.71 -19.35
C TYR J 48 10.40 6.19 -18.68
N MET J 49 11.00 5.35 -17.84
CA MET J 49 12.28 5.69 -17.21
C MET J 49 13.37 5.87 -18.26
N PHE J 50 13.39 4.98 -19.25
CA PHE J 50 14.36 5.09 -20.33
C PHE J 50 14.14 6.36 -21.13
N ILE J 51 12.88 6.72 -21.38
CA ILE J 51 12.58 7.96 -22.12
C ILE J 51 13.04 9.18 -21.33
N GLY J 52 12.76 9.18 -20.03
CA GLY J 52 13.20 10.29 -19.19
C GLY J 52 14.71 10.40 -19.13
N ILE J 53 15.39 9.26 -19.04
CA ILE J 53 16.85 9.25 -19.08
C ILE J 53 17.34 9.77 -20.42
N ALA J 54 16.67 9.38 -21.51
CA ALA J 54 17.07 9.82 -22.85
C ALA J 54 16.95 11.32 -22.99
N PHE J 55 15.88 11.91 -22.43
CA PHE J 55 15.81 13.37 -22.37
C PHE J 55 16.99 13.95 -21.60
N THR J 56 17.30 13.39 -20.44
CA THR J 56 18.52 13.74 -19.72
C THR J 56 19.73 13.37 -20.56
N GLU J 57 19.65 12.21 -21.24
CA GLU J 57 20.75 11.85 -22.15
C GLU J 57 20.79 12.76 -23.36
N ALA J 58 19.65 13.32 -23.78
CA ALA J 58 19.68 14.32 -24.84
C ALA J 58 20.42 15.57 -24.40
N LEU J 59 20.15 16.01 -23.17
CA LEU J 59 20.89 17.15 -22.63
C LEU J 59 22.37 16.84 -22.50
N ALA J 60 22.70 15.64 -22.04
CA ALA J 60 24.09 15.23 -21.90
C ALA J 60 24.77 15.13 -23.25
N ILE J 61 24.05 14.67 -24.27
CA ILE J 61 24.59 14.58 -25.62
C ILE J 61 24.82 15.97 -26.18
N PHE J 62 23.93 16.92 -25.87
CA PHE J 62 24.16 18.30 -26.26
C PHE J 62 25.42 18.85 -25.61
N GLY J 63 25.63 18.55 -24.33
CA GLY J 63 26.85 18.96 -23.65
C GLY J 63 28.10 18.34 -24.26
N LEU J 64 28.03 17.04 -24.58
CA LEU J 64 29.16 16.36 -25.20
C LEU J 64 29.43 16.90 -26.60
N VAL J 65 28.38 17.28 -27.32
CA VAL J 65 28.55 17.87 -28.64
C VAL J 65 29.20 19.24 -28.52
N ILE J 66 28.83 20.00 -27.49
CA ILE J 66 29.51 21.26 -27.23
C ILE J 66 30.99 21.02 -26.92
N ALA J 67 31.28 19.99 -26.14
CA ALA J 67 32.66 19.65 -25.82
C ALA J 67 33.44 19.29 -27.08
N PHE J 68 32.82 18.52 -27.98
CA PHE J 68 33.45 18.21 -29.26
C PHE J 68 33.64 19.44 -30.12
N LEU J 69 32.65 20.33 -30.18
CA LEU J 69 32.76 21.54 -30.99
C LEU J 69 33.75 22.52 -30.39
N ILE J 70 34.13 22.32 -29.14
CA ILE J 70 35.23 23.10 -28.57
C ILE J 70 36.52 22.84 -29.34
N GLY J 71 36.65 21.65 -29.93
CA GLY J 71 37.74 21.41 -30.87
C GLY J 71 37.71 22.32 -32.07
N PHE J 72 36.51 22.73 -32.50
CA PHE J 72 36.37 23.76 -33.52
C PHE J 72 36.66 25.14 -32.93
N GLU K 2 39.72 36.87 -28.10
CA GLU K 2 40.05 36.46 -26.74
C GLU K 2 39.44 35.09 -26.43
N GLY K 3 38.65 34.57 -27.37
CA GLY K 3 37.98 33.30 -27.18
C GLY K 3 36.80 33.34 -26.23
N LEU K 4 36.35 34.53 -25.85
CA LEU K 4 35.26 34.63 -24.88
C LEU K 4 33.93 34.14 -25.46
N ASN K 5 33.82 34.09 -26.79
CA ASN K 5 32.58 33.61 -27.41
C ASN K 5 32.34 32.14 -27.08
N LEU K 6 33.35 31.30 -27.26
CA LEU K 6 33.21 29.88 -26.92
C LEU K 6 32.98 29.68 -25.43
N VAL K 7 33.68 30.45 -24.59
CA VAL K 7 33.50 30.35 -23.15
C VAL K 7 32.07 30.69 -22.77
N ALA K 8 31.56 31.78 -23.34
CA ALA K 8 30.19 32.20 -23.06
C ALA K 8 29.19 31.14 -23.51
N THR K 9 29.38 30.61 -24.73
CA THR K 9 28.46 29.60 -25.24
C THR K 9 28.46 28.36 -24.36
N ALA K 10 29.64 27.91 -23.96
CA ALA K 10 29.74 26.72 -23.13
C ALA K 10 29.11 26.94 -21.77
N LEU K 11 29.37 28.09 -21.16
CA LEU K 11 28.79 28.40 -19.86
C LEU K 11 27.27 28.45 -19.95
N ALA K 12 26.74 29.09 -20.99
CA ALA K 12 25.29 29.18 -21.16
C ALA K 12 24.68 27.80 -21.36
N VAL K 13 25.31 26.98 -22.20
CA VAL K 13 24.78 25.65 -22.46
C VAL K 13 24.77 24.81 -21.18
N GLY K 14 25.88 24.85 -20.44
CA GLY K 14 25.94 24.07 -19.21
C GLY K 14 24.94 24.53 -18.17
N LEU K 15 24.85 25.85 -17.96
CA LEU K 15 23.91 26.38 -16.99
C LEU K 15 22.46 26.11 -17.37
N GLY K 16 22.11 26.24 -18.65
CA GLY K 16 20.78 25.88 -19.08
C GLY K 16 20.45 24.41 -18.96
N ALA K 17 21.37 23.53 -19.38
CA ALA K 17 21.17 22.10 -19.26
C ALA K 17 21.10 21.63 -17.82
N ILE K 18 21.76 22.34 -16.88
CA ILE K 18 21.67 21.98 -15.48
C ILE K 18 20.24 22.11 -14.98
N GLY K 19 19.56 23.19 -15.34
CA GLY K 19 18.21 23.43 -14.93
C GLY K 19 17.24 22.41 -15.48
N PRO K 20 17.14 22.35 -16.81
CA PRO K 20 16.27 21.34 -17.43
C PRO K 20 16.66 19.91 -17.10
N GLY K 21 17.96 19.63 -17.00
CA GLY K 21 18.40 18.27 -16.75
C GLY K 21 17.98 17.76 -15.38
N VAL K 22 17.67 18.69 -14.47
CA VAL K 22 17.14 18.30 -13.17
C VAL K 22 15.62 18.39 -13.13
N GLY K 23 15.04 19.40 -13.78
CA GLY K 23 13.59 19.55 -13.77
C GLY K 23 12.88 18.42 -14.48
N ILE K 24 13.39 18.01 -15.64
CA ILE K 24 12.81 16.91 -16.37
C ILE K 24 12.94 15.62 -15.57
N GLY K 25 14.10 15.42 -14.92
CA GLY K 25 14.26 14.25 -14.08
C GLY K 25 13.31 14.22 -12.91
N ILE K 26 13.06 15.39 -12.30
CA ILE K 26 12.11 15.47 -11.20
C ILE K 26 10.71 15.15 -11.69
N ILE K 27 10.32 15.69 -12.86
CA ILE K 27 9.00 15.42 -13.41
C ILE K 27 8.85 13.94 -13.70
N VAL K 28 9.89 13.34 -14.28
CA VAL K 28 9.85 11.91 -14.59
C VAL K 28 9.77 11.08 -13.32
N SER K 29 10.50 11.46 -12.27
CA SER K 29 10.44 10.71 -11.02
C SER K 29 9.07 10.82 -10.39
N GLY K 30 8.46 12.00 -10.45
CA GLY K 30 7.11 12.16 -9.95
C GLY K 30 6.11 11.32 -10.74
N ALA K 31 6.28 11.27 -12.06
CA ALA K 31 5.44 10.41 -12.88
C ALA K 31 5.63 8.94 -12.53
N VAL K 32 6.88 8.54 -12.25
CA VAL K 32 7.14 7.18 -11.84
C VAL K 32 6.46 6.86 -10.52
N GLN K 33 6.53 7.77 -9.55
CA GLN K 33 5.85 7.55 -8.27
C GLN K 33 4.35 7.47 -8.47
N ALA K 34 3.79 8.35 -9.31
CA ALA K 34 2.35 8.33 -9.57
C ALA K 34 1.94 7.03 -10.23
N ILE K 35 2.74 6.53 -11.17
CA ILE K 35 2.47 5.25 -11.80
C ILE K 35 2.55 4.13 -10.77
N GLY K 36 3.53 4.21 -9.87
CA GLY K 36 3.64 3.23 -8.81
C GLY K 36 2.47 3.25 -7.85
N ARG K 37 1.79 4.39 -7.75
CA ARG K 37 0.55 4.42 -6.97
C ARG K 37 -0.51 3.53 -7.60
N ASN K 38 -0.74 3.68 -8.90
CA ASN K 38 -1.68 2.85 -9.66
C ASN K 38 -1.51 3.10 -11.16
N PRO K 39 -1.63 2.07 -11.99
CA PRO K 39 -1.59 2.27 -13.45
C PRO K 39 -2.98 2.50 -14.05
N GLU K 40 -3.70 3.46 -13.47
CA GLU K 40 -5.06 3.76 -13.89
C GLU K 40 -5.20 5.01 -14.74
N ILE K 41 -4.46 6.08 -14.44
CA ILE K 41 -4.57 7.33 -15.17
C ILE K 41 -3.50 7.44 -16.25
N GLU K 42 -2.94 6.30 -16.69
CA GLU K 42 -1.77 6.30 -17.57
C GLU K 42 -1.99 7.16 -18.81
N ASN K 43 -3.22 7.23 -19.31
CA ASN K 43 -3.54 8.20 -20.34
C ASN K 43 -3.35 9.62 -19.83
N ARG K 44 -4.10 10.00 -18.80
CA ARG K 44 -4.01 11.35 -18.25
C ARG K 44 -2.64 11.61 -17.64
N VAL K 45 -2.07 10.62 -16.94
CA VAL K 45 -0.77 10.79 -16.33
C VAL K 45 0.30 10.99 -17.39
N VAL K 46 0.23 10.21 -18.47
CA VAL K 46 1.18 10.35 -19.56
C VAL K 46 1.01 11.70 -20.25
N THR K 47 -0.23 12.18 -20.35
CA THR K 47 -0.47 13.50 -20.93
C THR K 47 0.17 14.59 -20.07
N TYR K 48 -0.01 14.52 -18.75
CA TYR K 48 0.60 15.50 -17.87
C TYR K 48 2.12 15.42 -17.92
N MET K 49 2.67 14.20 -17.96
CA MET K 49 4.11 14.03 -18.08
C MET K 49 4.61 14.61 -19.39
N PHE K 50 3.86 14.42 -20.47
CA PHE K 50 4.24 15.01 -21.76
C PHE K 50 4.20 16.52 -21.71
N ILE K 51 3.22 17.09 -21.00
CA ILE K 51 3.15 18.55 -20.87
C ILE K 51 4.38 19.06 -20.12
N GLY K 52 4.72 18.40 -19.02
CA GLY K 52 5.90 18.79 -18.27
C GLY K 52 7.18 18.65 -19.07
N ILE K 53 7.29 17.56 -19.83
CA ILE K 53 8.45 17.35 -20.69
C ILE K 53 8.51 18.41 -21.78
N ALA K 54 7.34 18.83 -22.27
CA ALA K 54 7.30 19.89 -23.26
C ALA K 54 7.80 21.21 -22.68
N PHE K 55 7.39 21.52 -21.45
CA PHE K 55 7.89 22.74 -20.80
C PHE K 55 9.40 22.67 -20.60
N THR K 56 9.89 21.52 -20.13
CA THR K 56 11.33 21.37 -19.90
C THR K 56 12.11 21.46 -21.20
N GLU K 57 11.60 20.82 -22.26
CA GLU K 57 12.27 20.88 -23.56
C GLU K 57 12.21 22.29 -24.13
N ALA K 58 11.13 23.04 -23.88
CA ALA K 58 11.07 24.42 -24.31
C ALA K 58 12.14 25.26 -23.62
N LEU K 59 12.31 25.05 -22.31
CA LEU K 59 13.38 25.74 -21.60
C LEU K 59 14.74 25.36 -22.15
N ALA K 60 14.94 24.07 -22.42
CA ALA K 60 16.23 23.60 -22.94
C ALA K 60 16.51 24.19 -24.32
N ILE K 61 15.48 24.26 -25.18
CA ILE K 61 15.67 24.82 -26.51
C ILE K 61 15.93 26.31 -26.43
N PHE K 62 15.25 27.01 -25.51
CA PHE K 62 15.53 28.43 -25.30
C PHE K 62 16.98 28.64 -24.90
N GLY K 63 17.49 27.77 -24.02
CA GLY K 63 18.91 27.82 -23.71
C GLY K 63 19.83 27.50 -24.86
N LEU K 64 19.55 26.43 -25.61
CA LEU K 64 20.37 26.00 -26.73
C LEU K 64 20.39 27.00 -27.88
N VAL K 65 19.34 27.83 -27.99
CA VAL K 65 19.32 28.85 -29.04
C VAL K 65 20.47 29.84 -28.84
N ILE K 66 20.73 30.23 -27.59
CA ILE K 66 21.83 31.16 -27.33
C ILE K 66 23.17 30.55 -27.69
N ALA K 67 23.28 29.21 -27.65
CA ALA K 67 24.53 28.57 -28.05
C ALA K 67 24.85 28.84 -29.51
N PHE K 68 23.88 28.66 -30.40
CA PHE K 68 24.09 29.00 -31.80
C PHE K 68 24.17 30.50 -32.01
N LEU K 69 23.47 31.29 -31.18
CA LEU K 69 23.55 32.73 -31.29
C LEU K 69 24.97 33.22 -30.99
N ILE K 70 25.68 32.52 -30.11
CA ILE K 70 27.08 32.81 -29.87
C ILE K 70 27.89 32.54 -31.12
N GLY K 71 27.52 31.49 -31.87
CA GLY K 71 28.11 31.29 -33.18
C GLY K 71 27.76 32.40 -34.14
N PHE K 72 26.65 33.08 -33.91
CA PHE K 72 26.27 34.24 -34.70
C PHE K 72 26.80 35.52 -34.04
N GLU L 2 35.03 43.72 -25.12
CA GLU L 2 35.20 42.66 -26.10
C GLU L 2 33.95 41.79 -26.18
N GLY L 3 34.11 40.51 -25.87
CA GLY L 3 33.02 39.56 -25.82
C GLY L 3 32.15 39.67 -24.57
N LEU L 4 32.42 40.66 -23.72
CA LEU L 4 31.67 40.83 -22.49
C LEU L 4 30.18 41.02 -22.75
N ASN L 5 29.82 41.58 -23.91
CA ASN L 5 28.41 41.63 -24.29
C ASN L 5 27.86 40.23 -24.54
N LEU L 6 28.56 39.45 -25.37
CA LEU L 6 28.15 38.07 -25.61
C LEU L 6 28.24 37.25 -24.34
N VAL L 7 29.28 37.48 -23.53
CA VAL L 7 29.41 36.79 -22.26
C VAL L 7 28.23 37.11 -21.35
N ALA L 8 27.83 38.37 -21.30
CA ALA L 8 26.68 38.77 -20.49
C ALA L 8 25.41 38.09 -20.98
N THR L 9 25.17 38.12 -22.29
CA THR L 9 23.97 37.50 -22.84
C THR L 9 23.92 36.02 -22.51
N ALA L 10 25.05 35.33 -22.69
CA ALA L 10 25.11 33.91 -22.41
C ALA L 10 24.92 33.63 -20.93
N LEU L 11 25.53 34.43 -20.05
CA LEU L 11 25.38 34.24 -18.62
C LEU L 11 23.93 34.42 -18.20
N ALA L 12 23.27 35.45 -18.73
CA ALA L 12 21.87 35.67 -18.42
C ALA L 12 21.02 34.50 -18.91
N VAL L 13 21.28 34.02 -20.12
CA VAL L 13 20.47 32.95 -20.69
C VAL L 13 20.63 31.67 -19.88
N GLY L 14 21.88 31.28 -19.60
CA GLY L 14 22.09 30.04 -18.87
C GLY L 14 21.58 30.10 -17.44
N LEU L 15 21.85 31.20 -16.75
CA LEU L 15 21.39 31.35 -15.38
C LEU L 15 19.88 31.58 -15.36
N GLY L 16 19.27 31.24 -14.23
CA GLY L 16 17.83 31.35 -14.11
C GLY L 16 17.08 30.13 -14.59
N ALA L 17 17.63 29.41 -15.55
CA ALA L 17 17.03 28.17 -16.03
C ALA L 17 16.91 27.11 -14.96
N ILE L 18 17.74 27.17 -13.92
CA ILE L 18 17.62 26.24 -12.80
C ILE L 18 16.28 26.42 -12.09
N GLY L 19 15.94 27.67 -11.77
CA GLY L 19 14.73 27.97 -11.05
C GLY L 19 13.49 27.56 -11.81
N PRO L 20 13.44 27.92 -13.09
CA PRO L 20 12.25 27.57 -13.89
C PRO L 20 12.08 26.08 -14.08
N GLY L 21 13.11 25.38 -14.53
CA GLY L 21 13.00 23.94 -14.71
C GLY L 21 12.72 23.21 -13.41
N VAL L 22 13.35 23.66 -12.33
CA VAL L 22 13.13 23.03 -11.03
C VAL L 22 11.70 23.23 -10.56
N GLY L 23 11.18 24.45 -10.68
CA GLY L 23 9.80 24.70 -10.29
C GLY L 23 8.83 23.91 -11.14
N ILE L 24 9.10 23.81 -12.43
CA ILE L 24 8.24 23.03 -13.32
C ILE L 24 8.24 21.57 -12.90
N GLY L 25 9.42 20.99 -12.68
CA GLY L 25 9.49 19.59 -12.29
C GLY L 25 8.81 19.32 -10.96
N ILE L 26 9.00 20.23 -10.00
CA ILE L 26 8.33 20.07 -8.71
C ILE L 26 6.81 20.15 -8.88
N ILE L 27 6.34 21.16 -9.61
CA ILE L 27 4.91 21.30 -9.84
C ILE L 27 4.40 20.13 -10.66
N VAL L 28 5.21 19.64 -11.60
CA VAL L 28 4.79 18.48 -12.40
C VAL L 28 4.61 17.26 -11.51
N SER L 29 5.56 17.00 -10.61
CA SER L 29 5.44 15.84 -9.73
C SER L 29 4.25 15.98 -8.79
N GLY L 30 4.06 17.18 -8.24
CA GLY L 30 2.90 17.41 -7.40
C GLY L 30 1.60 17.24 -8.14
N ALA L 31 1.56 17.69 -9.40
CA ALA L 31 0.38 17.52 -10.24
C ALA L 31 0.13 16.05 -10.54
N VAL L 32 1.20 15.28 -10.75
CA VAL L 32 1.04 13.85 -10.98
C VAL L 32 0.45 13.19 -9.74
N GLN L 33 0.96 13.53 -8.55
CA GLN L 33 0.41 12.97 -7.33
C GLN L 33 -1.06 13.37 -7.14
N ALA L 34 -1.38 14.64 -7.40
CA ALA L 34 -2.74 15.11 -7.22
C ALA L 34 -3.69 14.46 -8.23
N ILE L 35 -3.24 14.29 -9.47
CA ILE L 35 -4.06 13.63 -10.48
C ILE L 35 -4.29 12.18 -10.11
N GLY L 36 -3.28 11.54 -9.53
CA GLY L 36 -3.49 10.22 -8.95
C GLY L 36 -4.53 10.24 -7.84
N ARG L 37 -4.55 11.32 -7.06
CA ARG L 37 -5.51 11.43 -5.97
C ARG L 37 -6.94 11.57 -6.50
N ASN L 38 -7.18 12.50 -7.44
CA ASN L 38 -8.55 12.77 -7.87
C ASN L 38 -8.61 13.35 -9.27
N PRO L 39 -8.93 12.53 -10.29
CA PRO L 39 -9.13 13.10 -11.64
C PRO L 39 -10.29 14.07 -11.73
N GLU L 40 -11.31 13.95 -10.88
CA GLU L 40 -12.39 14.91 -10.86
C GLU L 40 -11.96 16.27 -10.32
N ILE L 41 -11.26 16.30 -9.19
CA ILE L 41 -10.69 17.53 -8.67
C ILE L 41 -9.47 17.98 -9.48
N GLU L 42 -9.01 17.13 -10.41
CA GLU L 42 -7.89 17.49 -11.26
C GLU L 42 -8.18 18.72 -12.09
N ASN L 43 -9.46 19.02 -12.33
CA ASN L 43 -9.82 20.25 -13.03
C ASN L 43 -9.26 21.47 -12.33
N ARG L 44 -9.63 21.67 -11.06
CA ARG L 44 -9.04 22.74 -10.28
C ARG L 44 -7.54 22.51 -10.10
N VAL L 45 -7.12 21.25 -9.99
CA VAL L 45 -5.70 20.94 -9.88
C VAL L 45 -4.96 21.32 -11.16
N VAL L 46 -5.52 20.99 -12.32
CA VAL L 46 -4.86 21.35 -13.57
C VAL L 46 -4.85 22.86 -13.76
N THR L 47 -5.89 23.53 -13.27
CA THR L 47 -5.92 25.00 -13.34
C THR L 47 -4.79 25.60 -12.50
N TYR L 48 -4.63 25.15 -11.26
CA TYR L 48 -3.52 25.61 -10.45
C TYR L 48 -2.18 25.22 -11.06
N MET L 49 -2.09 24.04 -11.68
CA MET L 49 -0.87 23.60 -12.34
C MET L 49 -0.51 24.54 -13.48
N PHE L 50 -1.51 24.93 -14.27
CA PHE L 50 -1.28 25.93 -15.31
C PHE L 50 -0.86 27.26 -14.72
N ILE L 51 -1.42 27.65 -13.58
CA ILE L 51 -1.01 28.90 -12.92
C ILE L 51 0.46 28.83 -12.52
N GLY L 52 0.87 27.73 -11.91
CA GLY L 52 2.27 27.59 -11.53
C GLY L 52 3.21 27.50 -12.73
N ILE L 53 2.75 26.84 -13.79
CA ILE L 53 3.50 26.71 -15.01
C ILE L 53 3.72 28.10 -15.59
N ALA L 54 2.68 28.92 -15.55
CA ALA L 54 2.80 30.31 -15.98
C ALA L 54 3.78 31.10 -15.12
N PHE L 55 3.70 30.96 -13.80
CA PHE L 55 4.61 31.67 -12.91
C PHE L 55 6.07 31.31 -13.18
N THR L 56 6.34 30.02 -13.35
CA THR L 56 7.69 29.58 -13.73
C THR L 56 8.06 30.12 -15.10
N GLU L 57 7.13 30.03 -16.06
CA GLU L 57 7.36 30.63 -17.37
C GLU L 57 7.46 32.14 -17.28
N ALA L 58 6.78 32.75 -16.31
CA ALA L 58 6.94 34.19 -16.11
C ALA L 58 8.36 34.53 -15.70
N LEU L 59 8.93 33.76 -14.77
CA LEU L 59 10.33 33.97 -14.39
C LEU L 59 11.26 33.72 -15.57
N ALA L 60 11.00 32.66 -16.33
CA ALA L 60 11.83 32.34 -17.48
C ALA L 60 11.76 33.45 -18.51
N ILE L 61 10.58 34.01 -18.75
CA ILE L 61 10.43 35.13 -19.67
C ILE L 61 11.10 36.37 -19.13
N PHE L 62 11.09 36.57 -17.81
CA PHE L 62 11.82 37.67 -17.22
C PHE L 62 13.31 37.57 -17.53
N GLY L 63 13.86 36.35 -17.43
CA GLY L 63 15.24 36.16 -17.82
C GLY L 63 15.47 36.35 -19.31
N LEU L 64 14.58 35.81 -20.14
CA LEU L 64 14.74 35.89 -21.58
C LEU L 64 14.60 37.33 -22.06
N VAL L 65 13.90 38.16 -21.31
CA VAL L 65 13.78 39.57 -21.66
C VAL L 65 15.13 40.27 -21.54
N ILE L 66 15.84 40.00 -20.44
CA ILE L 66 17.20 40.54 -20.30
C ILE L 66 18.11 39.95 -21.35
N ALA L 67 17.90 38.68 -21.69
CA ALA L 67 18.68 38.05 -22.76
C ALA L 67 18.50 38.77 -24.09
N PHE L 68 17.26 39.04 -24.47
CA PHE L 68 16.96 39.76 -25.70
C PHE L 68 17.46 41.20 -25.66
N LEU L 69 17.35 41.86 -24.51
CA LEU L 69 17.90 43.21 -24.38
C LEU L 69 19.41 43.21 -24.59
N ILE L 70 20.09 42.20 -24.06
CA ILE L 70 21.50 42.01 -24.35
C ILE L 70 21.72 41.76 -25.83
N GLY L 71 20.80 41.06 -26.49
CA GLY L 71 20.87 40.90 -27.93
C GLY L 71 20.81 42.20 -28.71
N PHE L 72 20.30 43.26 -28.09
CA PHE L 72 20.26 44.57 -28.74
C PHE L 72 21.11 45.58 -27.97
N GLU M 2 34.53 48.25 -19.84
CA GLU M 2 33.99 47.29 -20.78
C GLU M 2 32.49 47.09 -20.55
N GLY M 3 32.01 45.89 -20.85
CA GLY M 3 30.63 45.52 -20.65
C GLY M 3 30.27 45.15 -19.23
N LEU M 4 30.92 45.77 -18.25
CA LEU M 4 30.69 45.42 -16.84
C LEU M 4 29.25 45.66 -16.41
N ASN M 5 28.64 46.75 -16.89
CA ASN M 5 27.25 47.02 -16.55
C ASN M 5 26.33 45.95 -17.13
N LEU M 6 26.54 45.59 -18.39
CA LEU M 6 25.72 44.56 -19.02
C LEU M 6 25.92 43.21 -18.34
N VAL M 7 27.17 42.87 -18.05
CA VAL M 7 27.46 41.61 -17.36
C VAL M 7 26.80 41.59 -15.99
N ALA M 8 26.87 42.72 -15.28
CA ALA M 8 26.28 42.80 -13.96
C ALA M 8 24.76 42.63 -14.01
N THR M 9 24.10 43.35 -14.92
CA THR M 9 22.65 43.23 -15.04
C THR M 9 22.26 41.80 -15.42
N ALA M 10 23.01 41.19 -16.35
CA ALA M 10 22.73 39.84 -16.78
C ALA M 10 22.85 38.85 -15.63
N LEU M 11 23.97 38.92 -14.90
CA LEU M 11 24.19 38.01 -13.79
C LEU M 11 23.15 38.21 -12.69
N ALA M 12 22.82 39.48 -12.41
CA ALA M 12 21.84 39.77 -11.38
C ALA M 12 20.49 39.17 -11.74
N VAL M 13 20.04 39.36 -12.98
CA VAL M 13 18.76 38.80 -13.40
C VAL M 13 18.80 37.28 -13.33
N GLY M 14 19.86 36.68 -13.87
CA GLY M 14 19.93 35.23 -13.93
C GLY M 14 19.96 34.59 -12.54
N LEU M 15 20.74 35.16 -11.63
CA LEU M 15 20.83 34.60 -10.29
C LEU M 15 19.61 34.91 -9.43
N GLY M 16 18.99 36.08 -9.61
CA GLY M 16 17.77 36.38 -8.88
C GLY M 16 16.61 35.49 -9.31
N ALA M 17 16.55 35.15 -10.60
CA ALA M 17 15.46 34.33 -11.10
C ALA M 17 15.86 32.87 -11.12
N ILE M 18 16.69 32.45 -10.16
CA ILE M 18 17.32 31.13 -10.19
C ILE M 18 16.82 30.26 -9.05
N GLY M 19 15.53 30.33 -8.74
CA GLY M 19 14.96 29.43 -7.76
C GLY M 19 13.85 30.00 -6.91
N PRO M 20 13.65 31.31 -6.97
CA PRO M 20 12.42 31.86 -6.39
C PRO M 20 11.21 31.25 -7.07
N GLY M 21 11.31 31.10 -8.39
CA GLY M 21 10.30 30.41 -9.16
C GLY M 21 10.25 28.94 -8.82
N VAL M 22 11.42 28.36 -8.51
CA VAL M 22 11.46 26.96 -8.09
C VAL M 22 10.71 26.79 -6.77
N GLY M 23 10.93 27.70 -5.83
CA GLY M 23 10.21 27.68 -4.58
C GLY M 23 8.72 27.87 -4.78
N ILE M 24 8.36 28.74 -5.74
CA ILE M 24 6.96 28.94 -6.06
C ILE M 24 6.34 27.65 -6.59
N GLY M 25 7.05 26.95 -7.48
CA GLY M 25 6.54 25.70 -8.01
C GLY M 25 6.42 24.62 -6.94
N ILE M 26 7.38 24.60 -6.01
CA ILE M 26 7.30 23.67 -4.89
C ILE M 26 6.10 23.98 -4.02
N ILE M 27 5.86 25.25 -3.74
CA ILE M 27 4.68 25.64 -2.96
C ILE M 27 3.41 25.25 -3.70
N VAL M 28 3.42 25.40 -5.03
CA VAL M 28 2.26 25.03 -5.83
C VAL M 28 2.01 23.53 -5.75
N SER M 29 3.07 22.72 -5.82
CA SER M 29 2.92 21.28 -5.72
C SER M 29 2.40 20.87 -4.34
N GLY M 30 2.92 21.51 -3.30
CA GLY M 30 2.42 21.23 -1.96
C GLY M 30 0.96 21.62 -1.79
N ALA M 31 0.58 22.75 -2.39
CA ALA M 31 -0.81 23.17 -2.36
C ALA M 31 -1.69 22.19 -3.13
N VAL M 32 -1.19 21.66 -4.24
CA VAL M 32 -1.93 20.66 -5.00
C VAL M 32 -2.13 19.41 -4.16
N GLN M 33 -1.09 18.97 -3.45
CA GLN M 33 -1.22 17.83 -2.56
C GLN M 33 -2.23 18.10 -1.47
N ALA M 34 -2.20 19.30 -0.88
CA ALA M 34 -3.16 19.65 0.16
C ALA M 34 -4.58 19.69 -0.38
N ILE M 35 -4.77 20.22 -1.58
CA ILE M 35 -6.11 20.30 -2.17
C ILE M 35 -6.63 18.91 -2.48
N GLY M 36 -5.77 18.02 -2.97
CA GLY M 36 -6.17 16.64 -3.11
C GLY M 36 -6.53 16.01 -1.78
N ARG M 37 -5.80 16.37 -0.72
CA ARG M 37 -6.11 15.86 0.61
C ARG M 37 -7.43 16.40 1.12
N ASN M 38 -7.64 17.72 1.01
CA ASN M 38 -8.82 18.37 1.56
C ASN M 38 -9.45 19.25 0.48
N PRO M 39 -10.15 18.66 -0.49
CA PRO M 39 -10.91 19.47 -1.45
C PRO M 39 -11.97 20.34 -0.80
N GLU M 40 -12.59 19.88 0.29
CA GLU M 40 -13.53 20.72 1.02
C GLU M 40 -12.85 21.95 1.60
N ILE M 41 -11.68 21.76 2.22
CA ILE M 41 -10.93 22.90 2.75
C ILE M 41 -10.05 23.47 1.64
N GLU M 42 -10.61 24.37 0.85
CA GLU M 42 -9.90 24.96 -0.27
C GLU M 42 -10.33 26.42 -0.39
N ASN M 43 -9.62 27.14 -1.26
CA ASN M 43 -9.87 28.55 -1.59
C ASN M 43 -9.49 29.48 -0.46
N ARG M 44 -9.13 28.91 0.70
CA ARG M 44 -8.48 29.68 1.75
C ARG M 44 -7.02 29.30 1.86
N VAL M 45 -6.75 27.99 1.81
CA VAL M 45 -5.40 27.51 1.59
C VAL M 45 -4.90 27.99 0.23
N VAL M 46 -5.78 27.99 -0.78
CA VAL M 46 -5.40 28.53 -2.09
C VAL M 46 -5.14 30.03 -2.00
N THR M 47 -5.90 30.73 -1.13
CA THR M 47 -5.64 32.15 -0.93
C THR M 47 -4.28 32.38 -0.32
N TYR M 48 -3.93 31.59 0.72
CA TYR M 48 -2.60 31.69 1.30
C TYR M 48 -1.53 31.32 0.28
N MET M 49 -1.85 30.38 -0.62
CA MET M 49 -0.92 30.01 -1.67
C MET M 49 -0.69 31.17 -2.62
N PHE M 50 -1.75 31.89 -2.98
CA PHE M 50 -1.59 33.08 -3.81
C PHE M 50 -0.77 34.14 -3.10
N ILE M 51 -0.99 34.30 -1.79
CA ILE M 51 -0.20 35.27 -1.01
C ILE M 51 1.27 34.89 -1.04
N GLY M 52 1.56 33.61 -0.84
CA GLY M 52 2.94 33.16 -0.90
C GLY M 52 3.54 33.30 -2.29
N ILE M 53 2.72 33.11 -3.32
CA ILE M 53 3.18 33.30 -4.69
C ILE M 53 3.58 34.75 -4.92
N ALA M 54 2.77 35.68 -4.41
CA ALA M 54 3.12 37.09 -4.50
C ALA M 54 4.40 37.39 -3.72
N PHE M 55 4.53 36.80 -2.53
CA PHE M 55 5.73 37.00 -1.72
C PHE M 55 6.97 36.49 -2.46
N THR M 56 6.87 35.34 -3.11
CA THR M 56 8.00 34.80 -3.86
C THR M 56 8.32 35.68 -5.08
N GLU M 57 7.28 36.06 -5.82
CA GLU M 57 7.46 36.91 -7.00
C GLU M 57 7.99 38.29 -6.65
N ALA M 58 7.87 38.72 -5.39
CA ALA M 58 8.46 39.98 -4.97
C ALA M 58 9.97 39.99 -5.19
N LEU M 59 10.63 38.85 -4.94
CA LEU M 59 12.07 38.78 -5.17
C LEU M 59 12.42 38.97 -6.64
N ALA M 60 11.66 38.31 -7.53
CA ALA M 60 11.90 38.47 -8.96
C ALA M 60 11.63 39.91 -9.40
N ILE M 61 10.59 40.53 -8.83
CA ILE M 61 10.30 41.92 -9.16
C ILE M 61 11.44 42.82 -8.72
N PHE M 62 11.98 42.59 -7.52
CA PHE M 62 13.11 43.39 -7.05
C PHE M 62 14.34 43.19 -7.92
N GLY M 63 14.59 41.95 -8.35
CA GLY M 63 15.72 41.70 -9.23
C GLY M 63 15.56 42.39 -10.57
N LEU M 64 14.36 42.33 -11.14
CA LEU M 64 14.10 43.01 -12.41
C LEU M 64 14.23 44.51 -12.25
N VAL M 65 13.78 45.05 -11.12
CA VAL M 65 13.93 46.48 -10.86
C VAL M 65 15.40 46.86 -10.76
N ILE M 66 16.21 46.03 -10.09
CA ILE M 66 17.64 46.29 -10.01
C ILE M 66 18.26 46.26 -11.39
N ALA M 67 17.86 45.30 -12.23
CA ALA M 67 18.39 45.23 -13.59
C ALA M 67 18.01 46.47 -14.39
N PHE M 68 16.77 46.92 -14.27
CA PHE M 68 16.33 48.11 -14.98
C PHE M 68 17.09 49.34 -14.51
N LEU M 69 17.32 49.46 -13.19
CA LEU M 69 18.09 50.58 -12.67
C LEU M 69 19.52 50.54 -13.17
N ILE M 70 20.10 49.33 -13.28
CA ILE M 70 21.39 49.18 -13.91
C ILE M 70 21.37 49.64 -15.36
N GLY M 71 20.30 49.34 -16.09
CA GLY M 71 20.12 49.85 -17.42
C GLY M 71 19.84 51.34 -17.48
N PHE M 72 19.55 51.96 -16.35
CA PHE M 72 19.33 53.41 -16.29
C PHE M 72 20.52 54.10 -15.63
N GLU N 2 32.34 51.84 -10.47
CA GLU N 2 31.94 51.69 -11.89
C GLU N 2 31.57 50.21 -12.15
N GLY N 3 32.45 49.47 -12.84
CA GLY N 3 32.19 48.05 -13.11
C GLY N 3 32.05 47.27 -11.82
N LEU N 4 32.94 47.49 -10.86
CA LEU N 4 32.85 46.81 -9.53
C LEU N 4 31.54 47.26 -8.87
N ASN N 5 31.18 48.53 -9.01
CA ASN N 5 29.91 49.04 -8.43
C ASN N 5 28.75 48.20 -8.98
N LEU N 6 28.55 48.21 -10.30
CA LEU N 6 27.50 47.40 -10.90
C LEU N 6 27.65 45.94 -10.52
N VAL N 7 28.88 45.44 -10.45
CA VAL N 7 29.12 44.07 -10.03
C VAL N 7 28.64 43.86 -8.60
N ALA N 8 28.90 44.84 -7.73
CA ALA N 8 28.44 44.76 -6.35
C ALA N 8 26.92 44.73 -6.28
N THR N 9 26.26 45.58 -7.07
CA THR N 9 24.80 45.56 -7.12
C THR N 9 24.29 44.22 -7.61
N ALA N 10 24.96 43.64 -8.61
CA ALA N 10 24.56 42.35 -9.14
C ALA N 10 24.70 41.26 -8.10
N LEU N 11 25.82 41.26 -7.38
CA LEU N 11 26.04 40.27 -6.34
C LEU N 11 25.00 40.40 -5.23
N ALA N 12 24.69 41.63 -4.84
CA ALA N 12 23.67 41.85 -3.82
C ALA N 12 22.31 41.35 -4.30
N VAL N 13 21.96 41.62 -5.57
CA VAL N 13 20.64 41.25 -6.06
C VAL N 13 20.52 39.74 -6.22
N GLY N 14 21.39 39.13 -7.02
CA GLY N 14 21.24 37.74 -7.35
C GLY N 14 21.41 36.76 -6.22
N LEU N 15 22.43 36.96 -5.39
CA LEU N 15 22.75 35.99 -4.35
C LEU N 15 21.71 36.02 -3.24
N GLY N 16 21.31 34.83 -2.79
CA GLY N 16 20.45 34.69 -1.63
C GLY N 16 18.97 34.90 -1.87
N ALA N 17 18.60 35.72 -2.85
CA ALA N 17 17.20 36.05 -3.11
C ALA N 17 16.36 34.85 -3.49
N ILE N 18 16.85 34.02 -4.42
CA ILE N 18 16.07 32.86 -4.86
C ILE N 18 15.88 31.87 -3.72
N GLY N 19 16.93 31.65 -2.93
CA GLY N 19 16.88 30.70 -1.84
C GLY N 19 15.91 31.12 -0.75
N PRO N 20 15.85 32.42 -0.48
CA PRO N 20 14.88 32.89 0.52
C PRO N 20 13.43 32.64 0.11
N GLY N 21 13.05 33.02 -1.10
CA GLY N 21 11.70 32.75 -1.57
C GLY N 21 11.44 31.26 -1.68
N VAL N 22 12.46 30.48 -2.03
CA VAL N 22 12.34 29.03 -2.07
C VAL N 22 12.05 28.43 -0.70
N GLY N 23 12.77 28.84 0.33
CA GLY N 23 12.43 28.39 1.68
C GLY N 23 11.04 28.87 2.10
N ILE N 24 10.67 30.08 1.69
CA ILE N 24 9.34 30.59 1.97
C ILE N 24 8.28 29.73 1.30
N GLY N 25 8.51 29.37 0.03
CA GLY N 25 7.57 28.51 -0.66
C GLY N 25 7.48 27.13 -0.04
N ILE N 26 8.61 26.60 0.43
CA ILE N 26 8.60 25.31 1.12
C ILE N 26 7.77 25.40 2.40
N ILE N 27 7.97 26.47 3.17
CA ILE N 27 7.19 26.66 4.38
C ILE N 27 5.71 26.78 4.05
N VAL N 28 5.40 27.48 2.96
CA VAL N 28 4.01 27.64 2.54
C VAL N 28 3.40 26.29 2.17
N SER N 29 4.14 25.46 1.44
CA SER N 29 3.63 24.15 1.05
C SER N 29 3.41 23.26 2.27
N GLY N 30 4.35 23.31 3.22
CA GLY N 30 4.19 22.54 4.44
C GLY N 30 2.99 22.99 5.25
N ALA N 31 2.79 24.30 5.34
CA ALA N 31 1.63 24.82 6.04
C ALA N 31 0.34 24.43 5.34
N VAL N 32 0.34 24.43 4.00
CA VAL N 32 -0.84 24.02 3.26
C VAL N 32 -1.16 22.56 3.53
N GLN N 33 -0.14 21.71 3.52
CA GLN N 33 -0.36 20.29 3.82
C GLN N 33 -0.87 20.10 5.24
N ALA N 34 -0.30 20.83 6.21
CA ALA N 34 -0.76 20.71 7.59
C ALA N 34 -2.20 21.17 7.74
N ILE N 35 -2.56 22.26 7.06
CA ILE N 35 -3.91 22.78 7.14
C ILE N 35 -4.90 21.82 6.50
N GLY N 36 -4.51 21.20 5.38
CA GLY N 36 -5.33 20.15 4.82
C GLY N 36 -5.50 18.98 5.77
N ARG N 37 -4.43 18.63 6.49
CA ARG N 37 -4.54 17.60 7.51
C ARG N 37 -5.44 18.04 8.67
N ASN N 38 -5.29 19.27 9.14
CA ASN N 38 -6.07 19.74 10.28
C ASN N 38 -6.47 21.19 10.12
N PRO N 39 -7.62 21.46 9.47
CA PRO N 39 -8.08 22.85 9.36
C PRO N 39 -8.45 23.50 10.69
N GLU N 40 -8.67 22.71 11.74
CA GLU N 40 -9.05 23.25 13.04
C GLU N 40 -7.97 24.12 13.67
N ILE N 41 -6.70 23.80 13.45
CA ILE N 41 -5.60 24.56 14.04
C ILE N 41 -5.10 25.66 13.10
N GLU N 42 -5.92 26.05 12.12
CA GLU N 42 -5.49 27.01 11.10
C GLU N 42 -5.10 28.35 11.70
N ASN N 43 -5.65 28.70 12.86
CA ASN N 43 -5.29 29.95 13.51
C ASN N 43 -3.80 29.95 13.89
N ARG N 44 -3.38 28.98 14.70
CA ARG N 44 -1.97 28.87 15.06
C ARG N 44 -1.12 28.58 13.84
N VAL N 45 -1.68 27.88 12.85
CA VAL N 45 -0.93 27.60 11.62
C VAL N 45 -0.59 28.90 10.91
N VAL N 46 -1.56 29.79 10.75
CA VAL N 46 -1.32 31.07 10.09
C VAL N 46 -0.40 31.94 10.96
N THR N 47 -0.55 31.85 12.28
CA THR N 47 0.33 32.60 13.18
C THR N 47 1.79 32.20 12.99
N TYR N 48 2.06 30.90 12.88
CA TYR N 48 3.41 30.45 12.60
C TYR N 48 3.83 30.80 11.18
N MET N 49 2.89 30.72 10.23
CA MET N 49 3.19 31.05 8.84
C MET N 49 3.55 32.52 8.69
N PHE N 50 2.86 33.39 9.43
CA PHE N 50 3.21 34.80 9.44
C PHE N 50 4.63 35.02 9.95
N ILE N 51 5.01 34.31 11.02
CA ILE N 51 6.36 34.45 11.57
C ILE N 51 7.40 33.97 10.56
N GLY N 52 7.11 32.85 9.88
CA GLY N 52 8.04 32.34 8.90
C GLY N 52 8.21 33.27 7.71
N ILE N 53 7.08 33.81 7.22
CA ILE N 53 7.13 34.80 6.15
C ILE N 53 7.90 36.03 6.60
N ALA N 54 7.73 36.41 7.86
CA ALA N 54 8.47 37.56 8.39
C ALA N 54 9.97 37.29 8.41
N PHE N 55 10.36 36.08 8.80
CA PHE N 55 11.79 35.73 8.81
C PHE N 55 12.36 35.73 7.40
N THR N 56 11.62 35.17 6.45
CA THR N 56 12.07 35.14 5.06
C THR N 56 12.18 36.56 4.50
N GLU N 57 11.18 37.40 4.78
CA GLU N 57 11.24 38.78 4.33
C GLU N 57 12.35 39.55 5.01
N ALA N 58 12.67 39.22 6.26
CA ALA N 58 13.78 39.84 6.94
C ALA N 58 15.10 39.49 6.27
N LEU N 59 15.26 38.22 5.87
CA LEU N 59 16.45 37.85 5.10
C LEU N 59 16.51 38.59 3.78
N ALA N 60 15.38 38.65 3.06
CA ALA N 60 15.36 39.29 1.75
C ALA N 60 15.65 40.78 1.85
N ILE N 61 15.05 41.46 2.83
CA ILE N 61 15.27 42.89 3.00
C ILE N 61 16.69 43.18 3.47
N PHE N 62 17.23 42.31 4.33
CA PHE N 62 18.63 42.46 4.74
C PHE N 62 19.55 42.36 3.53
N GLY N 63 19.25 41.43 2.62
CA GLY N 63 19.99 41.37 1.37
C GLY N 63 19.82 42.60 0.50
N LEU N 64 18.59 43.10 0.37
CA LEU N 64 18.32 44.26 -0.50
C LEU N 64 18.93 45.53 0.07
N VAL N 65 19.17 45.56 1.39
CA VAL N 65 19.75 46.73 2.03
C VAL N 65 21.15 46.99 1.50
N ILE N 66 21.91 45.92 1.25
CA ILE N 66 23.26 46.07 0.70
C ILE N 66 23.20 46.70 -0.69
N ALA N 67 22.25 46.25 -1.52
CA ALA N 67 22.09 46.83 -2.85
C ALA N 67 21.68 48.30 -2.76
N PHE N 68 20.79 48.63 -1.83
CA PHE N 68 20.38 50.01 -1.65
C PHE N 68 21.55 50.88 -1.23
N LEU N 69 22.40 50.38 -0.32
CA LEU N 69 23.59 51.12 0.07
C LEU N 69 24.57 51.24 -1.09
N ILE N 70 24.63 50.22 -1.94
CA ILE N 70 25.44 50.29 -3.16
C ILE N 70 24.92 51.39 -4.08
N GLY N 71 23.61 51.59 -4.10
CA GLY N 71 23.05 52.71 -4.84
C GLY N 71 23.56 54.06 -4.37
N PHE N 72 23.76 54.21 -3.06
CA PHE N 72 24.35 55.39 -2.45
C PHE N 72 23.60 56.68 -2.81
N GLU O 2 39.66 49.58 -5.73
CA GLU O 2 39.15 49.05 -6.99
C GLU O 2 37.64 48.86 -6.92
N GLY O 3 37.08 49.01 -5.72
CA GLY O 3 35.66 48.82 -5.52
C GLY O 3 35.30 47.37 -5.28
N LEU O 4 36.31 46.51 -5.25
CA LEU O 4 36.07 45.08 -5.06
C LEU O 4 35.56 44.78 -3.65
N ASN O 5 35.78 45.72 -2.71
CA ASN O 5 35.31 45.51 -1.34
C ASN O 5 33.79 45.46 -1.28
N LEU O 6 33.10 46.37 -1.97
CA LEU O 6 31.65 46.37 -1.96
C LEU O 6 31.10 45.11 -2.61
N VAL O 7 31.70 44.69 -3.73
CA VAL O 7 31.27 43.46 -4.38
C VAL O 7 31.48 42.26 -3.48
N ALA O 8 32.62 42.21 -2.79
CA ALA O 8 32.89 41.12 -1.86
C ALA O 8 31.87 41.09 -0.74
N THR O 9 31.56 42.26 -0.17
CA THR O 9 30.59 42.33 0.92
C THR O 9 29.21 41.86 0.46
N ALA O 10 28.78 42.34 -0.72
CA ALA O 10 27.47 41.95 -1.24
C ALA O 10 27.41 40.45 -1.52
N LEU O 11 28.46 39.92 -2.15
CA LEU O 11 28.47 38.49 -2.46
C LEU O 11 28.46 37.65 -1.20
N ALA O 12 29.26 38.02 -0.20
CA ALA O 12 29.30 37.26 1.03
C ALA O 12 27.97 37.32 1.76
N VAL O 13 27.35 38.49 1.80
CA VAL O 13 26.05 38.62 2.46
C VAL O 13 25.02 37.77 1.77
N GLY O 14 24.95 37.83 0.44
CA GLY O 14 23.96 37.05 -0.28
C GLY O 14 24.18 35.55 -0.14
N LEU O 15 25.43 35.12 -0.24
CA LEU O 15 25.75 33.71 -0.09
C LEU O 15 25.45 33.19 1.32
N GLY O 16 25.74 33.98 2.36
CA GLY O 16 25.39 33.58 3.70
C GLY O 16 23.90 33.52 3.91
N ALA O 17 23.17 34.50 3.36
CA ALA O 17 21.73 34.56 3.51
C ALA O 17 21.00 33.47 2.73
N ILE O 18 21.61 32.95 1.66
CA ILE O 18 20.95 31.93 0.84
C ILE O 18 20.61 30.70 1.68
N GLY O 19 21.59 30.17 2.39
CA GLY O 19 21.38 28.99 3.20
C GLY O 19 20.48 29.25 4.39
N PRO O 20 20.64 30.42 5.01
CA PRO O 20 19.85 30.72 6.21
C PRO O 20 18.35 30.78 5.95
N GLY O 21 17.92 31.50 4.92
CA GLY O 21 16.51 31.58 4.60
C GLY O 21 15.91 30.25 4.23
N VAL O 22 16.64 29.47 3.44
CA VAL O 22 16.15 28.14 3.05
C VAL O 22 16.02 27.23 4.26
N GLY O 23 17.02 27.22 5.13
CA GLY O 23 16.97 26.41 6.32
C GLY O 23 15.85 26.82 7.25
N ILE O 24 15.65 28.14 7.40
CA ILE O 24 14.57 28.64 8.22
C ILE O 24 13.22 28.23 7.66
N GLY O 25 13.05 28.33 6.33
CA GLY O 25 11.81 27.92 5.73
C GLY O 25 11.55 26.43 5.89
N ILE O 26 12.60 25.62 5.77
CA ILE O 26 12.45 24.18 5.96
C ILE O 26 12.05 23.88 7.39
N ILE O 27 12.69 24.54 8.36
CA ILE O 27 12.36 24.33 9.77
C ILE O 27 10.93 24.76 10.04
N VAL O 28 10.52 25.87 9.45
CA VAL O 28 9.15 26.36 9.61
C VAL O 28 8.15 25.37 9.03
N SER O 29 8.45 24.82 7.85
CA SER O 29 7.57 23.84 7.23
C SER O 29 7.45 22.60 8.10
N GLY O 30 8.57 22.11 8.64
CA GLY O 30 8.52 20.96 9.51
C GLY O 30 7.73 21.22 10.78
N ALA O 31 7.92 22.40 11.38
CA ALA O 31 7.17 22.77 12.57
C ALA O 31 5.68 22.87 12.28
N VAL O 32 5.33 23.44 11.13
CA VAL O 32 3.93 23.57 10.75
C VAL O 32 3.30 22.20 10.56
N GLN O 33 3.99 21.31 9.85
CA GLN O 33 3.48 19.97 9.63
C GLN O 33 3.32 19.23 10.95
N ALA O 34 4.29 19.40 11.86
CA ALA O 34 4.20 18.76 13.16
C ALA O 34 3.03 19.29 13.97
N ILE O 35 2.87 20.61 14.02
CA ILE O 35 1.80 21.21 14.82
C ILE O 35 0.44 20.85 14.26
N GLY O 36 0.27 20.88 12.94
CA GLY O 36 -0.98 20.45 12.35
C GLY O 36 -1.27 18.99 12.56
N ARG O 37 -0.26 18.13 12.44
CA ARG O 37 -0.44 16.72 12.74
C ARG O 37 -0.70 16.51 14.22
N ASN O 38 0.01 17.25 15.08
CA ASN O 38 -0.09 17.02 16.51
C ASN O 38 -0.23 18.34 17.24
N PRO O 39 -1.39 18.66 17.78
CA PRO O 39 -1.50 19.84 18.65
C PRO O 39 -1.04 19.53 20.07
N GLU O 40 -1.13 20.52 20.96
CA GLU O 40 -0.80 20.45 22.39
C GLU O 40 0.69 20.29 22.63
N ILE O 41 1.51 20.16 21.59
CA ILE O 41 2.96 20.19 21.71
C ILE O 41 3.53 21.51 21.21
N GLU O 42 2.67 22.49 20.93
CA GLU O 42 3.10 23.73 20.30
C GLU O 42 4.03 24.53 21.21
N ASN O 43 4.04 24.23 22.51
CA ASN O 43 4.98 24.87 23.41
C ASN O 43 6.40 24.42 23.13
N ARG O 44 6.65 23.11 23.25
CA ARG O 44 7.99 22.59 22.95
C ARG O 44 8.32 22.75 21.47
N VAL O 45 7.30 22.68 20.61
CA VAL O 45 7.52 22.91 19.19
C VAL O 45 7.99 24.34 18.93
N VAL O 46 7.35 25.31 19.59
CA VAL O 46 7.75 26.71 19.42
C VAL O 46 9.13 26.93 20.01
N THR O 47 9.45 26.26 21.12
CA THR O 47 10.79 26.34 21.69
C THR O 47 11.84 25.83 20.71
N TYR O 48 11.58 24.67 20.11
CA TYR O 48 12.51 24.13 19.12
C TYR O 48 12.60 25.02 17.88
N MET O 49 11.47 25.60 17.46
CA MET O 49 11.48 26.50 16.31
C MET O 49 12.32 27.74 16.60
N PHE O 50 12.17 28.29 17.81
CA PHE O 50 13.00 29.44 18.20
C PHE O 50 14.47 29.05 18.27
N ILE O 51 14.77 27.84 18.73
CA ILE O 51 16.15 27.37 18.81
C ILE O 51 16.75 27.28 17.40
N GLY O 52 16.00 26.71 16.46
CA GLY O 52 16.48 26.63 15.10
C GLY O 52 16.62 27.99 14.44
N ILE O 53 15.68 28.90 14.74
CA ILE O 53 15.76 30.25 14.23
C ILE O 53 17.02 30.93 14.74
N ALA O 54 17.34 30.74 16.01
CA ALA O 54 18.58 31.28 16.56
C ALA O 54 19.80 30.65 15.90
N PHE O 55 19.74 29.34 15.63
CA PHE O 55 20.86 28.66 14.99
C PHE O 55 21.12 29.22 13.60
N THR O 56 20.07 29.48 12.82
CA THR O 56 20.26 30.05 11.49
C THR O 56 20.66 31.52 11.57
N GLU O 57 20.04 32.26 12.49
CA GLU O 57 20.35 33.67 12.67
C GLU O 57 21.77 33.88 13.15
N ALA O 58 22.38 32.87 13.77
CA ALA O 58 23.81 32.96 14.11
C ALA O 58 24.64 33.16 12.85
N LEU O 59 24.45 32.30 11.86
CA LEU O 59 25.17 32.47 10.59
C LEU O 59 24.75 33.75 9.87
N ALA O 60 23.46 34.08 9.93
CA ALA O 60 22.99 35.30 9.27
C ALA O 60 23.66 36.54 9.86
N ILE O 61 23.71 36.62 11.19
CA ILE O 61 24.34 37.74 11.86
C ILE O 61 25.85 37.71 11.66
N PHE O 62 26.45 36.53 11.54
CA PHE O 62 27.87 36.45 11.24
C PHE O 62 28.17 37.07 9.89
N GLY O 63 27.34 36.75 8.89
CA GLY O 63 27.51 37.36 7.58
C GLY O 63 27.28 38.86 7.61
N LEU O 64 26.25 39.30 8.37
CA LEU O 64 25.98 40.73 8.48
C LEU O 64 27.15 41.46 9.14
N VAL O 65 27.72 40.87 10.18
CA VAL O 65 28.87 41.47 10.85
C VAL O 65 30.09 41.47 9.94
N ILE O 66 30.26 40.44 9.12
CA ILE O 66 31.35 40.42 8.16
C ILE O 66 31.20 41.57 7.17
N ALA O 67 29.97 41.78 6.69
CA ALA O 67 29.72 42.90 5.79
C ALA O 67 29.97 44.24 6.48
N PHE O 68 29.56 44.37 7.74
CA PHE O 68 29.79 45.61 8.47
C PHE O 68 31.29 45.88 8.66
N LEU O 69 32.05 44.84 8.98
CA LEU O 69 33.49 44.99 9.11
C LEU O 69 34.14 45.31 7.78
N ILE O 70 33.58 44.78 6.68
CA ILE O 70 34.02 45.18 5.34
C ILE O 70 33.77 46.65 5.13
N GLY O 71 32.66 47.17 5.66
CA GLY O 71 32.43 48.60 5.66
C GLY O 71 33.42 49.38 6.49
N PHE O 72 34.13 48.70 7.39
CA PHE O 72 35.16 49.35 8.21
C PHE O 72 36.55 48.99 7.71
N PHE P 23 46.72 23.45 27.96
CA PHE P 23 45.56 23.93 27.20
C PHE P 23 45.97 25.05 26.26
N PHE P 24 47.27 25.31 26.17
CA PHE P 24 47.80 26.37 25.35
C PHE P 24 48.67 25.89 24.20
N LEU P 25 49.68 25.05 24.49
CA LEU P 25 50.62 24.54 23.49
C LEU P 25 51.25 25.69 22.70
N TYR P 26 51.70 26.70 23.44
CA TYR P 26 52.19 27.93 22.83
C TYR P 26 53.41 27.68 21.95
N THR P 27 54.32 26.81 22.39
CA THR P 27 55.53 26.50 21.65
C THR P 27 55.40 25.10 21.06
N GLY P 28 56.43 24.69 20.33
CA GLY P 28 56.47 23.37 19.76
C GLY P 28 56.03 23.32 18.32
N PRO P 29 55.39 24.39 17.84
CA PRO P 29 54.91 24.41 16.46
C PRO P 29 56.01 24.84 15.51
N PRO P 30 56.94 23.93 15.19
CA PRO P 30 58.10 24.31 14.36
C PRO P 30 57.73 24.71 12.94
N HIS P 31 57.10 23.81 12.18
CA HIS P 31 56.87 24.03 10.75
C HIS P 31 55.90 22.96 10.26
N VAL P 32 55.70 22.94 8.94
CA VAL P 32 54.87 21.95 8.27
C VAL P 32 55.61 21.47 7.03
N GLU P 33 55.58 20.16 6.79
CA GLU P 33 56.21 19.59 5.61
C GLU P 33 55.48 18.32 5.23
N VAL P 34 55.39 18.04 3.93
CA VAL P 34 54.68 16.88 3.42
C VAL P 34 55.38 16.37 2.17
N ALA P 35 54.89 15.23 1.68
CA ALA P 35 55.41 14.61 0.46
C ALA P 35 54.38 13.62 -0.06
N ALA P 36 54.57 13.20 -1.31
CA ALA P 36 53.65 12.24 -1.91
C ALA P 36 54.00 10.82 -1.49
N GLU P 37 55.19 10.37 -1.82
CA GLU P 37 55.64 9.03 -1.43
C GLU P 37 57.09 9.12 -0.99
N VAL P 38 57.49 8.20 -0.13
CA VAL P 38 58.82 8.19 0.47
C VAL P 38 59.52 6.88 0.15
N ILE P 39 60.74 6.98 -0.35
CA ILE P 39 61.56 5.82 -0.63
C ILE P 39 62.67 5.74 0.43
N PHE P 40 63.39 4.62 0.43
CA PHE P 40 64.46 4.39 1.38
C PHE P 40 65.69 3.86 0.65
N ASP P 41 66.68 3.44 1.42
CA ASP P 41 67.91 2.88 0.88
C ASP P 41 67.68 1.41 0.52
N GLY P 42 68.76 0.68 0.26
CA GLY P 42 68.65 -0.70 -0.18
C GLY P 42 68.36 -0.87 -1.66
N ILE P 43 68.42 0.22 -2.44
CA ILE P 43 68.17 0.10 -3.88
C ILE P 43 69.19 -0.79 -4.57
N PRO P 44 70.41 -1.00 -4.01
CA PRO P 44 71.46 -1.69 -4.78
C PRO P 44 71.09 -3.09 -5.26
N GLY P 45 70.68 -3.98 -4.36
CA GLY P 45 70.25 -5.30 -4.80
C GLY P 45 69.02 -5.25 -5.68
N PHE P 46 68.04 -4.43 -5.30
CA PHE P 46 66.85 -4.15 -6.08
C PHE P 46 66.23 -2.88 -5.54
N PRO P 47 65.45 -2.14 -6.34
CA PRO P 47 64.89 -0.86 -5.85
C PRO P 47 64.02 -1.02 -4.61
N ILE P 48 64.50 -0.50 -3.49
CA ILE P 48 63.84 -0.67 -2.19
C ILE P 48 63.38 0.70 -1.71
N THR P 49 62.11 0.80 -1.37
CA THR P 49 61.51 2.04 -0.90
C THR P 49 60.98 1.88 0.51
N ASN P 50 60.85 3.01 1.21
CA ASN P 50 60.29 2.99 2.56
C ASN P 50 58.85 2.52 2.57
N SER P 51 58.14 2.69 1.45
CA SER P 51 56.81 2.13 1.33
C SER P 51 56.83 0.61 1.41
N PHE P 52 57.76 -0.02 0.70
CA PHE P 52 57.93 -1.47 0.80
C PHE P 52 58.39 -1.86 2.19
N VAL P 53 59.15 -0.98 2.86
CA VAL P 53 59.59 -1.26 4.23
C VAL P 53 58.39 -1.32 5.17
N VAL P 54 57.50 -0.33 5.08
CA VAL P 54 56.31 -0.34 5.93
C VAL P 54 55.41 -1.51 5.57
N ALA P 55 55.34 -1.86 4.28
CA ALA P 55 54.55 -3.02 3.86
C ALA P 55 55.10 -4.30 4.49
N ILE P 56 56.42 -4.46 4.48
CA ILE P 56 57.04 -5.64 5.08
C ILE P 56 56.82 -5.65 6.59
N ILE P 57 56.88 -4.47 7.22
CA ILE P 57 56.64 -4.40 8.66
C ILE P 57 55.21 -4.82 8.99
N ILE P 58 54.24 -4.33 8.22
CA ILE P 58 52.85 -4.71 8.43
C ILE P 58 52.66 -6.20 8.19
N ASP P 59 53.29 -6.72 7.15
CA ASP P 59 53.19 -8.15 6.86
C ASP P 59 53.78 -8.98 8.00
N ILE P 60 54.90 -8.55 8.56
CA ILE P 60 55.52 -9.25 9.67
C ILE P 60 54.61 -9.22 10.89
N PHE P 61 54.03 -8.06 11.18
CA PHE P 61 53.12 -7.94 12.31
C PHE P 61 51.90 -8.84 12.14
N VAL P 62 51.33 -8.88 10.92
CA VAL P 62 50.17 -9.71 10.66
C VAL P 62 50.52 -11.19 10.77
N ILE P 63 51.70 -11.57 10.26
CA ILE P 63 52.14 -12.95 10.35
C ILE P 63 52.34 -13.36 11.80
N ALA P 64 52.93 -12.47 12.60
CA ALA P 64 53.11 -12.74 14.03
C ALA P 64 51.76 -12.88 14.73
N LEU P 65 50.79 -12.03 14.39
CA LEU P 65 49.46 -12.14 14.97
C LEU P 65 48.81 -13.47 14.60
N ALA P 66 48.93 -13.87 13.33
CA ALA P 66 48.35 -15.14 12.89
C ALA P 66 49.01 -16.32 13.59
N VAL P 67 50.33 -16.28 13.74
CA VAL P 67 51.04 -17.38 14.40
C VAL P 67 50.65 -17.46 15.87
N ALA P 68 50.56 -16.31 16.55
CA ALA P 68 50.15 -16.30 17.94
C ALA P 68 48.73 -16.80 18.11
N ALA P 69 47.82 -16.38 17.20
CA ALA P 69 46.44 -16.83 17.28
C ALA P 69 46.33 -18.32 16.96
N THR P 70 47.26 -18.85 16.17
CA THR P 70 47.26 -20.28 15.88
C THR P 70 47.45 -21.09 17.17
N ARG P 71 48.67 -21.03 17.74
CA ARG P 71 49.02 -21.65 19.01
C ARG P 71 48.46 -23.07 19.14
N ASN P 72 47.60 -23.27 20.14
CA ASN P 72 46.92 -24.56 20.27
C ASN P 72 45.66 -24.62 19.43
N LEU P 73 44.80 -23.59 19.54
CA LEU P 73 43.53 -23.49 18.83
C LEU P 73 42.63 -24.70 19.06
N GLN P 74 42.54 -25.19 20.28
CA GLN P 74 41.72 -26.35 20.60
C GLN P 74 40.34 -25.93 21.08
N MET P 75 39.68 -25.12 20.24
CA MET P 75 38.30 -24.65 20.47
C MET P 75 38.18 -23.92 21.82
N VAL P 76 39.28 -23.34 22.26
CA VAL P 76 39.33 -22.65 23.55
C VAL P 76 38.72 -21.26 23.41
N PRO P 77 37.69 -20.94 24.18
CA PRO P 77 37.13 -19.58 24.12
C PRO P 77 38.10 -18.56 24.71
N ARG P 78 37.92 -17.31 24.26
CA ARG P 78 38.72 -16.15 24.69
C ARG P 78 40.19 -16.42 24.34
N GLY P 79 41.15 -15.99 25.15
CA GLY P 79 42.55 -16.18 24.83
C GLY P 79 43.07 -15.24 23.77
N LEU P 80 42.21 -14.33 23.28
CA LEU P 80 42.51 -13.31 22.28
C LEU P 80 42.71 -13.92 20.89
N GLN P 81 42.75 -15.25 20.82
CA GLN P 81 42.63 -15.92 19.53
C GLN P 81 41.17 -16.00 19.12
N ASN P 82 40.29 -16.18 20.11
CA ASN P 82 38.86 -16.18 19.84
C ASN P 82 38.38 -14.79 19.40
N VAL P 83 39.13 -13.74 19.72
CA VAL P 83 38.79 -12.42 19.21
C VAL P 83 38.95 -12.38 17.69
N MET P 84 40.10 -12.84 17.20
CA MET P 84 40.31 -12.94 15.77
C MET P 84 39.33 -13.92 15.14
N GLU P 85 38.99 -14.98 15.88
CA GLU P 85 37.99 -15.93 15.39
C GLU P 85 36.64 -15.27 15.22
N PHE P 86 36.23 -14.45 16.19
CA PHE P 86 34.96 -13.74 16.09
C PHE P 86 34.99 -12.72 14.96
N ILE P 87 36.12 -12.04 14.76
CA ILE P 87 36.23 -11.11 13.66
C ILE P 87 36.09 -11.83 12.32
N LEU P 88 36.79 -12.96 12.18
CA LEU P 88 36.70 -13.75 10.95
C LEU P 88 35.30 -14.32 10.76
N GLU P 89 34.63 -14.69 11.85
CA GLU P 89 33.27 -15.19 11.76
C GLU P 89 32.31 -14.08 11.31
N SER P 90 32.50 -12.87 11.81
CA SER P 90 31.69 -11.75 11.36
C SER P 90 31.92 -11.47 9.88
N LEU P 91 33.17 -11.53 9.45
CA LEU P 91 33.46 -11.35 8.02
C LEU P 91 32.82 -12.45 7.19
N TYR P 92 32.88 -13.70 7.67
CA TYR P 92 32.28 -14.81 6.95
C TYR P 92 30.77 -14.67 6.88
N ASN P 93 30.15 -14.23 7.97
CA ASN P 93 28.70 -14.02 7.97
C ASN P 93 28.32 -12.89 7.02
N LEU P 94 29.13 -11.82 6.99
CA LEU P 94 28.88 -10.74 6.05
C LEU P 94 28.97 -11.23 4.61
N PHE P 95 29.99 -12.04 4.32
CA PHE P 95 30.13 -12.59 2.98
C PHE P 95 28.97 -13.52 2.64
N ARG P 96 28.55 -14.34 3.60
CA ARG P 96 27.45 -15.28 3.36
C ARG P 96 26.17 -14.54 3.08
N ASN P 97 25.88 -13.48 3.83
CA ASN P 97 24.74 -12.63 3.52
C ASN P 97 24.91 -11.97 2.16
N ILE P 98 26.16 -11.63 1.81
CA ILE P 98 26.42 -11.03 0.50
C ILE P 98 26.19 -12.04 -0.61
N ASN P 99 26.76 -13.24 -0.47
CA ASN P 99 26.67 -14.23 -1.53
C ASN P 99 27.05 -15.60 -0.97
N ALA P 100 26.84 -16.62 -1.78
CA ALA P 100 27.21 -17.99 -1.41
C ALA P 100 27.90 -18.76 -2.52
N LYS P 101 27.91 -18.25 -3.75
CA LYS P 101 28.48 -19.01 -4.87
C LYS P 101 29.96 -19.29 -4.67
N TYR P 102 30.71 -18.29 -4.21
CA TYR P 102 32.14 -18.44 -3.94
C TYR P 102 32.53 -17.72 -2.66
N VAL P 103 31.58 -17.57 -1.73
CA VAL P 103 31.84 -16.86 -0.49
C VAL P 103 32.97 -17.52 0.30
N ALA P 104 32.91 -18.82 0.51
CA ALA P 104 33.99 -19.56 1.16
C ALA P 104 35.23 -19.62 0.28
N THR P 105 35.02 -19.74 -1.04
CA THR P 105 36.15 -19.77 -1.96
C THR P 105 36.93 -18.46 -1.93
N ALA P 106 36.21 -17.34 -1.87
CA ALA P 106 36.85 -16.03 -1.80
C ALA P 106 37.02 -15.55 -0.36
N PHE P 107 36.65 -16.36 0.63
CA PHE P 107 36.82 -15.95 2.02
C PHE P 107 38.27 -15.66 2.36
N PRO P 108 39.23 -16.54 2.06
CA PRO P 108 40.64 -16.15 2.23
C PRO P 108 41.04 -15.00 1.32
N LEU P 109 40.45 -14.92 0.12
CA LEU P 109 40.75 -13.82 -0.77
C LEU P 109 40.30 -12.50 -0.17
N VAL P 110 39.10 -12.48 0.42
CA VAL P 110 38.64 -11.28 1.11
C VAL P 110 39.52 -11.00 2.32
N ALA P 111 39.88 -12.05 3.07
CA ALA P 111 40.73 -11.90 4.24
C ALA P 111 42.09 -11.31 3.89
N THR P 112 42.56 -11.53 2.67
CA THR P 112 43.77 -10.87 2.20
C THR P 112 43.65 -9.36 2.32
N ILE P 113 42.55 -8.80 1.83
CA ILE P 113 42.29 -7.38 2.02
C ILE P 113 41.99 -7.09 3.48
N PHE P 114 41.25 -7.97 4.13
CA PHE P 114 40.79 -7.72 5.49
C PHE P 114 41.96 -7.66 6.46
N LEU P 115 41.97 -6.59 7.27
CA LEU P 115 42.93 -6.32 8.34
C LEU P 115 44.33 -6.02 7.80
N PHE P 116 44.58 -6.19 6.51
CA PHE P 116 45.78 -5.67 5.87
C PHE P 116 45.68 -4.17 5.66
N VAL P 117 44.53 -3.70 5.19
CA VAL P 117 44.29 -2.26 5.13
C VAL P 117 44.18 -1.70 6.54
N LEU P 118 43.60 -2.46 7.47
CA LEU P 118 43.62 -2.05 8.86
C LEU P 118 45.04 -2.06 9.41
N PHE P 119 45.88 -2.97 8.91
CA PHE P 119 47.30 -2.93 9.25
C PHE P 119 47.95 -1.65 8.75
N GLY P 120 47.51 -1.16 7.58
CA GLY P 120 47.94 0.17 7.15
C GLY P 120 47.42 1.26 8.06
N ASN P 121 46.16 1.16 8.47
CA ASN P 121 45.62 2.08 9.47
C ASN P 121 46.35 1.93 10.79
N TRP P 122 46.70 0.70 11.14
CA TRP P 122 47.63 0.48 12.24
C TRP P 122 48.96 1.17 11.92
N PHE P 123 49.56 1.77 12.95
CA PHE P 123 50.75 2.58 12.85
C PHE P 123 50.53 3.83 11.99
N GLY P 124 49.28 4.04 11.55
CA GLY P 124 48.92 5.31 10.96
C GLY P 124 49.00 6.47 11.93
N LEU P 125 48.49 6.29 13.14
CA LEU P 125 48.65 7.25 14.22
C LEU P 125 49.84 6.92 15.11
N LEU P 126 50.85 6.24 14.58
CA LEU P 126 52.01 5.87 15.36
C LEU P 126 52.75 7.11 15.83
N PRO P 127 53.26 7.09 17.07
CA PRO P 127 53.99 8.25 17.58
C PRO P 127 55.30 8.45 16.86
N GLY P 128 55.49 9.66 16.32
CA GLY P 128 56.73 9.98 15.63
C GLY P 128 56.91 9.25 14.31
N VAL P 129 55.82 8.72 13.75
CA VAL P 129 55.92 8.03 12.45
C VAL P 129 56.32 9.02 11.36
N GLY P 130 55.81 10.24 11.42
CA GLY P 130 56.24 11.28 10.53
C GLY P 130 57.69 11.68 10.68
N SER P 131 58.17 11.84 11.91
CA SER P 131 59.56 12.10 12.16
C SER P 131 60.44 10.86 12.05
N ILE P 132 59.83 9.68 11.89
CA ILE P 132 60.61 8.47 11.64
C ILE P 132 61.30 8.61 10.29
N GLY P 133 62.62 8.71 10.31
CA GLY P 133 63.39 9.07 9.15
C GLY P 133 64.05 10.43 9.21
N VAL P 134 63.98 11.10 10.36
CA VAL P 134 64.65 12.39 10.54
C VAL P 134 66.07 12.06 10.98
N CYS P 135 66.93 11.80 9.99
CA CYS P 135 68.32 11.41 10.21
C CYS P 135 68.45 10.20 11.13
N CYS P 173 64.91 16.20 12.97
CA CYS P 173 66.21 16.57 12.43
C CYS P 173 66.07 17.53 11.26
N ALA P 174 65.67 18.76 11.55
CA ALA P 174 65.50 19.79 10.53
C ALA P 174 66.79 20.53 10.21
N ALA P 175 67.90 20.16 10.84
CA ALA P 175 69.16 20.89 10.64
C ALA P 175 69.70 20.66 9.24
N GLN P 176 70.07 19.41 8.92
CA GLN P 176 70.64 19.09 7.62
C GLN P 176 69.59 18.73 6.59
N GLY P 177 68.82 17.67 6.84
CA GLY P 177 67.72 17.30 5.96
C GLY P 177 68.12 16.91 4.55
N LYS P 178 69.41 16.72 4.32
CA LYS P 178 69.89 16.40 2.97
C LYS P 178 69.42 15.02 2.55
N LYS P 179 69.50 14.04 3.45
CA LYS P 179 69.02 12.69 3.20
C LYS P 179 68.10 12.23 4.33
N LEU P 180 67.64 13.18 5.16
CA LEU P 180 66.75 12.88 6.28
C LEU P 180 65.29 12.87 5.83
N VAL P 181 65.03 12.10 4.77
CA VAL P 181 63.66 11.93 4.30
C VAL P 181 62.90 11.05 5.28
N PRO P 182 61.64 11.34 5.58
CA PRO P 182 60.91 10.50 6.54
C PRO P 182 60.72 9.09 6.00
N LEU P 183 61.45 8.15 6.60
CA LEU P 183 61.46 6.77 6.12
C LEU P 183 60.44 5.92 6.88
N PHE P 184 59.17 6.33 6.85
CA PHE P 184 58.12 5.46 7.39
C PHE P 184 57.26 4.96 6.23
N ARG P 185 56.63 5.89 5.51
CA ARG P 185 55.95 5.63 4.24
C ARG P 185 54.98 4.44 4.32
N ALA P 186 53.91 4.58 5.09
CA ALA P 186 52.90 3.54 5.28
C ALA P 186 52.47 2.91 3.96
N PRO P 187 52.10 1.61 3.96
CA PRO P 187 51.60 0.98 2.72
C PRO P 187 50.35 1.67 2.20
N ALA P 188 49.57 2.24 3.13
CA ALA P 188 48.48 3.10 2.73
C ALA P 188 48.98 4.33 1.99
N ALA P 189 50.12 4.88 2.42
CA ALA P 189 50.76 5.98 1.69
C ALA P 189 51.60 5.43 0.54
N ASP P 190 51.00 4.56 -0.25
CA ASP P 190 51.64 3.99 -1.42
C ASP P 190 50.54 3.57 -2.39
N LEU P 191 50.28 4.42 -3.40
CA LEU P 191 49.28 4.08 -4.40
C LEU P 191 49.68 2.85 -5.20
N ASN P 192 50.98 2.59 -5.30
CA ASN P 192 51.44 1.37 -5.96
C ASN P 192 50.90 0.14 -5.26
N PHE P 193 50.93 0.12 -3.93
CA PHE P 193 50.28 -0.95 -3.18
C PHE P 193 48.78 -0.94 -3.41
N THR P 194 48.16 0.25 -3.37
CA THR P 194 46.73 0.35 -3.58
C THR P 194 46.34 -0.07 -4.99
N PHE P 195 47.05 0.44 -6.00
CA PHE P 195 46.76 0.07 -7.37
C PHE P 195 46.99 -1.42 -7.59
N ALA P 196 48.04 -1.96 -6.98
CA ALA P 196 48.31 -3.39 -7.11
C ALA P 196 47.19 -4.23 -6.50
N ILE P 197 46.73 -3.86 -5.30
CA ILE P 197 45.66 -4.61 -4.67
C ILE P 197 44.39 -4.52 -5.48
N ALA P 198 44.08 -3.32 -6.00
CA ALA P 198 42.89 -3.15 -6.81
C ALA P 198 42.97 -3.95 -8.10
N VAL P 199 44.15 -3.99 -8.73
CA VAL P 199 44.31 -4.76 -9.95
C VAL P 199 44.17 -6.24 -9.66
N ILE P 200 44.71 -6.70 -8.53
CA ILE P 200 44.56 -8.09 -8.14
C ILE P 200 43.10 -8.43 -7.92
N SER P 201 42.37 -7.54 -7.26
CA SER P 201 40.94 -7.77 -7.03
C SER P 201 40.18 -7.81 -8.35
N PHE P 202 40.49 -6.89 -9.27
CA PHE P 202 39.83 -6.88 -10.57
C PHE P 202 40.13 -8.14 -11.36
N VAL P 203 41.37 -8.61 -11.30
CA VAL P 203 41.74 -9.84 -12.00
C VAL P 203 41.01 -11.03 -11.41
N PHE P 204 40.93 -11.09 -10.08
CA PHE P 204 40.22 -12.20 -9.43
C PHE P 204 38.74 -12.18 -9.79
N ILE P 205 38.13 -10.99 -9.81
CA ILE P 205 36.72 -10.86 -10.15
C ILE P 205 36.49 -11.28 -11.60
N GLU P 206 37.36 -10.84 -12.51
CA GLU P 206 37.22 -11.21 -13.91
C GLU P 206 37.38 -12.71 -14.11
N TYR P 207 38.36 -13.32 -13.42
CA TYR P 207 38.57 -14.76 -13.53
C TYR P 207 37.37 -15.52 -12.97
N TRP P 208 36.82 -15.07 -11.85
CA TRP P 208 35.65 -15.74 -11.29
C TRP P 208 34.44 -15.62 -12.21
N GLY P 209 34.26 -14.45 -12.82
CA GLY P 209 33.16 -14.28 -13.75
C GLY P 209 33.33 -15.12 -15.01
N PHE P 210 34.55 -15.21 -15.51
CA PHE P 210 34.83 -16.07 -16.66
C PHE P 210 34.60 -17.53 -16.32
N ARG P 211 35.01 -17.97 -15.13
CA ARG P 211 34.73 -19.33 -14.68
C ARG P 211 33.24 -19.58 -14.57
N ALA P 212 32.49 -18.59 -14.08
CA ALA P 212 31.03 -18.67 -14.09
C ALA P 212 30.49 -18.78 -15.50
N LEU P 213 30.76 -17.76 -16.32
CA LEU P 213 30.40 -17.76 -17.73
C LEU P 213 31.31 -16.76 -18.47
N GLY P 214 32.34 -17.28 -19.13
CA GLY P 214 33.21 -16.47 -19.94
C GLY P 214 32.44 -15.86 -21.10
N PRO P 215 31.67 -16.69 -21.81
CA PRO P 215 30.72 -16.15 -22.78
C PRO P 215 29.70 -15.22 -22.13
N GLY P 216 29.27 -15.54 -20.91
CA GLY P 216 28.40 -14.61 -20.20
C GLY P 216 29.10 -13.33 -19.82
N TYR P 217 30.38 -13.42 -19.47
CA TYR P 217 31.17 -12.22 -19.18
C TYR P 217 31.27 -11.33 -20.41
N LEU P 218 31.49 -11.94 -21.57
CA LEU P 218 31.52 -11.18 -22.82
C LEU P 218 30.15 -10.57 -23.12
N LYS P 219 29.09 -11.35 -22.93
CA LYS P 219 27.73 -10.86 -23.17
C LYS P 219 27.30 -9.82 -22.15
N LYS P 220 28.02 -9.68 -21.04
CA LYS P 220 27.70 -8.62 -20.09
C LYS P 220 27.93 -7.24 -20.71
N PHE P 221 28.96 -7.10 -21.54
CA PHE P 221 29.30 -5.82 -22.14
C PHE P 221 29.12 -5.82 -23.66
N PHE P 222 29.76 -6.75 -24.37
CA PHE P 222 29.69 -6.74 -25.83
C PHE P 222 28.28 -7.06 -26.31
N ASN P 223 27.70 -8.14 -25.79
CA ASN P 223 26.33 -8.51 -26.14
C ASN P 223 25.33 -8.13 -25.04
N THR P 224 25.54 -7.00 -24.38
CA THR P 224 24.64 -6.54 -23.31
C THR P 224 23.22 -6.40 -23.83
N ASN P 225 23.06 -5.69 -24.95
CA ASN P 225 21.79 -5.62 -25.66
C ASN P 225 22.10 -5.32 -27.13
N GLY P 226 22.13 -6.37 -27.95
CA GLY P 226 22.22 -6.17 -29.38
C GLY P 226 21.00 -5.46 -29.93
N ILE P 227 19.84 -5.76 -29.37
CA ILE P 227 18.59 -5.05 -29.79
C ILE P 227 18.39 -3.86 -28.85
N MET P 228 17.60 -2.87 -29.26
CA MET P 228 17.32 -1.68 -28.42
C MET P 228 18.65 -1.03 -28.00
N SER P 229 18.80 -0.72 -26.71
CA SER P 229 20.03 -0.06 -26.21
C SER P 229 20.76 -0.98 -25.22
N PHE P 230 22.09 -0.96 -25.22
CA PHE P 230 22.88 -1.83 -24.32
C PHE P 230 23.73 -1.00 -23.37
N VAL P 231 23.53 -1.17 -22.05
CA VAL P 231 24.39 -0.45 -21.07
C VAL P 231 25.80 -1.06 -21.14
N GLY P 232 25.99 -2.08 -21.99
CA GLY P 232 27.30 -2.75 -22.10
C GLY P 232 28.37 -1.80 -22.60
N ILE P 233 29.65 -2.16 -22.44
CA ILE P 233 30.77 -1.27 -22.85
C ILE P 233 30.83 -0.08 -21.90
N ILE P 234 29.75 0.71 -21.86
CA ILE P 234 29.68 1.85 -20.89
C ILE P 234 29.76 1.26 -19.48
N GLU P 235 28.97 0.21 -19.21
CA GLU P 235 29.03 -0.47 -17.89
C GLU P 235 30.42 -1.09 -17.75
N PHE P 236 30.92 -1.75 -18.80
CA PHE P 236 32.27 -2.32 -18.75
C PHE P 236 33.29 -1.25 -18.39
N ILE P 237 33.15 -0.05 -18.94
CA ILE P 237 34.05 1.04 -18.60
C ILE P 237 33.89 1.42 -17.14
N SER P 238 32.66 1.41 -16.64
CA SER P 238 32.42 1.69 -15.23
C SER P 238 33.09 0.65 -14.35
N GLU P 239 33.00 -0.62 -14.74
CA GLU P 239 33.65 -1.68 -13.97
C GLU P 239 35.17 -1.53 -14.00
N LEU P 240 35.72 -1.17 -15.16
CA LEU P 240 37.16 -0.96 -15.28
C LEU P 240 37.60 0.19 -14.39
N VAL P 241 36.84 1.28 -14.38
CA VAL P 241 37.14 2.40 -13.50
C VAL P 241 37.01 1.99 -12.04
N LYS P 242 36.06 1.10 -11.76
CA LYS P 242 35.83 0.65 -10.38
C LYS P 242 37.08 0.09 -9.73
N PRO P 243 37.92 -0.69 -10.42
CA PRO P 243 39.22 -1.01 -9.83
C PRO P 243 40.05 0.24 -9.57
N PHE P 244 40.16 1.11 -10.56
CA PHE P 244 40.89 2.36 -10.38
C PHE P 244 40.22 3.25 -9.33
N ALA P 245 38.89 3.26 -9.31
CA ALA P 245 38.18 4.04 -8.31
C ALA P 245 38.45 3.53 -6.91
N LEU P 246 38.44 2.20 -6.73
CA LEU P 246 38.74 1.64 -5.42
C LEU P 246 40.18 1.93 -5.02
N ALA P 247 41.11 1.84 -5.98
CA ALA P 247 42.50 2.18 -5.69
C ALA P 247 42.64 3.62 -5.25
N PHE P 248 41.98 4.53 -5.95
CA PHE P 248 42.01 5.94 -5.57
C PHE P 248 41.35 6.16 -4.22
N ARG P 249 40.31 5.40 -3.90
CA ARG P 249 39.66 5.52 -2.61
C ARG P 249 40.63 5.18 -1.48
N LEU P 250 41.35 4.07 -1.64
CA LEU P 250 42.33 3.64 -0.61
C LEU P 250 43.54 4.57 -0.65
N PHE P 251 44.03 4.89 -1.85
CA PHE P 251 45.21 5.79 -2.00
C PHE P 251 44.88 7.12 -1.33
N GLY P 252 43.71 7.70 -1.62
CA GLY P 252 43.30 8.95 -0.97
C GLY P 252 43.12 8.76 0.52
N ASN P 253 42.54 7.63 0.92
CA ASN P 253 42.33 7.33 2.37
C ASN P 253 43.69 7.21 3.05
N ILE P 254 43.75 7.53 4.35
CA ILE P 254 45.02 7.43 5.14
C ILE P 254 45.97 8.55 4.69
N PHE P 255 46.25 8.63 3.37
CA PHE P 255 47.12 9.72 2.85
C PHE P 255 46.52 11.07 3.25
N ALA P 256 45.21 11.24 3.04
CA ALA P 256 44.53 12.49 3.47
C ALA P 256 44.61 12.58 4.99
N GLY P 257 44.37 11.46 5.69
CA GLY P 257 44.47 11.44 7.16
C GLY P 257 45.84 11.90 7.61
N GLU P 258 46.90 11.35 7.01
CA GLU P 258 48.26 11.77 7.35
C GLU P 258 48.43 13.27 7.17
N VAL P 259 47.85 13.82 6.10
CA VAL P 259 47.91 15.26 5.88
C VAL P 259 47.21 16.00 7.01
N LEU P 260 46.06 15.49 7.44
CA LEU P 260 45.34 16.12 8.56
C LEU P 260 46.15 16.03 9.84
N LEU P 261 46.82 14.90 10.06
CA LEU P 261 47.69 14.77 11.22
C LEU P 261 48.82 15.80 11.20
N VAL P 262 49.42 15.99 10.02
CA VAL P 262 50.47 16.99 9.89
C VAL P 262 49.91 18.39 10.12
N VAL P 263 48.72 18.66 9.59
CA VAL P 263 48.08 19.97 9.69
C VAL P 263 47.76 20.32 11.14
N MET P 264 47.19 19.36 11.88
CA MET P 264 46.98 19.57 13.30
C MET P 264 48.31 19.79 14.01
N ALA P 265 49.33 19.02 13.64
CA ALA P 265 50.69 19.29 14.09
C ALA P 265 51.22 20.63 13.59
N PHE P 266 50.85 21.02 12.36
CA PHE P 266 51.28 22.32 11.85
C PHE P 266 50.70 23.47 12.67
N LEU P 267 49.50 23.28 13.23
CA LEU P 267 48.83 24.32 13.98
C LEU P 267 48.37 23.78 15.33
N VAL P 268 49.26 23.85 16.31
CA VAL P 268 48.94 23.61 17.72
C VAL P 268 48.35 22.22 17.93
N PRO P 269 49.14 21.15 17.83
CA PRO P 269 48.61 19.79 18.05
C PRO P 269 48.27 19.52 19.52
N LEU P 270 47.15 20.10 19.97
CA LEU P 270 46.69 19.89 21.34
C LEU P 270 45.33 19.22 21.28
N LEU P 271 45.32 17.90 21.18
CA LEU P 271 44.14 17.05 21.24
C LEU P 271 43.20 17.24 20.06
N LEU P 272 43.45 18.24 19.23
CA LEU P 272 42.80 18.34 17.93
C LEU P 272 43.30 17.17 17.11
N PRO P 273 44.62 16.93 17.12
CA PRO P 273 45.15 15.71 16.50
C PRO P 273 44.60 14.45 17.14
N LEU P 274 44.26 14.46 18.44
CA LEU P 274 43.62 13.29 19.03
C LEU P 274 42.26 13.03 18.42
N PRO P 275 41.36 14.01 18.34
CA PRO P 275 40.02 13.72 17.77
C PRO P 275 40.07 13.43 16.28
N PHE P 276 40.84 14.21 15.52
CA PHE P 276 40.99 13.94 14.10
C PHE P 276 41.65 12.57 13.87
N TYR P 277 42.60 12.22 14.73
CA TYR P 277 43.26 10.92 14.61
C TYR P 277 42.30 9.77 14.92
N GLY P 278 41.44 9.94 15.92
CA GLY P 278 40.44 8.92 16.19
C GLY P 278 39.46 8.76 15.04
N PHE P 279 39.01 9.89 14.50
CA PHE P 279 38.16 9.86 13.31
C PHE P 279 38.87 9.17 12.15
N GLU P 280 40.16 9.44 11.99
CA GLU P 280 40.93 8.83 10.91
C GLU P 280 41.09 7.33 11.12
N VAL P 281 41.27 6.89 12.36
CA VAL P 281 41.39 5.45 12.63
C VAL P 281 40.08 4.75 12.35
N PHE P 282 38.96 5.35 12.79
CA PHE P 282 37.65 4.80 12.47
C PHE P 282 37.44 4.77 10.96
N VAL P 283 37.87 5.82 10.27
CA VAL P 283 37.73 5.88 8.83
C VAL P 283 38.60 4.83 8.15
N GLY P 284 39.78 4.55 8.72
CA GLY P 284 40.63 3.52 8.17
C GLY P 284 40.02 2.14 8.31
N PHE P 285 39.44 1.84 9.48
CA PHE P 285 38.72 0.59 9.64
C PHE P 285 37.55 0.51 8.67
N ILE P 286 36.83 1.62 8.52
CA ILE P 286 35.71 1.68 7.59
C ILE P 286 36.19 1.47 6.16
N GLN P 287 37.35 2.03 5.82
CA GLN P 287 37.86 1.90 4.46
C GLN P 287 38.34 0.50 4.17
N ALA P 288 38.93 -0.16 5.17
CA ALA P 288 39.27 -1.57 5.02
C ALA P 288 38.02 -2.41 4.76
N LEU P 289 37.00 -2.22 5.60
CA LEU P 289 35.74 -2.91 5.39
C LEU P 289 35.13 -2.55 4.05
N ILE P 290 35.33 -1.31 3.61
CA ILE P 290 34.73 -0.84 2.36
C ILE P 290 35.40 -1.50 1.17
N PHE P 291 36.73 -1.59 1.17
CA PHE P 291 37.42 -2.29 0.11
C PHE P 291 37.03 -3.76 0.07
N ALA P 292 36.95 -4.40 1.24
CA ALA P 292 36.53 -5.79 1.29
C ALA P 292 35.11 -5.95 0.75
N LEU P 293 34.21 -5.05 1.14
CA LEU P 293 32.83 -5.10 0.67
C LEU P 293 32.74 -4.83 -0.82
N LEU P 294 33.54 -3.90 -1.35
CA LEU P 294 33.52 -3.62 -2.77
C LEU P 294 34.00 -4.83 -3.57
N THR P 295 34.99 -5.55 -3.05
CA THR P 295 35.42 -6.78 -3.70
C THR P 295 34.27 -7.77 -3.80
N TYR P 296 33.58 -8.01 -2.69
CA TYR P 296 32.47 -8.96 -2.68
C TYR P 296 31.31 -8.44 -3.53
N ALA P 297 31.15 -7.12 -3.62
CA ALA P 297 30.08 -6.55 -4.42
C ALA P 297 30.35 -6.76 -5.90
N PHE P 298 31.59 -6.52 -6.33
CA PHE P 298 31.96 -6.84 -7.71
C PHE P 298 31.81 -8.32 -8.00
N LEU P 299 32.16 -9.16 -7.01
CA LEU P 299 31.98 -10.60 -7.17
C LEU P 299 30.51 -10.96 -7.36
N ASN P 300 29.63 -10.37 -6.56
CA ASN P 300 28.20 -10.63 -6.69
C ASN P 300 27.66 -10.13 -8.01
N ILE P 301 28.12 -8.95 -8.45
CA ILE P 301 27.68 -8.40 -9.72
C ILE P 301 28.08 -9.32 -10.87
N ALA P 302 29.32 -9.84 -10.82
CA ALA P 302 29.73 -10.82 -11.81
C ALA P 302 28.90 -12.09 -11.71
N VAL P 303 28.57 -12.52 -10.49
CA VAL P 303 27.70 -13.67 -10.30
C VAL P 303 26.30 -13.36 -10.80
N THR P 304 25.85 -12.11 -10.61
CA THR P 304 24.54 -11.70 -11.06
C THR P 304 24.48 -11.67 -12.59
#